data_1Y43
# 
_entry.id   1Y43 
# 
_audit_conform.dict_name       mmcif_pdbx.dic 
_audit_conform.dict_version    5.399 
_audit_conform.dict_location   http://mmcif.pdb.org/dictionaries/ascii/mmcif_pdbx.dic 
# 
loop_
_database_2.database_id 
_database_2.database_code 
_database_2.pdbx_database_accession 
_database_2.pdbx_DOI 
PDB   1Y43         pdb_00001y43 10.2210/pdb1y43/pdb 
RCSB  RCSB031090   ?            ?                   
WWPDB D_1000031090 ?            ?                   
# 
loop_
_pdbx_audit_revision_history.ordinal 
_pdbx_audit_revision_history.data_content_type 
_pdbx_audit_revision_history.major_revision 
_pdbx_audit_revision_history.minor_revision 
_pdbx_audit_revision_history.revision_date 
1 'Structure model' 1 0 2005-12-13 
2 'Structure model' 1 1 2008-04-30 
3 'Structure model' 1 2 2011-07-13 
4 'Structure model' 1 3 2013-02-27 
5 'Structure model' 1 4 2024-11-20 
# 
_pdbx_audit_revision_details.ordinal             1 
_pdbx_audit_revision_details.revision_ordinal    1 
_pdbx_audit_revision_details.data_content_type   'Structure model' 
_pdbx_audit_revision_details.provider            repository 
_pdbx_audit_revision_details.type                'Initial release' 
_pdbx_audit_revision_details.description         ? 
_pdbx_audit_revision_details.details             ? 
# 
loop_
_pdbx_audit_revision_group.ordinal 
_pdbx_audit_revision_group.revision_ordinal 
_pdbx_audit_revision_group.data_content_type 
_pdbx_audit_revision_group.group 
1 2 'Structure model' 'Version format compliance' 
2 3 'Structure model' 'Version format compliance' 
3 4 'Structure model' 'Database references'       
4 5 'Structure model' 'Data collection'           
5 5 'Structure model' 'Database references'       
6 5 'Structure model' 'Derived calculations'      
7 5 'Structure model' 'Structure summary'         
# 
loop_
_pdbx_audit_revision_category.ordinal 
_pdbx_audit_revision_category.revision_ordinal 
_pdbx_audit_revision_category.data_content_type 
_pdbx_audit_revision_category.category 
1 5 'Structure model' chem_comp_atom            
2 5 'Structure model' chem_comp_bond            
3 5 'Structure model' database_2                
4 5 'Structure model' pdbx_entry_details        
5 5 'Structure model' pdbx_modification_feature 
6 5 'Structure model' struct_site               
# 
loop_
_pdbx_audit_revision_item.ordinal 
_pdbx_audit_revision_item.revision_ordinal 
_pdbx_audit_revision_item.data_content_type 
_pdbx_audit_revision_item.item 
1 5 'Structure model' '_database_2.pdbx_DOI'                
2 5 'Structure model' '_database_2.pdbx_database_accession' 
3 5 'Structure model' '_struct_site.pdbx_auth_asym_id'      
4 5 'Structure model' '_struct_site.pdbx_auth_comp_id'      
5 5 'Structure model' '_struct_site.pdbx_auth_seq_id'       
# 
_pdbx_database_status.status_code                     REL 
_pdbx_database_status.entry_id                        1Y43 
_pdbx_database_status.recvd_initial_deposition_date   2004-11-30 
_pdbx_database_status.deposit_site                    RCSB 
_pdbx_database_status.process_site                    PDBJ 
_pdbx_database_status.status_code_sf                  ? 
_pdbx_database_status.status_code_mr                  ? 
_pdbx_database_status.SG_entry                        ? 
_pdbx_database_status.status_code_cs                  ? 
_pdbx_database_status.pdb_format_compatible           Y 
_pdbx_database_status.status_code_nmr_data            ? 
_pdbx_database_status.methods_development_category    ? 
# 
loop_
_audit_author.name 
_audit_author.pdbx_ordinal 
'Sasaki, H.'    1 
'Nakagawa, A.'  2 
'Iwata, S.'     3 
'Muramatsu, T.' 4 
'Suganuma, M.'  5 
'Sawano, Y.'    6 
'Kojima, M.'    7 
'Kubota, K.'    8 
'Takahashi, K.' 9 
# 
_citation.id                        primary 
_citation.title                     'The three-dimensional structure of aspergilloglutamic peptidase from Aspergillus niger' 
_citation.journal_abbrev            Proc.Jpn.Acad.,Ser.B 
_citation.journal_volume            80 
_citation.page_first                435 
_citation.page_last                 438 
_citation.year                      2004 
_citation.journal_id_ASTM           PJABDW 
_citation.country                   JA 
_citation.journal_id_ISSN           0386-2208 
_citation.journal_id_CSD            0535 
_citation.book_publisher            ? 
_citation.pdbx_database_id_PubMed   ? 
_citation.pdbx_database_id_DOI      ? 
# 
loop_
_citation_author.citation_id 
_citation_author.name 
_citation_author.ordinal 
_citation_author.identifier_ORCID 
primary 'Sasaki, H.'    1 ? 
primary 'Nakagawa, A.'  2 ? 
primary 'Muramatsu, T.' 3 ? 
primary 'Suganuma, M.'  4 ? 
primary 'Sawano, Y.'    5 ? 
primary 'Kojima, M.'    6 ? 
primary 'Kubota, K.'    7 ? 
primary 'Takahashi, K.' 8 ? 
primary 'Tanokura, M.'  9 ? 
# 
loop_
_entity.id 
_entity.type 
_entity.src_method 
_entity.pdbx_description 
_entity.formula_weight 
_entity.pdbx_number_of_molecules 
_entity.pdbx_ec 
_entity.pdbx_mutation 
_entity.pdbx_fragment 
_entity.details 
1 polymer     nat 'Aspergillopepsin II light chain' 3919.114  1   3.4.23.19 ? ? ? 
2 polymer     nat 'Aspergillopepsin II heavy chain' 18372.299 1   3.4.23.19 ? ? ? 
3 non-polymer syn 'SULFATE ION'                     96.063    5   ?         ? ? ? 
4 water       nat water                             18.015    128 ?         ? ? ? 
# 
loop_
_entity_name_com.entity_id 
_entity_name_com.name 
1 'Acid protease A, Proctase A' 
2 'Acid protease A, Proctase A' 
# 
loop_
_entity_poly.entity_id 
_entity_poly.type 
_entity_poly.nstd_linkage 
_entity_poly.nstd_monomer 
_entity_poly.pdbx_seq_one_letter_code 
_entity_poly.pdbx_seq_one_letter_code_can 
_entity_poly.pdbx_strand_id 
_entity_poly.pdbx_target_identifier 
1 'polypeptide(L)' no no EEYSSNWAGAVLIGDGYTKVTGEFTVPSVSAGSSGSSGY EEYSSNWAGAVLIGDGYTKVTGEFTVPSVSAGSSGSSGY A ? 
2 'polypeptide(L)' no no 
;QSEEYCASAWVGIDGDTCETAILQTGVDFCYEDGQTSYDAWYEWYPDYAYDFSDITISEGDSIKVTVEATSKSSGSATVE
NLTTGQSVTHTFSGNVEGDLCETNAEWIVEDFESGDSLVAFADFGSVTFTNAEATSGGSTVGPSDATVMDIEQDGSVLTE
TSVSGDSVTVTYV
;
;QSEEYCASAWVGIDGDTCETAILQTGVDFCYEDGQTSYDAWYEWYPDYAYDFSDITISEGDSIKVTVEATSKSSGSATVE
NLTTGQSVTHTFSGNVEGDLCETNAEWIVEDFESGDSLVAFADFGSVTFTNAEATSGGSTVGPSDATVMDIEQDGSVLTE
TSVSGDSVTVTYV
;
B ? 
# 
loop_
_pdbx_entity_nonpoly.entity_id 
_pdbx_entity_nonpoly.name 
_pdbx_entity_nonpoly.comp_id 
3 'SULFATE ION' SO4 
4 water         HOH 
# 
loop_
_entity_poly_seq.entity_id 
_entity_poly_seq.num 
_entity_poly_seq.mon_id 
_entity_poly_seq.hetero 
1 1   GLU n 
1 2   GLU n 
1 3   TYR n 
1 4   SER n 
1 5   SER n 
1 6   ASN n 
1 7   TRP n 
1 8   ALA n 
1 9   GLY n 
1 10  ALA n 
1 11  VAL n 
1 12  LEU n 
1 13  ILE n 
1 14  GLY n 
1 15  ASP n 
1 16  GLY n 
1 17  TYR n 
1 18  THR n 
1 19  LYS n 
1 20  VAL n 
1 21  THR n 
1 22  GLY n 
1 23  GLU n 
1 24  PHE n 
1 25  THR n 
1 26  VAL n 
1 27  PRO n 
1 28  SER n 
1 29  VAL n 
1 30  SER n 
1 31  ALA n 
1 32  GLY n 
1 33  SER n 
1 34  SER n 
1 35  GLY n 
1 36  SER n 
1 37  SER n 
1 38  GLY n 
1 39  TYR n 
2 1   GLN n 
2 2   SER n 
2 3   GLU n 
2 4   GLU n 
2 5   TYR n 
2 6   CYS n 
2 7   ALA n 
2 8   SER n 
2 9   ALA n 
2 10  TRP n 
2 11  VAL n 
2 12  GLY n 
2 13  ILE n 
2 14  ASP n 
2 15  GLY n 
2 16  ASP n 
2 17  THR n 
2 18  CYS n 
2 19  GLU n 
2 20  THR n 
2 21  ALA n 
2 22  ILE n 
2 23  LEU n 
2 24  GLN n 
2 25  THR n 
2 26  GLY n 
2 27  VAL n 
2 28  ASP n 
2 29  PHE n 
2 30  CYS n 
2 31  TYR n 
2 32  GLU n 
2 33  ASP n 
2 34  GLY n 
2 35  GLN n 
2 36  THR n 
2 37  SER n 
2 38  TYR n 
2 39  ASP n 
2 40  ALA n 
2 41  TRP n 
2 42  TYR n 
2 43  GLU n 
2 44  TRP n 
2 45  TYR n 
2 46  PRO n 
2 47  ASP n 
2 48  TYR n 
2 49  ALA n 
2 50  TYR n 
2 51  ASP n 
2 52  PHE n 
2 53  SER n 
2 54  ASP n 
2 55  ILE n 
2 56  THR n 
2 57  ILE n 
2 58  SER n 
2 59  GLU n 
2 60  GLY n 
2 61  ASP n 
2 62  SER n 
2 63  ILE n 
2 64  LYS n 
2 65  VAL n 
2 66  THR n 
2 67  VAL n 
2 68  GLU n 
2 69  ALA n 
2 70  THR n 
2 71  SER n 
2 72  LYS n 
2 73  SER n 
2 74  SER n 
2 75  GLY n 
2 76  SER n 
2 77  ALA n 
2 78  THR n 
2 79  VAL n 
2 80  GLU n 
2 81  ASN n 
2 82  LEU n 
2 83  THR n 
2 84  THR n 
2 85  GLY n 
2 86  GLN n 
2 87  SER n 
2 88  VAL n 
2 89  THR n 
2 90  HIS n 
2 91  THR n 
2 92  PHE n 
2 93  SER n 
2 94  GLY n 
2 95  ASN n 
2 96  VAL n 
2 97  GLU n 
2 98  GLY n 
2 99  ASP n 
2 100 LEU n 
2 101 CYS n 
2 102 GLU n 
2 103 THR n 
2 104 ASN n 
2 105 ALA n 
2 106 GLU n 
2 107 TRP n 
2 108 ILE n 
2 109 VAL n 
2 110 GLU n 
2 111 ASP n 
2 112 PHE n 
2 113 GLU n 
2 114 SER n 
2 115 GLY n 
2 116 ASP n 
2 117 SER n 
2 118 LEU n 
2 119 VAL n 
2 120 ALA n 
2 121 PHE n 
2 122 ALA n 
2 123 ASP n 
2 124 PHE n 
2 125 GLY n 
2 126 SER n 
2 127 VAL n 
2 128 THR n 
2 129 PHE n 
2 130 THR n 
2 131 ASN n 
2 132 ALA n 
2 133 GLU n 
2 134 ALA n 
2 135 THR n 
2 136 SER n 
2 137 GLY n 
2 138 GLY n 
2 139 SER n 
2 140 THR n 
2 141 VAL n 
2 142 GLY n 
2 143 PRO n 
2 144 SER n 
2 145 ASP n 
2 146 ALA n 
2 147 THR n 
2 148 VAL n 
2 149 MET n 
2 150 ASP n 
2 151 ILE n 
2 152 GLU n 
2 153 GLN n 
2 154 ASP n 
2 155 GLY n 
2 156 SER n 
2 157 VAL n 
2 158 LEU n 
2 159 THR n 
2 160 GLU n 
2 161 THR n 
2 162 SER n 
2 163 VAL n 
2 164 SER n 
2 165 GLY n 
2 166 ASP n 
2 167 SER n 
2 168 VAL n 
2 169 THR n 
2 170 VAL n 
2 171 THR n 
2 172 TYR n 
2 173 VAL n 
# 
loop_
_entity_src_nat.entity_id 
_entity_src_nat.pdbx_src_id 
_entity_src_nat.pdbx_alt_source_flag 
_entity_src_nat.pdbx_beg_seq_num 
_entity_src_nat.pdbx_end_seq_num 
_entity_src_nat.common_name 
_entity_src_nat.pdbx_organism_scientific 
_entity_src_nat.pdbx_ncbi_taxonomy_id 
_entity_src_nat.genus 
_entity_src_nat.species 
_entity_src_nat.strain 
_entity_src_nat.tissue 
_entity_src_nat.tissue_fraction 
_entity_src_nat.pdbx_secretion 
_entity_src_nat.pdbx_fragment 
_entity_src_nat.pdbx_variant 
_entity_src_nat.pdbx_cell_line 
_entity_src_nat.pdbx_atcc 
_entity_src_nat.pdbx_cellular_location 
_entity_src_nat.pdbx_organ 
_entity_src_nat.pdbx_organelle 
_entity_src_nat.pdbx_cell 
_entity_src_nat.pdbx_plasmid_name 
_entity_src_nat.pdbx_plasmid_details 
_entity_src_nat.details 
1 1 sample ? ? ? 'Aspergillus niger var. macrosporus' 29838 Aspergillus 'Aspergillus niger' 'Var. Macrosporus' ? ? ? ? ? ? ? ? ? ? 
? ? ? ? 
2 1 sample ? ? ? 'Aspergillus niger var. macrosporus' 29838 Aspergillus 'Aspergillus niger' 'Var. Macrosporus' ? ? ? ? ? ? ? ? ? ? 
? ? ? ? 
# 
loop_
_chem_comp.id 
_chem_comp.type 
_chem_comp.mon_nstd_flag 
_chem_comp.name 
_chem_comp.pdbx_synonyms 
_chem_comp.formula 
_chem_comp.formula_weight 
ALA 'L-peptide linking' y ALANINE         ? 'C3 H7 N O2'     89.093  
ASN 'L-peptide linking' y ASPARAGINE      ? 'C4 H8 N2 O3'    132.118 
ASP 'L-peptide linking' y 'ASPARTIC ACID' ? 'C4 H7 N O4'     133.103 
CYS 'L-peptide linking' y CYSTEINE        ? 'C3 H7 N O2 S'   121.158 
GLN 'L-peptide linking' y GLUTAMINE       ? 'C5 H10 N2 O3'   146.144 
GLU 'L-peptide linking' y 'GLUTAMIC ACID' ? 'C5 H9 N O4'     147.129 
GLY 'peptide linking'   y GLYCINE         ? 'C2 H5 N O2'     75.067  
HIS 'L-peptide linking' y HISTIDINE       ? 'C6 H10 N3 O2 1' 156.162 
HOH non-polymer         . WATER           ? 'H2 O'           18.015  
ILE 'L-peptide linking' y ISOLEUCINE      ? 'C6 H13 N O2'    131.173 
LEU 'L-peptide linking' y LEUCINE         ? 'C6 H13 N O2'    131.173 
LYS 'L-peptide linking' y LYSINE          ? 'C6 H15 N2 O2 1' 147.195 
MET 'L-peptide linking' y METHIONINE      ? 'C5 H11 N O2 S'  149.211 
PHE 'L-peptide linking' y PHENYLALANINE   ? 'C9 H11 N O2'    165.189 
PRO 'L-peptide linking' y PROLINE         ? 'C5 H9 N O2'     115.130 
SER 'L-peptide linking' y SERINE          ? 'C3 H7 N O3'     105.093 
SO4 non-polymer         . 'SULFATE ION'   ? 'O4 S -2'        96.063  
THR 'L-peptide linking' y THREONINE       ? 'C4 H9 N O3'     119.119 
TRP 'L-peptide linking' y TRYPTOPHAN      ? 'C11 H12 N2 O2'  204.225 
TYR 'L-peptide linking' y TYROSINE        ? 'C9 H11 N O3'    181.189 
VAL 'L-peptide linking' y VALINE          ? 'C5 H11 N O2'    117.146 
# 
loop_
_pdbx_poly_seq_scheme.asym_id 
_pdbx_poly_seq_scheme.entity_id 
_pdbx_poly_seq_scheme.seq_id 
_pdbx_poly_seq_scheme.mon_id 
_pdbx_poly_seq_scheme.ndb_seq_num 
_pdbx_poly_seq_scheme.pdb_seq_num 
_pdbx_poly_seq_scheme.auth_seq_num 
_pdbx_poly_seq_scheme.pdb_mon_id 
_pdbx_poly_seq_scheme.auth_mon_id 
_pdbx_poly_seq_scheme.pdb_strand_id 
_pdbx_poly_seq_scheme.pdb_ins_code 
_pdbx_poly_seq_scheme.hetero 
A 1 1   GLU 1   1   1   GLU GLU A . n 
A 1 2   GLU 2   2   2   GLU GLU A . n 
A 1 3   TYR 3   3   3   TYR TYR A . n 
A 1 4   SER 4   4   4   SER SER A . n 
A 1 5   SER 5   5   5   SER SER A . n 
A 1 6   ASN 6   6   6   ASN ASN A . n 
A 1 7   TRP 7   7   7   TRP TRP A . n 
A 1 8   ALA 8   8   8   ALA ALA A . n 
A 1 9   GLY 9   9   9   GLY GLY A . n 
A 1 10  ALA 10  10  10  ALA ALA A . n 
A 1 11  VAL 11  11  11  VAL VAL A . n 
A 1 12  LEU 12  12  12  LEU LEU A . n 
A 1 13  ILE 13  13  13  ILE ILE A . n 
A 1 14  GLY 14  14  14  GLY GLY A . n 
A 1 15  ASP 15  15  15  ASP ASP A . n 
A 1 16  GLY 16  16  16  GLY GLY A . n 
A 1 17  TYR 17  17  17  TYR TYR A . n 
A 1 18  THR 18  18  18  THR THR A . n 
A 1 19  LYS 19  19  19  LYS LYS A . n 
A 1 20  VAL 20  20  20  VAL VAL A . n 
A 1 21  THR 21  21  21  THR THR A . n 
A 1 22  GLY 22  22  22  GLY GLY A . n 
A 1 23  GLU 23  23  23  GLU GLU A . n 
A 1 24  PHE 24  24  24  PHE PHE A . n 
A 1 25  THR 25  25  25  THR THR A . n 
A 1 26  VAL 26  26  26  VAL VAL A . n 
A 1 27  PRO 27  27  27  PRO PRO A . n 
A 1 28  SER 28  28  28  SER SER A . n 
A 1 29  VAL 29  29  29  VAL VAL A . n 
A 1 30  SER 30  30  30  SER SER A . n 
A 1 31  ALA 31  31  31  ALA ALA A . n 
A 1 32  GLY 32  32  32  GLY GLY A . n 
A 1 33  SER 33  33  ?   ?   ?   A . n 
A 1 34  SER 34  34  ?   ?   ?   A . n 
A 1 35  GLY 35  35  ?   ?   ?   A . n 
A 1 36  SER 36  36  ?   ?   ?   A . n 
A 1 37  SER 37  37  ?   ?   ?   A . n 
A 1 38  GLY 38  38  ?   ?   ?   A . n 
A 1 39  TYR 39  39  ?   ?   ?   A . n 
B 2 1   GLN 1   1   ?   ?   ?   B . n 
B 2 2   SER 2   2   ?   ?   ?   B . n 
B 2 3   GLU 3   3   3   GLU GLU B . n 
B 2 4   GLU 4   4   4   GLU GLU B . n 
B 2 5   TYR 5   5   5   TYR TYR B . n 
B 2 6   CYS 6   6   6   CYS CYS B . n 
B 2 7   ALA 7   7   7   ALA ALA B . n 
B 2 8   SER 8   8   8   SER SER B . n 
B 2 9   ALA 9   9   9   ALA ALA B . n 
B 2 10  TRP 10  10  10  TRP TRP B . n 
B 2 11  VAL 11  11  11  VAL VAL B . n 
B 2 12  GLY 12  12  12  GLY GLY B . n 
B 2 13  ILE 13  13  13  ILE ILE B . n 
B 2 14  ASP 14  14  14  ASP ASP B . n 
B 2 15  GLY 15  15  15  GLY GLY B . n 
B 2 16  ASP 16  16  16  ASP ASP B . n 
B 2 17  THR 17  17  17  THR THR B . n 
B 2 18  CYS 18  18  18  CYS CYS B . n 
B 2 19  GLU 19  19  19  GLU GLU B . n 
B 2 20  THR 20  20  20  THR THR B . n 
B 2 21  ALA 21  21  21  ALA ALA B . n 
B 2 22  ILE 22  22  22  ILE ILE B . n 
B 2 23  LEU 23  23  23  LEU LEU B . n 
B 2 24  GLN 24  24  24  GLN GLN B . n 
B 2 25  THR 25  25  25  THR THR B . n 
B 2 26  GLY 26  26  26  GLY GLY B . n 
B 2 27  VAL 27  27  27  VAL VAL B . n 
B 2 28  ASP 28  28  28  ASP ASP B . n 
B 2 29  PHE 29  29  29  PHE PHE B . n 
B 2 30  CYS 30  30  30  CYS CYS B . n 
B 2 31  TYR 31  31  31  TYR TYR B . n 
B 2 32  GLU 32  32  32  GLU GLU B . n 
B 2 33  ASP 33  33  33  ASP ASP B . n 
B 2 34  GLY 34  34  34  GLY GLY B . n 
B 2 35  GLN 35  35  35  GLN GLN B . n 
B 2 36  THR 36  36  36  THR THR B . n 
B 2 37  SER 37  37  37  SER SER B . n 
B 2 38  TYR 38  38  38  TYR TYR B . n 
B 2 39  ASP 39  39  39  ASP ASP B . n 
B 2 40  ALA 40  40  40  ALA ALA B . n 
B 2 41  TRP 41  41  41  TRP TRP B . n 
B 2 42  TYR 42  42  42  TYR TYR B . n 
B 2 43  GLU 43  43  43  GLU GLU B . n 
B 2 44  TRP 44  44  44  TRP TRP B . n 
B 2 45  TYR 45  45  45  TYR TYR B . n 
B 2 46  PRO 46  46  46  PRO PRO B . n 
B 2 47  ASP 47  47  47  ASP ASP B . n 
B 2 48  TYR 48  48  48  TYR TYR B . n 
B 2 49  ALA 49  49  49  ALA ALA B . n 
B 2 50  TYR 50  50  50  TYR TYR B . n 
B 2 51  ASP 51  51  51  ASP ASP B . n 
B 2 52  PHE 52  52  52  PHE PHE B . n 
B 2 53  SER 53  53  53  SER SER B . n 
B 2 54  ASP 54  54  54  ASP ASP B . n 
B 2 55  ILE 55  55  55  ILE ILE B . n 
B 2 56  THR 56  56  56  THR THR B . n 
B 2 57  ILE 57  57  57  ILE ILE B . n 
B 2 58  SER 58  58  58  SER SER B . n 
B 2 59  GLU 59  59  59  GLU GLU B . n 
B 2 60  GLY 60  60  60  GLY GLY B . n 
B 2 61  ASP 61  61  61  ASP ASP B . n 
B 2 62  SER 62  62  62  SER SER B . n 
B 2 63  ILE 63  63  63  ILE ILE B . n 
B 2 64  LYS 64  64  64  LYS LYS B . n 
B 2 65  VAL 65  65  65  VAL VAL B . n 
B 2 66  THR 66  66  66  THR THR B . n 
B 2 67  VAL 67  67  67  VAL VAL B . n 
B 2 68  GLU 68  68  68  GLU GLU B . n 
B 2 69  ALA 69  69  69  ALA ALA B . n 
B 2 70  THR 70  70  70  THR THR B . n 
B 2 71  SER 71  71  71  SER SER B . n 
B 2 72  LYS 72  72  72  LYS LYS B . n 
B 2 73  SER 73  73  73  SER SER B . n 
B 2 74  SER 74  74  74  SER SER B . n 
B 2 75  GLY 75  75  75  GLY GLY B . n 
B 2 76  SER 76  76  76  SER SER B . n 
B 2 77  ALA 77  77  77  ALA ALA B . n 
B 2 78  THR 78  78  78  THR THR B . n 
B 2 79  VAL 79  79  79  VAL VAL B . n 
B 2 80  GLU 80  80  80  GLU GLU B . n 
B 2 81  ASN 81  81  81  ASN ASN B . n 
B 2 82  LEU 82  82  82  LEU LEU B . n 
B 2 83  THR 83  83  83  THR THR B . n 
B 2 84  THR 84  84  84  THR THR B . n 
B 2 85  GLY 85  85  85  GLY GLY B . n 
B 2 86  GLN 86  86  86  GLN GLN B . n 
B 2 87  SER 87  87  87  SER SER B . n 
B 2 88  VAL 88  88  88  VAL VAL B . n 
B 2 89  THR 89  89  89  THR THR B . n 
B 2 90  HIS 90  90  90  HIS HIS B . n 
B 2 91  THR 91  91  91  THR THR B . n 
B 2 92  PHE 92  92  92  PHE PHE B . n 
B 2 93  SER 93  93  93  SER SER B . n 
B 2 94  GLY 94  94  94  GLY GLY B . n 
B 2 95  ASN 95  95  95  ASN ASN B . n 
B 2 96  VAL 96  96  96  VAL VAL B . n 
B 2 97  GLU 97  97  97  GLU GLU B . n 
B 2 98  GLY 98  98  98  GLY GLY B . n 
B 2 99  ASP 99  99  99  ASP ASP B . n 
B 2 100 LEU 100 100 100 LEU LEU B . n 
B 2 101 CYS 101 101 101 CYS CYS B . n 
B 2 102 GLU 102 102 102 GLU GLU B . n 
B 2 103 THR 103 103 103 THR THR B . n 
B 2 104 ASN 104 104 104 ASN ASN B . n 
B 2 105 ALA 105 105 105 ALA ALA B . n 
B 2 106 GLU 106 106 106 GLU GLU B . n 
B 2 107 TRP 107 107 107 TRP TRP B . n 
B 2 108 ILE 108 108 108 ILE ILE B . n 
B 2 109 VAL 109 109 109 VAL VAL B . n 
B 2 110 GLU 110 110 110 GLU GLU B . n 
B 2 111 ASP 111 111 111 ASP ASP B . n 
B 2 112 PHE 112 112 112 PHE PHE B . n 
B 2 113 GLU 113 113 113 GLU GLU B . n 
B 2 114 SER 114 114 114 SER SER B . n 
B 2 115 GLY 115 115 115 GLY GLY B . n 
B 2 116 ASP 116 116 116 ASP ASP B . n 
B 2 117 SER 117 117 117 SER SER B . n 
B 2 118 LEU 118 118 118 LEU LEU B . n 
B 2 119 VAL 119 119 119 VAL VAL B . n 
B 2 120 ALA 120 120 120 ALA ALA B . n 
B 2 121 PHE 121 121 121 PHE PHE B . n 
B 2 122 ALA 122 122 122 ALA ALA B . n 
B 2 123 ASP 123 123 123 ASP ASP B . n 
B 2 124 PHE 124 124 124 PHE PHE B . n 
B 2 125 GLY 125 125 125 GLY GLY B . n 
B 2 126 SER 126 126 126 SER SER B . n 
B 2 127 VAL 127 127 127 VAL VAL B . n 
B 2 128 THR 128 128 128 THR THR B . n 
B 2 129 PHE 129 129 129 PHE PHE B . n 
B 2 130 THR 130 130 130 THR THR B . n 
B 2 131 ASN 131 131 131 ASN ASN B . n 
B 2 132 ALA 132 132 132 ALA ALA B . n 
B 2 133 GLU 133 133 133 GLU GLU B . n 
B 2 134 ALA 134 134 134 ALA ALA B . n 
B 2 135 THR 135 135 135 THR THR B . n 
B 2 136 SER 136 136 136 SER SER B . n 
B 2 137 GLY 137 137 137 GLY GLY B . n 
B 2 138 GLY 138 138 138 GLY GLY B . n 
B 2 139 SER 139 139 139 SER SER B . n 
B 2 140 THR 140 140 140 THR THR B . n 
B 2 141 VAL 141 141 141 VAL VAL B . n 
B 2 142 GLY 142 142 142 GLY GLY B . n 
B 2 143 PRO 143 143 143 PRO PRO B . n 
B 2 144 SER 144 144 144 SER SER B . n 
B 2 145 ASP 145 145 145 ASP ASP B . n 
B 2 146 ALA 146 146 146 ALA ALA B . n 
B 2 147 THR 147 147 147 THR THR B . n 
B 2 148 VAL 148 148 148 VAL VAL B . n 
B 2 149 MET 149 149 149 MET MET B . n 
B 2 150 ASP 150 150 150 ASP ASP B . n 
B 2 151 ILE 151 151 151 ILE ILE B . n 
B 2 152 GLU 152 152 152 GLU GLU B . n 
B 2 153 GLN 153 153 153 GLN GLN B . n 
B 2 154 ASP 154 154 154 ASP ASP B . n 
B 2 155 GLY 155 155 155 GLY GLY B . n 
B 2 156 SER 156 156 156 SER SER B . n 
B 2 157 VAL 157 157 157 VAL VAL B . n 
B 2 158 LEU 158 158 158 LEU LEU B . n 
B 2 159 THR 159 159 159 THR THR B . n 
B 2 160 GLU 160 160 160 GLU GLU B . n 
B 2 161 THR 161 161 161 THR THR B . n 
B 2 162 SER 162 162 162 SER SER B . n 
B 2 163 VAL 163 163 163 VAL VAL B . n 
B 2 164 SER 164 164 164 SER SER B . n 
B 2 165 GLY 165 165 165 GLY GLY B . n 
B 2 166 ASP 166 166 166 ASP ASP B . n 
B 2 167 SER 167 167 167 SER SER B . n 
B 2 168 VAL 168 168 168 VAL VAL B . n 
B 2 169 THR 169 169 169 THR THR B . n 
B 2 170 VAL 170 170 170 VAL VAL B . n 
B 2 171 THR 171 171 171 THR THR B . n 
B 2 172 TYR 172 172 172 TYR TYR B . n 
B 2 173 VAL 173 173 173 VAL VAL B . n 
# 
loop_
_pdbx_nonpoly_scheme.asym_id 
_pdbx_nonpoly_scheme.entity_id 
_pdbx_nonpoly_scheme.mon_id 
_pdbx_nonpoly_scheme.ndb_seq_num 
_pdbx_nonpoly_scheme.pdb_seq_num 
_pdbx_nonpoly_scheme.auth_seq_num 
_pdbx_nonpoly_scheme.pdb_mon_id 
_pdbx_nonpoly_scheme.auth_mon_id 
_pdbx_nonpoly_scheme.pdb_strand_id 
_pdbx_nonpoly_scheme.pdb_ins_code 
C 3 SO4 1   202 2   SO4 SO4 A . 
D 3 SO4 1   201 1   SO4 SO4 B . 
E 3 SO4 1   203 3   SO4 SO4 B . 
F 3 SO4 1   204 4   SO4 SO4 B . 
G 3 SO4 1   205 5   SO4 SO4 B . 
H 4 HOH 1   203 29  HOH HOH A . 
H 4 HOH 2   204 31  HOH HOH A . 
H 4 HOH 3   205 32  HOH HOH A . 
H 4 HOH 4   206 34  HOH HOH A . 
H 4 HOH 5   207 35  HOH HOH A . 
H 4 HOH 6   208 36  HOH HOH A . 
H 4 HOH 7   209 37  HOH HOH A . 
H 4 HOH 8   210 38  HOH HOH A . 
H 4 HOH 9   211 53  HOH HOH A . 
H 4 HOH 10  212 56  HOH HOH A . 
H 4 HOH 11  213 60  HOH HOH A . 
H 4 HOH 12  214 70  HOH HOH A . 
H 4 HOH 13  215 72  HOH HOH A . 
H 4 HOH 14  216 73  HOH HOH A . 
H 4 HOH 15  217 78  HOH HOH A . 
H 4 HOH 16  218 86  HOH HOH A . 
I 4 HOH 1   206 1   HOH HOH B . 
I 4 HOH 2   207 2   HOH HOH B . 
I 4 HOH 3   208 3   HOH HOH B . 
I 4 HOH 4   209 4   HOH HOH B . 
I 4 HOH 5   210 5   HOH HOH B . 
I 4 HOH 6   211 6   HOH HOH B . 
I 4 HOH 7   212 7   HOH HOH B . 
I 4 HOH 8   213 8   HOH HOH B . 
I 4 HOH 9   214 9   HOH HOH B . 
I 4 HOH 10  215 10  HOH HOH B . 
I 4 HOH 11  216 11  HOH HOH B . 
I 4 HOH 12  217 12  HOH HOH B . 
I 4 HOH 13  218 13  HOH HOH B . 
I 4 HOH 14  219 14  HOH HOH B . 
I 4 HOH 15  220 15  HOH HOH B . 
I 4 HOH 16  221 16  HOH HOH B . 
I 4 HOH 17  222 17  HOH HOH B . 
I 4 HOH 18  223 18  HOH HOH B . 
I 4 HOH 19  224 19  HOH HOH B . 
I 4 HOH 20  225 20  HOH HOH B . 
I 4 HOH 21  226 21  HOH HOH B . 
I 4 HOH 22  227 22  HOH HOH B . 
I 4 HOH 23  228 23  HOH HOH B . 
I 4 HOH 24  229 24  HOH HOH B . 
I 4 HOH 25  230 25  HOH HOH B . 
I 4 HOH 26  231 26  HOH HOH B . 
I 4 HOH 27  232 27  HOH HOH B . 
I 4 HOH 28  233 28  HOH HOH B . 
I 4 HOH 29  234 30  HOH HOH B . 
I 4 HOH 30  235 33  HOH HOH B . 
I 4 HOH 31  236 39  HOH HOH B . 
I 4 HOH 32  237 40  HOH HOH B . 
I 4 HOH 33  238 41  HOH HOH B . 
I 4 HOH 34  239 42  HOH HOH B . 
I 4 HOH 35  240 43  HOH HOH B . 
I 4 HOH 36  241 44  HOH HOH B . 
I 4 HOH 37  242 45  HOH HOH B . 
I 4 HOH 38  243 46  HOH HOH B . 
I 4 HOH 39  244 47  HOH HOH B . 
I 4 HOH 40  245 48  HOH HOH B . 
I 4 HOH 41  246 49  HOH HOH B . 
I 4 HOH 42  247 50  HOH HOH B . 
I 4 HOH 43  248 51  HOH HOH B . 
I 4 HOH 44  249 52  HOH HOH B . 
I 4 HOH 45  250 54  HOH HOH B . 
I 4 HOH 46  251 55  HOH HOH B . 
I 4 HOH 47  252 57  HOH HOH B . 
I 4 HOH 48  253 58  HOH HOH B . 
I 4 HOH 49  254 59  HOH HOH B . 
I 4 HOH 50  255 61  HOH HOH B . 
I 4 HOH 51  256 62  HOH HOH B . 
I 4 HOH 52  257 63  HOH HOH B . 
I 4 HOH 53  258 64  HOH HOH B . 
I 4 HOH 54  259 65  HOH HOH B . 
I 4 HOH 55  260 66  HOH HOH B . 
I 4 HOH 56  261 67  HOH HOH B . 
I 4 HOH 57  262 68  HOH HOH B . 
I 4 HOH 58  263 69  HOH HOH B . 
I 4 HOH 59  264 71  HOH HOH B . 
I 4 HOH 60  265 74  HOH HOH B . 
I 4 HOH 61  266 75  HOH HOH B . 
I 4 HOH 62  267 76  HOH HOH B . 
I 4 HOH 63  268 77  HOH HOH B . 
I 4 HOH 64  269 79  HOH HOH B . 
I 4 HOH 65  270 80  HOH HOH B . 
I 4 HOH 66  271 81  HOH HOH B . 
I 4 HOH 67  272 82  HOH HOH B . 
I 4 HOH 68  273 83  HOH HOH B . 
I 4 HOH 69  274 84  HOH HOH B . 
I 4 HOH 70  275 85  HOH HOH B . 
I 4 HOH 71  276 87  HOH HOH B . 
I 4 HOH 72  277 88  HOH HOH B . 
I 4 HOH 73  278 89  HOH HOH B . 
I 4 HOH 74  279 90  HOH HOH B . 
I 4 HOH 75  280 91  HOH HOH B . 
I 4 HOH 76  281 92  HOH HOH B . 
I 4 HOH 77  282 93  HOH HOH B . 
I 4 HOH 78  283 94  HOH HOH B . 
I 4 HOH 79  284 95  HOH HOH B . 
I 4 HOH 80  285 96  HOH HOH B . 
I 4 HOH 81  286 97  HOH HOH B . 
I 4 HOH 82  287 98  HOH HOH B . 
I 4 HOH 83  288 99  HOH HOH B . 
I 4 HOH 84  289 100 HOH HOH B . 
I 4 HOH 85  290 101 HOH HOH B . 
I 4 HOH 86  291 102 HOH HOH B . 
I 4 HOH 87  292 103 HOH HOH B . 
I 4 HOH 88  293 104 HOH HOH B . 
I 4 HOH 89  294 105 HOH HOH B . 
I 4 HOH 90  295 106 HOH HOH B . 
I 4 HOH 91  296 107 HOH HOH B . 
I 4 HOH 92  297 108 HOH HOH B . 
I 4 HOH 93  298 109 HOH HOH B . 
I 4 HOH 94  299 110 HOH HOH B . 
I 4 HOH 95  300 111 HOH HOH B . 
I 4 HOH 96  301 112 HOH HOH B . 
I 4 HOH 97  302 113 HOH HOH B . 
I 4 HOH 98  303 114 HOH HOH B . 
I 4 HOH 99  304 115 HOH HOH B . 
I 4 HOH 100 305 116 HOH HOH B . 
I 4 HOH 101 306 117 HOH HOH B . 
I 4 HOH 102 307 118 HOH HOH B . 
I 4 HOH 103 308 119 HOH HOH B . 
I 4 HOH 104 309 120 HOH HOH B . 
I 4 HOH 105 310 121 HOH HOH B . 
I 4 HOH 106 311 122 HOH HOH B . 
I 4 HOH 107 312 123 HOH HOH B . 
I 4 HOH 108 313 124 HOH HOH B . 
I 4 HOH 109 314 125 HOH HOH B . 
I 4 HOH 110 315 126 HOH HOH B . 
I 4 HOH 111 316 127 HOH HOH B . 
I 4 HOH 112 317 128 HOH HOH B . 
# 
loop_
_software.name 
_software.classification 
_software.version 
_software.citation_id 
_software.pdbx_ordinal 
DENZO   'data reduction' .         ? 1 
SCALA   'data scaling'   .         ? 2 
MLPHARE phasing          .         ? 3 
X-PLOR  refinement       3.1       ? 4 
CCP4    'data scaling'   '(SCALA)' ? 5 
# 
_cell.entry_id           1Y43 
_cell.length_a           55.1 
_cell.length_b           70.7 
_cell.length_c           38.3 
_cell.angle_alpha        90.00 
_cell.angle_beta         90.00 
_cell.angle_gamma        90.00 
_cell.Z_PDB              4 
_cell.pdbx_unique_axis   ? 
# 
_symmetry.entry_id                         1Y43 
_symmetry.space_group_name_H-M             'P 21 21 21' 
_symmetry.pdbx_full_space_group_name_H-M   ? 
_symmetry.cell_setting                     ? 
_symmetry.Int_Tables_number                19 
_symmetry.space_group_name_Hall            ? 
# 
_exptl.entry_id          1Y43 
_exptl.method            'X-RAY DIFFRACTION' 
_exptl.crystals_number   1 
# 
_exptl_crystal.id                    1 
_exptl_crystal.density_meas          ? 
_exptl_crystal.density_Matthews      1.64 
_exptl_crystal.density_percent_sol   26 
_exptl_crystal.description           ? 
_exptl_crystal.F_000                 ? 
_exptl_crystal.preparation           ? 
# 
_exptl_crystal_grow.crystal_id      1 
_exptl_crystal_grow.method          'VAPOR DIFFUSION, HANGING DROP' 
_exptl_crystal_grow.temp            298 
_exptl_crystal_grow.temp_details    ? 
_exptl_crystal_grow.pH              2.1 
_exptl_crystal_grow.pdbx_details    
'ammonium sulfate, dimethyl sulfoxide, glycine, pH 2.1, VAPOR DIFFUSION, HANGING DROP, temperature 298K' 
_exptl_crystal_grow.pdbx_pH_range   . 
# 
_diffrn.id                     1 
_diffrn.ambient_temp           283 
_diffrn.ambient_temp_details   ? 
_diffrn.crystal_id             1 
# 
_diffrn_detector.diffrn_id              1 
_diffrn_detector.detector               'IMAGE PLATE' 
_diffrn_detector.type                   FUJI 
_diffrn_detector.pdbx_collection_date   1993-11-30 
_diffrn_detector.details                ? 
# 
_diffrn_radiation.diffrn_id                        1 
_diffrn_radiation.wavelength_id                    1 
_diffrn_radiation.pdbx_monochromatic_or_laue_m_l   M 
_diffrn_radiation.monochromator                    Si 
_diffrn_radiation.pdbx_diffrn_protocol             'SINGLE WAVELENGTH' 
_diffrn_radiation.pdbx_scattering_type             x-ray 
# 
_diffrn_radiation_wavelength.id           1 
_diffrn_radiation_wavelength.wavelength   1.00 
_diffrn_radiation_wavelength.wt           1.0 
# 
_diffrn_source.diffrn_id                   1 
_diffrn_source.source                      SYNCHROTRON 
_diffrn_source.type                        'PHOTON FACTORY BEAMLINE BL-6A' 
_diffrn_source.pdbx_synchrotron_site       'Photon Factory' 
_diffrn_source.pdbx_synchrotron_beamline   BL-6A 
_diffrn_source.pdbx_wavelength             ? 
_diffrn_source.pdbx_wavelength_list        1.00 
# 
_reflns.entry_id                     1Y43 
_reflns.observed_criterion_sigma_F   1 
_reflns.observed_criterion_sigma_I   1 
_reflns.d_resolution_high            1.4 
_reflns.d_resolution_low             100 
_reflns.number_all                   ? 
_reflns.number_obs                   29424 
_reflns.percent_possible_obs         97.5 
_reflns.pdbx_Rmerge_I_obs            ? 
_reflns.pdbx_Rsym_value              ? 
_reflns.pdbx_netI_over_sigmaI        ? 
_reflns.B_iso_Wilson_estimate        ? 
_reflns.pdbx_redundancy              ? 
_reflns.R_free_details               ? 
_reflns.limit_h_max                  ? 
_reflns.limit_h_min                  ? 
_reflns.limit_k_max                  ? 
_reflns.limit_k_min                  ? 
_reflns.limit_l_max                  ? 
_reflns.limit_l_min                  ? 
_reflns.observed_criterion_F_max     ? 
_reflns.observed_criterion_F_min     ? 
_reflns.pdbx_chi_squared             ? 
_reflns.pdbx_scaling_rejects         ? 
_reflns.pdbx_ordinal                 1 
_reflns.pdbx_diffrn_id               1 
# 
_reflns_shell.d_res_high             1.40 
_reflns_shell.d_res_low              1.44 
_reflns_shell.percent_possible_all   82.5 
_reflns_shell.Rmerge_I_obs           ? 
_reflns_shell.pdbx_Rsym_value        ? 
_reflns_shell.meanI_over_sigI_obs    ? 
_reflns_shell.pdbx_redundancy        ? 
_reflns_shell.percent_possible_obs   ? 
_reflns_shell.number_unique_all      ? 
_reflns_shell.number_measured_all    ? 
_reflns_shell.number_measured_obs    ? 
_reflns_shell.number_unique_obs      ? 
_reflns_shell.pdbx_chi_squared       ? 
_reflns_shell.pdbx_ordinal           1 
_reflns_shell.pdbx_diffrn_id         1 
# 
_refine.entry_id                                 1Y43 
_refine.ls_d_res_high                            1.4 
_refine.ls_d_res_low                             10.0 
_refine.pdbx_ls_sigma_F                          1 
_refine.pdbx_ls_sigma_I                          ? 
_refine.ls_number_reflns_all                     29266 
_refine.ls_number_reflns_obs                     29266 
_refine.ls_number_reflns_R_free                  2946 
_refine.ls_percent_reflns_obs                    ? 
_refine.ls_R_factor_all                          ? 
_refine.ls_R_factor_obs                          0.197 
_refine.ls_R_factor_R_work                       0.197 
_refine.ls_R_factor_R_free                       0.226 
_refine.ls_redundancy_reflns_obs                 ? 
_refine.pdbx_data_cutoff_high_absF               ? 
_refine.pdbx_data_cutoff_low_absF                ? 
_refine.ls_number_parameters                     ? 
_refine.ls_number_restraints                     ? 
_refine.ls_percent_reflns_R_free                 ? 
_refine.ls_R_factor_R_free_error                 ? 
_refine.ls_R_factor_R_free_error_details         ? 
_refine.pdbx_method_to_determine_struct          MIR 
_refine.pdbx_starting_model                      ? 
_refine.pdbx_ls_cross_valid_method               ? 
_refine.pdbx_R_Free_selection_details            RANDOM 
_refine.pdbx_stereochem_target_val_spec_case     ? 
_refine.pdbx_stereochemistry_target_values       'Engh & Huber' 
_refine.solvent_model_details                    ? 
_refine.solvent_model_param_bsol                 ? 
_refine.solvent_model_param_ksol                 ? 
_refine.occupancy_max                            ? 
_refine.occupancy_min                            ? 
_refine.pdbx_isotropic_thermal_model             ? 
_refine.B_iso_mean                               ? 
_refine.aniso_B[1][1]                            ? 
_refine.aniso_B[1][2]                            ? 
_refine.aniso_B[1][3]                            ? 
_refine.aniso_B[2][2]                            ? 
_refine.aniso_B[2][3]                            ? 
_refine.aniso_B[3][3]                            ? 
_refine.details                                  ? 
_refine.B_iso_min                                ? 
_refine.B_iso_max                                ? 
_refine.correlation_coeff_Fo_to_Fc               ? 
_refine.correlation_coeff_Fo_to_Fc_free          ? 
_refine.pdbx_solvent_vdw_probe_radii             ? 
_refine.pdbx_solvent_ion_probe_radii             ? 
_refine.pdbx_solvent_shrinkage_radii             ? 
_refine.overall_SU_R_Cruickshank_DPI             ? 
_refine.overall_SU_R_free                        ? 
_refine.overall_SU_B                             ? 
_refine.overall_SU_ML                            ? 
_refine.pdbx_overall_ESU_R                       ? 
_refine.pdbx_overall_ESU_R_Free                  ? 
_refine.pdbx_data_cutoff_high_rms_absF           ? 
_refine.ls_wR_factor_R_free                      ? 
_refine.ls_wR_factor_R_work                      ? 
_refine.overall_FOM_free_R_set                   ? 
_refine.overall_FOM_work_R_set                   ? 
_refine.pdbx_refine_id                           'X-RAY DIFFRACTION' 
_refine.pdbx_diffrn_id                           1 
_refine.pdbx_TLS_residual_ADP_flag               ? 
_refine.pdbx_overall_phase_error                 ? 
_refine.pdbx_overall_SU_R_free_Cruickshank_DPI   ? 
_refine.pdbx_overall_SU_R_Blow_DPI               ? 
_refine.pdbx_overall_SU_R_free_Blow_DPI          ? 
# 
_refine_hist.pdbx_refine_id                   'X-RAY DIFFRACTION' 
_refine_hist.cycle_id                         LAST 
_refine_hist.pdbx_number_atoms_protein        1508 
_refine_hist.pdbx_number_atoms_nucleic_acid   0 
_refine_hist.pdbx_number_atoms_ligand         25 
_refine_hist.number_atoms_solvent             128 
_refine_hist.number_atoms_total               1661 
_refine_hist.d_res_high                       1.4 
_refine_hist.d_res_low                        10.0 
# 
_refine_ls_shell.pdbx_total_number_of_bins_used   ? 
_refine_ls_shell.d_res_high                       1.40 
_refine_ls_shell.d_res_low                        1.46 
_refine_ls_shell.number_reflns_R_work             ? 
_refine_ls_shell.R_factor_R_work                  0.2558 
_refine_ls_shell.percent_reflns_obs               ? 
_refine_ls_shell.R_factor_R_free                  0.2544 
_refine_ls_shell.R_factor_R_free_error            ? 
_refine_ls_shell.percent_reflns_R_free            ? 
_refine_ls_shell.number_reflns_R_free             281 
_refine_ls_shell.number_reflns_obs                2802 
_refine_ls_shell.redundancy_reflns_obs            ? 
_refine_ls_shell.number_reflns_all                ? 
_refine_ls_shell.R_factor_all                     ? 
_refine_ls_shell.pdbx_refine_id                   'X-RAY DIFFRACTION' 
# 
_struct.entry_id                  1Y43 
_struct.title                     'crystal structure of aspergilloglutamic peptidase from Aspergillus niger' 
_struct.pdbx_model_details        ? 
_struct.pdbx_CASP_flag            ? 
_struct.pdbx_model_type_details   ? 
# 
_struct_keywords.entry_id        1Y43 
_struct_keywords.pdbx_keywords   HYDROLASE 
_struct_keywords.text            'aspergillopepsin II, proctase A, beta sandwich structure, HYDROLASE' 
# 
loop_
_struct_asym.id 
_struct_asym.pdbx_blank_PDB_chainid_flag 
_struct_asym.pdbx_modified 
_struct_asym.entity_id 
_struct_asym.details 
A N N 1 ? 
B N N 2 ? 
C N N 3 ? 
D N N 3 ? 
E N N 3 ? 
F N N 3 ? 
G N N 3 ? 
H N N 4 ? 
I N N 4 ? 
# 
loop_
_struct_ref.id 
_struct_ref.db_name 
_struct_ref.db_code 
_struct_ref.pdbx_db_accession 
_struct_ref.entity_id 
_struct_ref.pdbx_seq_one_letter_code 
_struct_ref.pdbx_align_begin 
_struct_ref.pdbx_db_isoform 
1 UNP PRTA_ASPNG P24665 1 EEYSSNWAGAVLIGDGYTKVTGEFTVPSVSAGSSGSSGY 60  ? 
2 UNP PRTA_ASPNG P24665 2 
;QSEEYCASAWVGIDGDTCETAILQTGVDFCYEDGQTSYDAWYEWYPDYAYDFSDITISEGDSIKVTVEATSKSSGSATVE
NLTTGQSVTHTFSGNVEGDLCETNAEWIVEDFESGDSLVAFADFGSVTFTNAEATSGGSTVGPSDATVMDIEQDGSVLTE
TSVSGDSVTVTYV
;
110 ? 
# 
loop_
_struct_ref_seq.align_id 
_struct_ref_seq.ref_id 
_struct_ref_seq.pdbx_PDB_id_code 
_struct_ref_seq.pdbx_strand_id 
_struct_ref_seq.seq_align_beg 
_struct_ref_seq.pdbx_seq_align_beg_ins_code 
_struct_ref_seq.seq_align_end 
_struct_ref_seq.pdbx_seq_align_end_ins_code 
_struct_ref_seq.pdbx_db_accession 
_struct_ref_seq.db_align_beg 
_struct_ref_seq.pdbx_db_align_beg_ins_code 
_struct_ref_seq.db_align_end 
_struct_ref_seq.pdbx_db_align_end_ins_code 
_struct_ref_seq.pdbx_auth_seq_align_beg 
_struct_ref_seq.pdbx_auth_seq_align_end 
1 1 1Y43 A 1 ? 39  ? P24665 60  ? 98  ? 1 39  
2 2 1Y43 B 1 ? 173 ? P24665 110 ? 282 ? 1 173 
# 
_pdbx_struct_assembly.id                   1 
_pdbx_struct_assembly.details              author_and_software_defined_assembly 
_pdbx_struct_assembly.method_details       PISA 
_pdbx_struct_assembly.oligomeric_details   dimeric 
_pdbx_struct_assembly.oligomeric_count     2 
# 
loop_
_pdbx_struct_assembly_prop.biol_id 
_pdbx_struct_assembly_prop.type 
_pdbx_struct_assembly_prop.value 
_pdbx_struct_assembly_prop.details 
1 'ABSA (A^2)' 5630 ? 
1 MORE         -90  ? 
1 'SSA (A^2)'  9040 ? 
# 
_pdbx_struct_assembly_gen.assembly_id       1 
_pdbx_struct_assembly_gen.oper_expression   1 
_pdbx_struct_assembly_gen.asym_id_list      A,B,C,D,E,F,G,H,I 
# 
_pdbx_struct_oper_list.id                   1 
_pdbx_struct_oper_list.type                 'identity operation' 
_pdbx_struct_oper_list.name                 1_555 
_pdbx_struct_oper_list.symmetry_operation   x,y,z 
_pdbx_struct_oper_list.matrix[1][1]         1.0000000000 
_pdbx_struct_oper_list.matrix[1][2]         0.0000000000 
_pdbx_struct_oper_list.matrix[1][3]         0.0000000000 
_pdbx_struct_oper_list.vector[1]            0.0000000000 
_pdbx_struct_oper_list.matrix[2][1]         0.0000000000 
_pdbx_struct_oper_list.matrix[2][2]         1.0000000000 
_pdbx_struct_oper_list.matrix[2][3]         0.0000000000 
_pdbx_struct_oper_list.vector[2]            0.0000000000 
_pdbx_struct_oper_list.matrix[3][1]         0.0000000000 
_pdbx_struct_oper_list.matrix[3][2]         0.0000000000 
_pdbx_struct_oper_list.matrix[3][3]         1.0000000000 
_pdbx_struct_oper_list.vector[3]            0.0000000000 
# 
_struct_biol.id                    1 
_struct_biol.pdbx_parent_biol_id   ? 
_struct_biol.details               ? 
# 
loop_
_struct_conn.id 
_struct_conn.conn_type_id 
_struct_conn.pdbx_leaving_atom_flag 
_struct_conn.pdbx_PDB_id 
_struct_conn.ptnr1_label_asym_id 
_struct_conn.ptnr1_label_comp_id 
_struct_conn.ptnr1_label_seq_id 
_struct_conn.ptnr1_label_atom_id 
_struct_conn.pdbx_ptnr1_label_alt_id 
_struct_conn.pdbx_ptnr1_PDB_ins_code 
_struct_conn.pdbx_ptnr1_standard_comp_id 
_struct_conn.ptnr1_symmetry 
_struct_conn.ptnr2_label_asym_id 
_struct_conn.ptnr2_label_comp_id 
_struct_conn.ptnr2_label_seq_id 
_struct_conn.ptnr2_label_atom_id 
_struct_conn.pdbx_ptnr2_label_alt_id 
_struct_conn.pdbx_ptnr2_PDB_ins_code 
_struct_conn.ptnr1_auth_asym_id 
_struct_conn.ptnr1_auth_comp_id 
_struct_conn.ptnr1_auth_seq_id 
_struct_conn.ptnr2_auth_asym_id 
_struct_conn.ptnr2_auth_comp_id 
_struct_conn.ptnr2_auth_seq_id 
_struct_conn.ptnr2_symmetry 
_struct_conn.pdbx_ptnr3_label_atom_id 
_struct_conn.pdbx_ptnr3_label_seq_id 
_struct_conn.pdbx_ptnr3_label_comp_id 
_struct_conn.pdbx_ptnr3_label_asym_id 
_struct_conn.pdbx_ptnr3_label_alt_id 
_struct_conn.pdbx_ptnr3_PDB_ins_code 
_struct_conn.details 
_struct_conn.pdbx_dist_value 
_struct_conn.pdbx_value_order 
_struct_conn.pdbx_role 
disulf1 disulf ? ? B CYS 6  SG ? ? ? 1_555 B CYS 30  SG ? ? B CYS 6  B CYS 30  1_555 ? ? ? ? ? ? ? 2.026 ? ? 
disulf2 disulf ? ? B CYS 18 SG ? ? ? 1_555 B CYS 101 SG ? ? B CYS 18 B CYS 101 1_555 ? ? ? ? ? ? ? 2.032 ? ? 
# 
_struct_conn_type.id          disulf 
_struct_conn_type.criteria    ? 
_struct_conn_type.reference   ? 
# 
loop_
_pdbx_modification_feature.ordinal 
_pdbx_modification_feature.label_comp_id 
_pdbx_modification_feature.label_asym_id 
_pdbx_modification_feature.label_seq_id 
_pdbx_modification_feature.label_alt_id 
_pdbx_modification_feature.modified_residue_label_comp_id 
_pdbx_modification_feature.modified_residue_label_asym_id 
_pdbx_modification_feature.modified_residue_label_seq_id 
_pdbx_modification_feature.modified_residue_label_alt_id 
_pdbx_modification_feature.auth_comp_id 
_pdbx_modification_feature.auth_asym_id 
_pdbx_modification_feature.auth_seq_id 
_pdbx_modification_feature.PDB_ins_code 
_pdbx_modification_feature.symmetry 
_pdbx_modification_feature.modified_residue_auth_comp_id 
_pdbx_modification_feature.modified_residue_auth_asym_id 
_pdbx_modification_feature.modified_residue_auth_seq_id 
_pdbx_modification_feature.modified_residue_PDB_ins_code 
_pdbx_modification_feature.modified_residue_symmetry 
_pdbx_modification_feature.comp_id_linking_atom 
_pdbx_modification_feature.modified_residue_id_linking_atom 
_pdbx_modification_feature.modified_residue_id 
_pdbx_modification_feature.ref_pcm_id 
_pdbx_modification_feature.ref_comp_id 
_pdbx_modification_feature.type 
_pdbx_modification_feature.category 
1 CYS B 6  ? CYS B 30  ? CYS B 6  ? 1_555 CYS B 30  ? 1_555 SG SG . . . None 'Disulfide bridge' 
2 CYS B 18 ? CYS B 101 ? CYS B 18 ? 1_555 CYS B 101 ? 1_555 SG SG . . . None 'Disulfide bridge' 
# 
_struct_mon_prot_cis.pdbx_id                1 
_struct_mon_prot_cis.label_comp_id          TYR 
_struct_mon_prot_cis.label_seq_id           45 
_struct_mon_prot_cis.label_asym_id          B 
_struct_mon_prot_cis.label_alt_id           . 
_struct_mon_prot_cis.pdbx_PDB_ins_code      ? 
_struct_mon_prot_cis.auth_comp_id           TYR 
_struct_mon_prot_cis.auth_seq_id            45 
_struct_mon_prot_cis.auth_asym_id           B 
_struct_mon_prot_cis.pdbx_label_comp_id_2   PRO 
_struct_mon_prot_cis.pdbx_label_seq_id_2    46 
_struct_mon_prot_cis.pdbx_label_asym_id_2   B 
_struct_mon_prot_cis.pdbx_PDB_ins_code_2    ? 
_struct_mon_prot_cis.pdbx_auth_comp_id_2    PRO 
_struct_mon_prot_cis.pdbx_auth_seq_id_2     46 
_struct_mon_prot_cis.pdbx_auth_asym_id_2    B 
_struct_mon_prot_cis.pdbx_PDB_model_num     1 
_struct_mon_prot_cis.pdbx_omega_angle       0.27 
# 
loop_
_struct_sheet.id 
_struct_sheet.type 
_struct_sheet.number_strands 
_struct_sheet.details 
A ? 6 ? 
B ? 8 ? 
C ? 6 ? 
D ? 7 ? 
E ? 2 ? 
# 
loop_
_struct_sheet_order.sheet_id 
_struct_sheet_order.range_id_1 
_struct_sheet_order.range_id_2 
_struct_sheet_order.offset 
_struct_sheet_order.sense 
A 1 2 ? parallel      
A 2 3 ? anti-parallel 
A 3 4 ? anti-parallel 
A 4 5 ? anti-parallel 
A 5 6 ? parallel      
B 1 2 ? anti-parallel 
B 2 3 ? anti-parallel 
B 3 4 ? anti-parallel 
B 4 5 ? anti-parallel 
B 5 6 ? anti-parallel 
B 6 7 ? anti-parallel 
B 7 8 ? anti-parallel 
C 1 2 ? anti-parallel 
C 2 3 ? anti-parallel 
C 3 4 ? anti-parallel 
C 4 5 ? anti-parallel 
C 5 6 ? anti-parallel 
D 1 2 ? anti-parallel 
D 2 3 ? anti-parallel 
D 3 4 ? anti-parallel 
D 4 5 ? anti-parallel 
D 5 6 ? anti-parallel 
D 6 7 ? anti-parallel 
E 1 2 ? anti-parallel 
# 
loop_
_struct_sheet_range.sheet_id 
_struct_sheet_range.id 
_struct_sheet_range.beg_label_comp_id 
_struct_sheet_range.beg_label_asym_id 
_struct_sheet_range.beg_label_seq_id 
_struct_sheet_range.pdbx_beg_PDB_ins_code 
_struct_sheet_range.end_label_comp_id 
_struct_sheet_range.end_label_asym_id 
_struct_sheet_range.end_label_seq_id 
_struct_sheet_range.pdbx_end_PDB_ins_code 
_struct_sheet_range.beg_auth_comp_id 
_struct_sheet_range.beg_auth_asym_id 
_struct_sheet_range.beg_auth_seq_id 
_struct_sheet_range.end_auth_comp_id 
_struct_sheet_range.end_auth_asym_id 
_struct_sheet_range.end_auth_seq_id 
A 1 GLU A 2   ? SER A 4   ? GLU A 2   SER A 4   
A 2 THR B 147 ? GLN B 153 ? THR B 147 GLN B 153 
A 3 TRP A 7   ? ILE A 13  ? TRP A 7   ILE A 13  
A 4 ASN B 104 ? GLU B 110 ? ASN B 104 GLU B 110 
A 5 GLU B 4   ? ILE B 13  ? GLU B 4   ILE B 13  
A 6 ALA B 120 ? PHE B 121 ? ALA B 120 PHE B 121 
B 1 TYR B 50  ? PHE B 52  ? TYR B 50  PHE B 52  
B 2 GLN B 35  ? TYR B 45  ? GLN B 35  TYR B 45  
B 3 ILE B 22  ? GLU B 32  ? ILE B 22  GLU B 32  
B 4 GLU B 4   ? ILE B 13  ? GLU B 4   ILE B 13  
B 5 ASN B 104 ? GLU B 110 ? ASN B 104 GLU B 110 
B 6 TRP A 7   ? ILE A 13  ? TRP A 7   ILE A 13  
B 7 THR B 147 ? GLN B 153 ? THR B 147 GLN B 153 
B 8 SER B 156 ? VAL B 157 ? SER B 156 VAL B 157 
C 1 GLN B 86  ? PHE B 92  ? GLN B 86  PHE B 92  
C 2 SER B 74  ? ASN B 81  ? SER B 74  ASN B 81  
C 3 SER B 62  ? SER B 71  ? SER B 62  SER B 71  
C 4 TYR A 17  ? THR A 25  ? TYR A 17  THR A 25  
C 5 SER B 126 ? SER B 136 ? SER B 126 SER B 136 
C 6 SER B 139 ? VAL B 141 ? SER B 139 VAL B 141 
D 1 GLN B 86  ? PHE B 92  ? GLN B 86  PHE B 92  
D 2 SER B 74  ? ASN B 81  ? SER B 74  ASN B 81  
D 3 SER B 62  ? SER B 71  ? SER B 62  SER B 71  
D 4 TYR A 17  ? THR A 25  ? TYR A 17  THR A 25  
D 5 SER B 126 ? SER B 136 ? SER B 126 SER B 136 
D 6 VAL B 168 ? TYR B 172 ? VAL B 168 TYR B 172 
D 7 THR B 159 ? VAL B 163 ? THR B 159 VAL B 163 
E 1 GLU B 113 ? SER B 114 ? GLU B 113 SER B 114 
E 2 SER B 117 ? LEU B 118 ? SER B 117 LEU B 118 
# 
loop_
_pdbx_struct_sheet_hbond.sheet_id 
_pdbx_struct_sheet_hbond.range_id_1 
_pdbx_struct_sheet_hbond.range_id_2 
_pdbx_struct_sheet_hbond.range_1_label_atom_id 
_pdbx_struct_sheet_hbond.range_1_label_comp_id 
_pdbx_struct_sheet_hbond.range_1_label_asym_id 
_pdbx_struct_sheet_hbond.range_1_label_seq_id 
_pdbx_struct_sheet_hbond.range_1_PDB_ins_code 
_pdbx_struct_sheet_hbond.range_1_auth_atom_id 
_pdbx_struct_sheet_hbond.range_1_auth_comp_id 
_pdbx_struct_sheet_hbond.range_1_auth_asym_id 
_pdbx_struct_sheet_hbond.range_1_auth_seq_id 
_pdbx_struct_sheet_hbond.range_2_label_atom_id 
_pdbx_struct_sheet_hbond.range_2_label_comp_id 
_pdbx_struct_sheet_hbond.range_2_label_asym_id 
_pdbx_struct_sheet_hbond.range_2_label_seq_id 
_pdbx_struct_sheet_hbond.range_2_PDB_ins_code 
_pdbx_struct_sheet_hbond.range_2_auth_atom_id 
_pdbx_struct_sheet_hbond.range_2_auth_comp_id 
_pdbx_struct_sheet_hbond.range_2_auth_asym_id 
_pdbx_struct_sheet_hbond.range_2_auth_seq_id 
A 1 2 N GLU A 2   ? N GLU A 2   O VAL B 148 ? O VAL B 148 
A 2 3 O THR B 147 ? O THR B 147 N VAL A 11  ? N VAL A 11  
A 3 4 N LEU A 12  ? N LEU A 12  O ALA B 105 ? O ALA B 105 
A 4 5 O ILE B 108 ? O ILE B 108 N TRP B 10  ? N TRP B 10  
A 5 6 N CYS B 6   ? N CYS B 6   O ALA B 120 ? O ALA B 120 
B 1 2 O PHE B 52  ? O PHE B 52  N ALA B 40  ? N ALA B 40  
B 2 3 O SER B 37  ? O SER B 37  N CYS B 30  ? N CYS B 30  
B 3 4 O TYR B 31  ? O TYR B 31  N TYR B 5   ? N TYR B 5   
B 4 5 N TRP B 10  ? N TRP B 10  O ILE B 108 ? O ILE B 108 
B 5 6 O ALA B 105 ? O ALA B 105 N LEU A 12  ? N LEU A 12  
B 6 7 N VAL A 11  ? N VAL A 11  O THR B 147 ? O THR B 147 
B 7 8 N GLN B 153 ? N GLN B 153 O SER B 156 ? O SER B 156 
C 1 2 O PHE B 92  ? O PHE B 92  N GLY B 75  ? N GLY B 75  
C 2 3 O THR B 78  ? O THR B 78  N THR B 66  ? N THR B 66  
C 3 4 O ILE B 63  ? O ILE B 63  N PHE A 24  ? N PHE A 24  
C 4 5 N GLU A 23  ? N GLU A 23  O THR B 130 ? O THR B 130 
C 5 6 N SER B 136 ? N SER B 136 O SER B 139 ? O SER B 139 
D 1 2 O PHE B 92  ? O PHE B 92  N GLY B 75  ? N GLY B 75  
D 2 3 O THR B 78  ? O THR B 78  N THR B 66  ? N THR B 66  
D 3 4 O ILE B 63  ? O ILE B 63  N PHE A 24  ? N PHE A 24  
D 4 5 N GLU A 23  ? N GLU A 23  O THR B 130 ? O THR B 130 
D 5 6 N PHE B 129 ? N PHE B 129 O VAL B 168 ? O VAL B 168 
D 6 7 O THR B 169 ? O THR B 169 N SER B 162 ? N SER B 162 
E 1 2 N SER B 114 ? N SER B 114 O SER B 117 ? O SER B 117 
# 
loop_
_struct_site.id 
_struct_site.pdbx_evidence_code 
_struct_site.pdbx_auth_asym_id 
_struct_site.pdbx_auth_comp_id 
_struct_site.pdbx_auth_seq_id 
_struct_site.pdbx_auth_ins_code 
_struct_site.pdbx_num_residues 
_struct_site.details 
AC1 Software B SO4 201 ? 5 'BINDING SITE FOR RESIDUE SO4 B 201' 
AC2 Software A SO4 202 ? 4 'BINDING SITE FOR RESIDUE SO4 A 202' 
AC3 Software B SO4 203 ? 6 'BINDING SITE FOR RESIDUE SO4 B 203' 
AC4 Software B SO4 204 ? 4 'BINDING SITE FOR RESIDUE SO4 B 204' 
AC5 Software B SO4 205 ? 5 'BINDING SITE FOR RESIDUE SO4 B 205' 
# 
loop_
_struct_site_gen.id 
_struct_site_gen.site_id 
_struct_site_gen.pdbx_num_res 
_struct_site_gen.label_comp_id 
_struct_site_gen.label_asym_id 
_struct_site_gen.label_seq_id 
_struct_site_gen.pdbx_auth_ins_code 
_struct_site_gen.auth_comp_id 
_struct_site_gen.auth_asym_id 
_struct_site_gen.auth_seq_id 
_struct_site_gen.label_atom_id 
_struct_site_gen.label_alt_id 
_struct_site_gen.symmetry 
_struct_site_gen.details 
1  AC1 5 LYS A 19  ? LYS A 19  . ? 3_645 ? 
2  AC1 5 ALA A 31  ? ALA A 31  . ? 1_555 ? 
3  AC1 5 TYR B 5   ? TYR B 5   . ? 1_555 ? 
4  AC1 5 TYR B 31  ? TYR B 31  . ? 1_555 ? 
5  AC1 5 GLU B 68  ? GLU B 68  . ? 3_645 ? 
6  AC2 4 SER A 4   ? SER A 4   . ? 1_555 ? 
7  AC2 4 ASN A 6   ? ASN A 6   . ? 1_555 ? 
8  AC2 4 TRP A 7   ? TRP A 7   . ? 1_555 ? 
9  AC2 4 TYR B 48  ? TYR B 48  . ? 2_565 ? 
10 AC3 6 GLU B 19  ? GLU B 19  . ? 2_564 ? 
11 AC3 6 ASP B 28  ? ASP B 28  . ? 1_555 ? 
12 AC3 6 CYS B 30  ? CYS B 30  . ? 1_555 ? 
13 AC3 6 SER B 37  ? SER B 37  . ? 1_555 ? 
14 AC3 6 PRO B 46  ? PRO B 46  . ? 2_564 ? 
15 AC3 6 HOH I .   ? HOH B 206 . ? 1_555 ? 
16 AC4 4 ASP B 28  ? ASP B 28  . ? 2_565 ? 
17 AC4 4 PHE B 112 ? PHE B 112 . ? 2_565 ? 
18 AC4 4 HOH I .   ? HOH B 281 . ? 2_565 ? 
19 AC4 4 HOH I .   ? HOH B 282 . ? 2_565 ? 
20 AC5 5 LYS B 64  ? LYS B 64  . ? 1_555 ? 
21 AC5 5 GLU B 80  ? GLU B 80  . ? 1_555 ? 
22 AC5 5 SER B 164 ? SER B 164 . ? 2_664 ? 
23 AC5 5 GLY B 165 ? GLY B 165 . ? 2_664 ? 
24 AC5 5 HOH I .   ? HOH B 254 . ? 1_555 ? 
# 
_pdbx_entry_details.entry_id                   1Y43 
_pdbx_entry_details.compound_details           ? 
_pdbx_entry_details.source_details             ? 
_pdbx_entry_details.nonpolymer_details         ? 
_pdbx_entry_details.sequence_details           ? 
_pdbx_entry_details.has_ligand_of_interest     ? 
_pdbx_entry_details.has_protein_modification   Y 
# 
loop_
_pdbx_validate_torsion.id 
_pdbx_validate_torsion.PDB_model_num 
_pdbx_validate_torsion.auth_comp_id 
_pdbx_validate_torsion.auth_asym_id 
_pdbx_validate_torsion.auth_seq_id 
_pdbx_validate_torsion.PDB_ins_code 
_pdbx_validate_torsion.label_alt_id 
_pdbx_validate_torsion.phi 
_pdbx_validate_torsion.psi 
1 1 ASP B 14  ? ? 71.65   -179.96 
2 1 ASP B 16  ? ? -98.08  -64.80  
3 1 ASP B 33  ? ? 37.63   67.46   
4 1 ASP B 54  ? ? -98.38  32.62   
5 1 SER B 117 ? ? -149.50 -141.22 
6 1 ASP B 166 ? ? -141.98 13.05   
# 
loop_
_pdbx_unobs_or_zero_occ_residues.id 
_pdbx_unobs_or_zero_occ_residues.PDB_model_num 
_pdbx_unobs_or_zero_occ_residues.polymer_flag 
_pdbx_unobs_or_zero_occ_residues.occupancy_flag 
_pdbx_unobs_or_zero_occ_residues.auth_asym_id 
_pdbx_unobs_or_zero_occ_residues.auth_comp_id 
_pdbx_unobs_or_zero_occ_residues.auth_seq_id 
_pdbx_unobs_or_zero_occ_residues.PDB_ins_code 
_pdbx_unobs_or_zero_occ_residues.label_asym_id 
_pdbx_unobs_or_zero_occ_residues.label_comp_id 
_pdbx_unobs_or_zero_occ_residues.label_seq_id 
1 1 Y 1 A SER 33 ? A SER 33 
2 1 Y 1 A SER 34 ? A SER 34 
3 1 Y 1 A GLY 35 ? A GLY 35 
4 1 Y 1 A SER 36 ? A SER 36 
5 1 Y 1 A SER 37 ? A SER 37 
6 1 Y 1 A GLY 38 ? A GLY 38 
7 1 Y 1 A TYR 39 ? A TYR 39 
8 1 Y 1 B GLN 1  ? B GLN 1  
9 1 Y 1 B SER 2  ? B SER 2  
# 
loop_
_chem_comp_atom.comp_id 
_chem_comp_atom.atom_id 
_chem_comp_atom.type_symbol 
_chem_comp_atom.pdbx_aromatic_flag 
_chem_comp_atom.pdbx_stereo_config 
_chem_comp_atom.pdbx_ordinal 
ALA N    N N N 1   
ALA CA   C N S 2   
ALA C    C N N 3   
ALA O    O N N 4   
ALA CB   C N N 5   
ALA OXT  O N N 6   
ALA H    H N N 7   
ALA H2   H N N 8   
ALA HA   H N N 9   
ALA HB1  H N N 10  
ALA HB2  H N N 11  
ALA HB3  H N N 12  
ALA HXT  H N N 13  
ASN N    N N N 14  
ASN CA   C N S 15  
ASN C    C N N 16  
ASN O    O N N 17  
ASN CB   C N N 18  
ASN CG   C N N 19  
ASN OD1  O N N 20  
ASN ND2  N N N 21  
ASN OXT  O N N 22  
ASN H    H N N 23  
ASN H2   H N N 24  
ASN HA   H N N 25  
ASN HB2  H N N 26  
ASN HB3  H N N 27  
ASN HD21 H N N 28  
ASN HD22 H N N 29  
ASN HXT  H N N 30  
ASP N    N N N 31  
ASP CA   C N S 32  
ASP C    C N N 33  
ASP O    O N N 34  
ASP CB   C N N 35  
ASP CG   C N N 36  
ASP OD1  O N N 37  
ASP OD2  O N N 38  
ASP OXT  O N N 39  
ASP H    H N N 40  
ASP H2   H N N 41  
ASP HA   H N N 42  
ASP HB2  H N N 43  
ASP HB3  H N N 44  
ASP HD2  H N N 45  
ASP HXT  H N N 46  
CYS N    N N N 47  
CYS CA   C N R 48  
CYS C    C N N 49  
CYS O    O N N 50  
CYS CB   C N N 51  
CYS SG   S N N 52  
CYS OXT  O N N 53  
CYS H    H N N 54  
CYS H2   H N N 55  
CYS HA   H N N 56  
CYS HB2  H N N 57  
CYS HB3  H N N 58  
CYS HG   H N N 59  
CYS HXT  H N N 60  
GLN N    N N N 61  
GLN CA   C N S 62  
GLN C    C N N 63  
GLN O    O N N 64  
GLN CB   C N N 65  
GLN CG   C N N 66  
GLN CD   C N N 67  
GLN OE1  O N N 68  
GLN NE2  N N N 69  
GLN OXT  O N N 70  
GLN H    H N N 71  
GLN H2   H N N 72  
GLN HA   H N N 73  
GLN HB2  H N N 74  
GLN HB3  H N N 75  
GLN HG2  H N N 76  
GLN HG3  H N N 77  
GLN HE21 H N N 78  
GLN HE22 H N N 79  
GLN HXT  H N N 80  
GLU N    N N N 81  
GLU CA   C N S 82  
GLU C    C N N 83  
GLU O    O N N 84  
GLU CB   C N N 85  
GLU CG   C N N 86  
GLU CD   C N N 87  
GLU OE1  O N N 88  
GLU OE2  O N N 89  
GLU OXT  O N N 90  
GLU H    H N N 91  
GLU H2   H N N 92  
GLU HA   H N N 93  
GLU HB2  H N N 94  
GLU HB3  H N N 95  
GLU HG2  H N N 96  
GLU HG3  H N N 97  
GLU HE2  H N N 98  
GLU HXT  H N N 99  
GLY N    N N N 100 
GLY CA   C N N 101 
GLY C    C N N 102 
GLY O    O N N 103 
GLY OXT  O N N 104 
GLY H    H N N 105 
GLY H2   H N N 106 
GLY HA2  H N N 107 
GLY HA3  H N N 108 
GLY HXT  H N N 109 
HIS N    N N N 110 
HIS CA   C N S 111 
HIS C    C N N 112 
HIS O    O N N 113 
HIS CB   C N N 114 
HIS CG   C Y N 115 
HIS ND1  N Y N 116 
HIS CD2  C Y N 117 
HIS CE1  C Y N 118 
HIS NE2  N Y N 119 
HIS OXT  O N N 120 
HIS H    H N N 121 
HIS H2   H N N 122 
HIS HA   H N N 123 
HIS HB2  H N N 124 
HIS HB3  H N N 125 
HIS HD1  H N N 126 
HIS HD2  H N N 127 
HIS HE1  H N N 128 
HIS HE2  H N N 129 
HIS HXT  H N N 130 
HOH O    O N N 131 
HOH H1   H N N 132 
HOH H2   H N N 133 
ILE N    N N N 134 
ILE CA   C N S 135 
ILE C    C N N 136 
ILE O    O N N 137 
ILE CB   C N S 138 
ILE CG1  C N N 139 
ILE CG2  C N N 140 
ILE CD1  C N N 141 
ILE OXT  O N N 142 
ILE H    H N N 143 
ILE H2   H N N 144 
ILE HA   H N N 145 
ILE HB   H N N 146 
ILE HG12 H N N 147 
ILE HG13 H N N 148 
ILE HG21 H N N 149 
ILE HG22 H N N 150 
ILE HG23 H N N 151 
ILE HD11 H N N 152 
ILE HD12 H N N 153 
ILE HD13 H N N 154 
ILE HXT  H N N 155 
LEU N    N N N 156 
LEU CA   C N S 157 
LEU C    C N N 158 
LEU O    O N N 159 
LEU CB   C N N 160 
LEU CG   C N N 161 
LEU CD1  C N N 162 
LEU CD2  C N N 163 
LEU OXT  O N N 164 
LEU H    H N N 165 
LEU H2   H N N 166 
LEU HA   H N N 167 
LEU HB2  H N N 168 
LEU HB3  H N N 169 
LEU HG   H N N 170 
LEU HD11 H N N 171 
LEU HD12 H N N 172 
LEU HD13 H N N 173 
LEU HD21 H N N 174 
LEU HD22 H N N 175 
LEU HD23 H N N 176 
LEU HXT  H N N 177 
LYS N    N N N 178 
LYS CA   C N S 179 
LYS C    C N N 180 
LYS O    O N N 181 
LYS CB   C N N 182 
LYS CG   C N N 183 
LYS CD   C N N 184 
LYS CE   C N N 185 
LYS NZ   N N N 186 
LYS OXT  O N N 187 
LYS H    H N N 188 
LYS H2   H N N 189 
LYS HA   H N N 190 
LYS HB2  H N N 191 
LYS HB3  H N N 192 
LYS HG2  H N N 193 
LYS HG3  H N N 194 
LYS HD2  H N N 195 
LYS HD3  H N N 196 
LYS HE2  H N N 197 
LYS HE3  H N N 198 
LYS HZ1  H N N 199 
LYS HZ2  H N N 200 
LYS HZ3  H N N 201 
LYS HXT  H N N 202 
MET N    N N N 203 
MET CA   C N S 204 
MET C    C N N 205 
MET O    O N N 206 
MET CB   C N N 207 
MET CG   C N N 208 
MET SD   S N N 209 
MET CE   C N N 210 
MET OXT  O N N 211 
MET H    H N N 212 
MET H2   H N N 213 
MET HA   H N N 214 
MET HB2  H N N 215 
MET HB3  H N N 216 
MET HG2  H N N 217 
MET HG3  H N N 218 
MET HE1  H N N 219 
MET HE2  H N N 220 
MET HE3  H N N 221 
MET HXT  H N N 222 
PHE N    N N N 223 
PHE CA   C N S 224 
PHE C    C N N 225 
PHE O    O N N 226 
PHE CB   C N N 227 
PHE CG   C Y N 228 
PHE CD1  C Y N 229 
PHE CD2  C Y N 230 
PHE CE1  C Y N 231 
PHE CE2  C Y N 232 
PHE CZ   C Y N 233 
PHE OXT  O N N 234 
PHE H    H N N 235 
PHE H2   H N N 236 
PHE HA   H N N 237 
PHE HB2  H N N 238 
PHE HB3  H N N 239 
PHE HD1  H N N 240 
PHE HD2  H N N 241 
PHE HE1  H N N 242 
PHE HE2  H N N 243 
PHE HZ   H N N 244 
PHE HXT  H N N 245 
PRO N    N N N 246 
PRO CA   C N S 247 
PRO C    C N N 248 
PRO O    O N N 249 
PRO CB   C N N 250 
PRO CG   C N N 251 
PRO CD   C N N 252 
PRO OXT  O N N 253 
PRO H    H N N 254 
PRO HA   H N N 255 
PRO HB2  H N N 256 
PRO HB3  H N N 257 
PRO HG2  H N N 258 
PRO HG3  H N N 259 
PRO HD2  H N N 260 
PRO HD3  H N N 261 
PRO HXT  H N N 262 
SER N    N N N 263 
SER CA   C N S 264 
SER C    C N N 265 
SER O    O N N 266 
SER CB   C N N 267 
SER OG   O N N 268 
SER OXT  O N N 269 
SER H    H N N 270 
SER H2   H N N 271 
SER HA   H N N 272 
SER HB2  H N N 273 
SER HB3  H N N 274 
SER HG   H N N 275 
SER HXT  H N N 276 
SO4 S    S N N 277 
SO4 O1   O N N 278 
SO4 O2   O N N 279 
SO4 O3   O N N 280 
SO4 O4   O N N 281 
THR N    N N N 282 
THR CA   C N S 283 
THR C    C N N 284 
THR O    O N N 285 
THR CB   C N R 286 
THR OG1  O N N 287 
THR CG2  C N N 288 
THR OXT  O N N 289 
THR H    H N N 290 
THR H2   H N N 291 
THR HA   H N N 292 
THR HB   H N N 293 
THR HG1  H N N 294 
THR HG21 H N N 295 
THR HG22 H N N 296 
THR HG23 H N N 297 
THR HXT  H N N 298 
TRP N    N N N 299 
TRP CA   C N S 300 
TRP C    C N N 301 
TRP O    O N N 302 
TRP CB   C N N 303 
TRP CG   C Y N 304 
TRP CD1  C Y N 305 
TRP CD2  C Y N 306 
TRP NE1  N Y N 307 
TRP CE2  C Y N 308 
TRP CE3  C Y N 309 
TRP CZ2  C Y N 310 
TRP CZ3  C Y N 311 
TRP CH2  C Y N 312 
TRP OXT  O N N 313 
TRP H    H N N 314 
TRP H2   H N N 315 
TRP HA   H N N 316 
TRP HB2  H N N 317 
TRP HB3  H N N 318 
TRP HD1  H N N 319 
TRP HE1  H N N 320 
TRP HE3  H N N 321 
TRP HZ2  H N N 322 
TRP HZ3  H N N 323 
TRP HH2  H N N 324 
TRP HXT  H N N 325 
TYR N    N N N 326 
TYR CA   C N S 327 
TYR C    C N N 328 
TYR O    O N N 329 
TYR CB   C N N 330 
TYR CG   C Y N 331 
TYR CD1  C Y N 332 
TYR CD2  C Y N 333 
TYR CE1  C Y N 334 
TYR CE2  C Y N 335 
TYR CZ   C Y N 336 
TYR OH   O N N 337 
TYR OXT  O N N 338 
TYR H    H N N 339 
TYR H2   H N N 340 
TYR HA   H N N 341 
TYR HB2  H N N 342 
TYR HB3  H N N 343 
TYR HD1  H N N 344 
TYR HD2  H N N 345 
TYR HE1  H N N 346 
TYR HE2  H N N 347 
TYR HH   H N N 348 
TYR HXT  H N N 349 
VAL N    N N N 350 
VAL CA   C N S 351 
VAL C    C N N 352 
VAL O    O N N 353 
VAL CB   C N N 354 
VAL CG1  C N N 355 
VAL CG2  C N N 356 
VAL OXT  O N N 357 
VAL H    H N N 358 
VAL H2   H N N 359 
VAL HA   H N N 360 
VAL HB   H N N 361 
VAL HG11 H N N 362 
VAL HG12 H N N 363 
VAL HG13 H N N 364 
VAL HG21 H N N 365 
VAL HG22 H N N 366 
VAL HG23 H N N 367 
VAL HXT  H N N 368 
# 
loop_
_chem_comp_bond.comp_id 
_chem_comp_bond.atom_id_1 
_chem_comp_bond.atom_id_2 
_chem_comp_bond.value_order 
_chem_comp_bond.pdbx_aromatic_flag 
_chem_comp_bond.pdbx_stereo_config 
_chem_comp_bond.pdbx_ordinal 
ALA N   CA   sing N N 1   
ALA N   H    sing N N 2   
ALA N   H2   sing N N 3   
ALA CA  C    sing N N 4   
ALA CA  CB   sing N N 5   
ALA CA  HA   sing N N 6   
ALA C   O    doub N N 7   
ALA C   OXT  sing N N 8   
ALA CB  HB1  sing N N 9   
ALA CB  HB2  sing N N 10  
ALA CB  HB3  sing N N 11  
ALA OXT HXT  sing N N 12  
ASN N   CA   sing N N 13  
ASN N   H    sing N N 14  
ASN N   H2   sing N N 15  
ASN CA  C    sing N N 16  
ASN CA  CB   sing N N 17  
ASN CA  HA   sing N N 18  
ASN C   O    doub N N 19  
ASN C   OXT  sing N N 20  
ASN CB  CG   sing N N 21  
ASN CB  HB2  sing N N 22  
ASN CB  HB3  sing N N 23  
ASN CG  OD1  doub N N 24  
ASN CG  ND2  sing N N 25  
ASN ND2 HD21 sing N N 26  
ASN ND2 HD22 sing N N 27  
ASN OXT HXT  sing N N 28  
ASP N   CA   sing N N 29  
ASP N   H    sing N N 30  
ASP N   H2   sing N N 31  
ASP CA  C    sing N N 32  
ASP CA  CB   sing N N 33  
ASP CA  HA   sing N N 34  
ASP C   O    doub N N 35  
ASP C   OXT  sing N N 36  
ASP CB  CG   sing N N 37  
ASP CB  HB2  sing N N 38  
ASP CB  HB3  sing N N 39  
ASP CG  OD1  doub N N 40  
ASP CG  OD2  sing N N 41  
ASP OD2 HD2  sing N N 42  
ASP OXT HXT  sing N N 43  
CYS N   CA   sing N N 44  
CYS N   H    sing N N 45  
CYS N   H2   sing N N 46  
CYS CA  C    sing N N 47  
CYS CA  CB   sing N N 48  
CYS CA  HA   sing N N 49  
CYS C   O    doub N N 50  
CYS C   OXT  sing N N 51  
CYS CB  SG   sing N N 52  
CYS CB  HB2  sing N N 53  
CYS CB  HB3  sing N N 54  
CYS SG  HG   sing N N 55  
CYS OXT HXT  sing N N 56  
GLN N   CA   sing N N 57  
GLN N   H    sing N N 58  
GLN N   H2   sing N N 59  
GLN CA  C    sing N N 60  
GLN CA  CB   sing N N 61  
GLN CA  HA   sing N N 62  
GLN C   O    doub N N 63  
GLN C   OXT  sing N N 64  
GLN CB  CG   sing N N 65  
GLN CB  HB2  sing N N 66  
GLN CB  HB3  sing N N 67  
GLN CG  CD   sing N N 68  
GLN CG  HG2  sing N N 69  
GLN CG  HG3  sing N N 70  
GLN CD  OE1  doub N N 71  
GLN CD  NE2  sing N N 72  
GLN NE2 HE21 sing N N 73  
GLN NE2 HE22 sing N N 74  
GLN OXT HXT  sing N N 75  
GLU N   CA   sing N N 76  
GLU N   H    sing N N 77  
GLU N   H2   sing N N 78  
GLU CA  C    sing N N 79  
GLU CA  CB   sing N N 80  
GLU CA  HA   sing N N 81  
GLU C   O    doub N N 82  
GLU C   OXT  sing N N 83  
GLU CB  CG   sing N N 84  
GLU CB  HB2  sing N N 85  
GLU CB  HB3  sing N N 86  
GLU CG  CD   sing N N 87  
GLU CG  HG2  sing N N 88  
GLU CG  HG3  sing N N 89  
GLU CD  OE1  doub N N 90  
GLU CD  OE2  sing N N 91  
GLU OE2 HE2  sing N N 92  
GLU OXT HXT  sing N N 93  
GLY N   CA   sing N N 94  
GLY N   H    sing N N 95  
GLY N   H2   sing N N 96  
GLY CA  C    sing N N 97  
GLY CA  HA2  sing N N 98  
GLY CA  HA3  sing N N 99  
GLY C   O    doub N N 100 
GLY C   OXT  sing N N 101 
GLY OXT HXT  sing N N 102 
HIS N   CA   sing N N 103 
HIS N   H    sing N N 104 
HIS N   H2   sing N N 105 
HIS CA  C    sing N N 106 
HIS CA  CB   sing N N 107 
HIS CA  HA   sing N N 108 
HIS C   O    doub N N 109 
HIS C   OXT  sing N N 110 
HIS CB  CG   sing N N 111 
HIS CB  HB2  sing N N 112 
HIS CB  HB3  sing N N 113 
HIS CG  ND1  sing Y N 114 
HIS CG  CD2  doub Y N 115 
HIS ND1 CE1  doub Y N 116 
HIS ND1 HD1  sing N N 117 
HIS CD2 NE2  sing Y N 118 
HIS CD2 HD2  sing N N 119 
HIS CE1 NE2  sing Y N 120 
HIS CE1 HE1  sing N N 121 
HIS NE2 HE2  sing N N 122 
HIS OXT HXT  sing N N 123 
HOH O   H1   sing N N 124 
HOH O   H2   sing N N 125 
ILE N   CA   sing N N 126 
ILE N   H    sing N N 127 
ILE N   H2   sing N N 128 
ILE CA  C    sing N N 129 
ILE CA  CB   sing N N 130 
ILE CA  HA   sing N N 131 
ILE C   O    doub N N 132 
ILE C   OXT  sing N N 133 
ILE CB  CG1  sing N N 134 
ILE CB  CG2  sing N N 135 
ILE CB  HB   sing N N 136 
ILE CG1 CD1  sing N N 137 
ILE CG1 HG12 sing N N 138 
ILE CG1 HG13 sing N N 139 
ILE CG2 HG21 sing N N 140 
ILE CG2 HG22 sing N N 141 
ILE CG2 HG23 sing N N 142 
ILE CD1 HD11 sing N N 143 
ILE CD1 HD12 sing N N 144 
ILE CD1 HD13 sing N N 145 
ILE OXT HXT  sing N N 146 
LEU N   CA   sing N N 147 
LEU N   H    sing N N 148 
LEU N   H2   sing N N 149 
LEU CA  C    sing N N 150 
LEU CA  CB   sing N N 151 
LEU CA  HA   sing N N 152 
LEU C   O    doub N N 153 
LEU C   OXT  sing N N 154 
LEU CB  CG   sing N N 155 
LEU CB  HB2  sing N N 156 
LEU CB  HB3  sing N N 157 
LEU CG  CD1  sing N N 158 
LEU CG  CD2  sing N N 159 
LEU CG  HG   sing N N 160 
LEU CD1 HD11 sing N N 161 
LEU CD1 HD12 sing N N 162 
LEU CD1 HD13 sing N N 163 
LEU CD2 HD21 sing N N 164 
LEU CD2 HD22 sing N N 165 
LEU CD2 HD23 sing N N 166 
LEU OXT HXT  sing N N 167 
LYS N   CA   sing N N 168 
LYS N   H    sing N N 169 
LYS N   H2   sing N N 170 
LYS CA  C    sing N N 171 
LYS CA  CB   sing N N 172 
LYS CA  HA   sing N N 173 
LYS C   O    doub N N 174 
LYS C   OXT  sing N N 175 
LYS CB  CG   sing N N 176 
LYS CB  HB2  sing N N 177 
LYS CB  HB3  sing N N 178 
LYS CG  CD   sing N N 179 
LYS CG  HG2  sing N N 180 
LYS CG  HG3  sing N N 181 
LYS CD  CE   sing N N 182 
LYS CD  HD2  sing N N 183 
LYS CD  HD3  sing N N 184 
LYS CE  NZ   sing N N 185 
LYS CE  HE2  sing N N 186 
LYS CE  HE3  sing N N 187 
LYS NZ  HZ1  sing N N 188 
LYS NZ  HZ2  sing N N 189 
LYS NZ  HZ3  sing N N 190 
LYS OXT HXT  sing N N 191 
MET N   CA   sing N N 192 
MET N   H    sing N N 193 
MET N   H2   sing N N 194 
MET CA  C    sing N N 195 
MET CA  CB   sing N N 196 
MET CA  HA   sing N N 197 
MET C   O    doub N N 198 
MET C   OXT  sing N N 199 
MET CB  CG   sing N N 200 
MET CB  HB2  sing N N 201 
MET CB  HB3  sing N N 202 
MET CG  SD   sing N N 203 
MET CG  HG2  sing N N 204 
MET CG  HG3  sing N N 205 
MET SD  CE   sing N N 206 
MET CE  HE1  sing N N 207 
MET CE  HE2  sing N N 208 
MET CE  HE3  sing N N 209 
MET OXT HXT  sing N N 210 
PHE N   CA   sing N N 211 
PHE N   H    sing N N 212 
PHE N   H2   sing N N 213 
PHE CA  C    sing N N 214 
PHE CA  CB   sing N N 215 
PHE CA  HA   sing N N 216 
PHE C   O    doub N N 217 
PHE C   OXT  sing N N 218 
PHE CB  CG   sing N N 219 
PHE CB  HB2  sing N N 220 
PHE CB  HB3  sing N N 221 
PHE CG  CD1  doub Y N 222 
PHE CG  CD2  sing Y N 223 
PHE CD1 CE1  sing Y N 224 
PHE CD1 HD1  sing N N 225 
PHE CD2 CE2  doub Y N 226 
PHE CD2 HD2  sing N N 227 
PHE CE1 CZ   doub Y N 228 
PHE CE1 HE1  sing N N 229 
PHE CE2 CZ   sing Y N 230 
PHE CE2 HE2  sing N N 231 
PHE CZ  HZ   sing N N 232 
PHE OXT HXT  sing N N 233 
PRO N   CA   sing N N 234 
PRO N   CD   sing N N 235 
PRO N   H    sing N N 236 
PRO CA  C    sing N N 237 
PRO CA  CB   sing N N 238 
PRO CA  HA   sing N N 239 
PRO C   O    doub N N 240 
PRO C   OXT  sing N N 241 
PRO CB  CG   sing N N 242 
PRO CB  HB2  sing N N 243 
PRO CB  HB3  sing N N 244 
PRO CG  CD   sing N N 245 
PRO CG  HG2  sing N N 246 
PRO CG  HG3  sing N N 247 
PRO CD  HD2  sing N N 248 
PRO CD  HD3  sing N N 249 
PRO OXT HXT  sing N N 250 
SER N   CA   sing N N 251 
SER N   H    sing N N 252 
SER N   H2   sing N N 253 
SER CA  C    sing N N 254 
SER CA  CB   sing N N 255 
SER CA  HA   sing N N 256 
SER C   O    doub N N 257 
SER C   OXT  sing N N 258 
SER CB  OG   sing N N 259 
SER CB  HB2  sing N N 260 
SER CB  HB3  sing N N 261 
SER OG  HG   sing N N 262 
SER OXT HXT  sing N N 263 
SO4 S   O1   doub N N 264 
SO4 S   O2   doub N N 265 
SO4 S   O3   sing N N 266 
SO4 S   O4   sing N N 267 
THR N   CA   sing N N 268 
THR N   H    sing N N 269 
THR N   H2   sing N N 270 
THR CA  C    sing N N 271 
THR CA  CB   sing N N 272 
THR CA  HA   sing N N 273 
THR C   O    doub N N 274 
THR C   OXT  sing N N 275 
THR CB  OG1  sing N N 276 
THR CB  CG2  sing N N 277 
THR CB  HB   sing N N 278 
THR OG1 HG1  sing N N 279 
THR CG2 HG21 sing N N 280 
THR CG2 HG22 sing N N 281 
THR CG2 HG23 sing N N 282 
THR OXT HXT  sing N N 283 
TRP N   CA   sing N N 284 
TRP N   H    sing N N 285 
TRP N   H2   sing N N 286 
TRP CA  C    sing N N 287 
TRP CA  CB   sing N N 288 
TRP CA  HA   sing N N 289 
TRP C   O    doub N N 290 
TRP C   OXT  sing N N 291 
TRP CB  CG   sing N N 292 
TRP CB  HB2  sing N N 293 
TRP CB  HB3  sing N N 294 
TRP CG  CD1  doub Y N 295 
TRP CG  CD2  sing Y N 296 
TRP CD1 NE1  sing Y N 297 
TRP CD1 HD1  sing N N 298 
TRP CD2 CE2  doub Y N 299 
TRP CD2 CE3  sing Y N 300 
TRP NE1 CE2  sing Y N 301 
TRP NE1 HE1  sing N N 302 
TRP CE2 CZ2  sing Y N 303 
TRP CE3 CZ3  doub Y N 304 
TRP CE3 HE3  sing N N 305 
TRP CZ2 CH2  doub Y N 306 
TRP CZ2 HZ2  sing N N 307 
TRP CZ3 CH2  sing Y N 308 
TRP CZ3 HZ3  sing N N 309 
TRP CH2 HH2  sing N N 310 
TRP OXT HXT  sing N N 311 
TYR N   CA   sing N N 312 
TYR N   H    sing N N 313 
TYR N   H2   sing N N 314 
TYR CA  C    sing N N 315 
TYR CA  CB   sing N N 316 
TYR CA  HA   sing N N 317 
TYR C   O    doub N N 318 
TYR C   OXT  sing N N 319 
TYR CB  CG   sing N N 320 
TYR CB  HB2  sing N N 321 
TYR CB  HB3  sing N N 322 
TYR CG  CD1  doub Y N 323 
TYR CG  CD2  sing Y N 324 
TYR CD1 CE1  sing Y N 325 
TYR CD1 HD1  sing N N 326 
TYR CD2 CE2  doub Y N 327 
TYR CD2 HD2  sing N N 328 
TYR CE1 CZ   doub Y N 329 
TYR CE1 HE1  sing N N 330 
TYR CE2 CZ   sing Y N 331 
TYR CE2 HE2  sing N N 332 
TYR CZ  OH   sing N N 333 
TYR OH  HH   sing N N 334 
TYR OXT HXT  sing N N 335 
VAL N   CA   sing N N 336 
VAL N   H    sing N N 337 
VAL N   H2   sing N N 338 
VAL CA  C    sing N N 339 
VAL CA  CB   sing N N 340 
VAL CA  HA   sing N N 341 
VAL C   O    doub N N 342 
VAL C   OXT  sing N N 343 
VAL CB  CG1  sing N N 344 
VAL CB  CG2  sing N N 345 
VAL CB  HB   sing N N 346 
VAL CG1 HG11 sing N N 347 
VAL CG1 HG12 sing N N 348 
VAL CG1 HG13 sing N N 349 
VAL CG2 HG21 sing N N 350 
VAL CG2 HG22 sing N N 351 
VAL CG2 HG23 sing N N 352 
VAL OXT HXT  sing N N 353 
# 
_atom_sites.entry_id                    1Y43 
_atom_sites.fract_transf_matrix[1][1]   -0.00562603 
_atom_sites.fract_transf_matrix[1][2]   0.01505709 
_atom_sites.fract_transf_matrix[1][3]   0.00842722 
_atom_sites.fract_transf_matrix[2][1]   0.00350540 
_atom_sites.fract_transf_matrix[2][2]   -0.00567165 
_atom_sites.fract_transf_matrix[2][3]   0.01247386 
_atom_sites.fract_transf_matrix[3][1]   0.02396555 
_atom_sites.fract_transf_matrix[3][2]   0.01014286 
_atom_sites.fract_transf_matrix[3][3]   -0.00212301 
_atom_sites.fract_transf_vector[1]      0.464211 
_atom_sites.fract_transf_vector[2]      0.473036 
_atom_sites.fract_transf_vector[3]      0.426369 
# 
loop_
_atom_type.symbol 
C 
N 
O 
S 
# 
loop_
_atom_site.group_PDB 
_atom_site.id 
_atom_site.type_symbol 
_atom_site.label_atom_id 
_atom_site.label_alt_id 
_atom_site.label_comp_id 
_atom_site.label_asym_id 
_atom_site.label_entity_id 
_atom_site.label_seq_id 
_atom_site.pdbx_PDB_ins_code 
_atom_site.Cartn_x 
_atom_site.Cartn_y 
_atom_site.Cartn_z 
_atom_site.occupancy 
_atom_site.B_iso_or_equiv 
_atom_site.pdbx_formal_charge 
_atom_site.auth_seq_id 
_atom_site.auth_comp_id 
_atom_site.auth_asym_id 
_atom_site.auth_atom_id 
_atom_site.pdbx_PDB_model_num 
ATOM   1    N N   . GLU A 1 1   ? 12.589  12.947  -7.967  1.00 35.61 ? 1   GLU A N   1 
ATOM   2    C CA  . GLU A 1 1   ? 11.846  11.664  -7.754  1.00 35.59 ? 1   GLU A CA  1 
ATOM   3    C C   . GLU A 1 1   ? 12.695  10.475  -8.194  1.00 34.18 ? 1   GLU A C   1 
ATOM   4    O O   . GLU A 1 1   ? 13.725  10.640  -8.856  1.00 34.77 ? 1   GLU A O   1 
ATOM   5    C CB  . GLU A 1 1   ? 10.552  11.640  -8.582  1.00 37.54 ? 1   GLU A CB  1 
ATOM   6    C CG  . GLU A 1 1   ? 9.541   12.752  -8.308  1.00 40.25 ? 1   GLU A CG  1 
ATOM   7    C CD  . GLU A 1 1   ? 8.248   12.576  -9.108  1.00 42.78 ? 1   GLU A CD  1 
ATOM   8    O OE1 . GLU A 1 1   ? 8.294   11.941  -10.196 1.00 43.06 ? 1   GLU A OE1 1 
ATOM   9    O OE2 . GLU A 1 1   ? 7.181   13.065  -8.639  1.00 42.70 ? 1   GLU A OE2 1 
ATOM   10   N N   . GLU A 1 2   ? 12.210  9.280   -7.875  1.00 31.01 ? 2   GLU A N   1 
ATOM   11   C CA  . GLU A 1 2   ? 12.866  8.024   -8.234  1.00 28.39 ? 2   GLU A CA  1 
ATOM   12   C C   . GLU A 1 2   ? 11.823  7.220   -9.004  1.00 25.19 ? 2   GLU A C   1 
ATOM   13   O O   . GLU A 1 2   ? 10.642  7.226   -8.637  1.00 23.85 ? 2   GLU A O   1 
ATOM   14   C CB  . GLU A 1 2   ? 13.261  7.253   -6.973  1.00 30.35 ? 2   GLU A CB  1 
ATOM   15   C CG  . GLU A 1 2   ? 14.620  7.623   -6.387  1.00 35.25 ? 2   GLU A CG  1 
ATOM   16   C CD  . GLU A 1 2   ? 15.758  6.762   -6.937  1.00 38.93 ? 2   GLU A CD  1 
ATOM   17   O OE1 . GLU A 1 2   ? 15.490  5.643   -7.455  1.00 40.86 ? 2   GLU A OE1 1 
ATOM   18   O OE2 . GLU A 1 2   ? 16.932  7.203   -6.850  1.00 40.53 ? 2   GLU A OE2 1 
ATOM   19   N N   . TYR A 1 3   ? 12.227  6.627   -10.132 1.00 21.57 ? 3   TYR A N   1 
ATOM   20   C CA  . TYR A 1 3   ? 11.309  5.821   -10.922 1.00 18.77 ? 3   TYR A CA  1 
ATOM   21   C C   . TYR A 1 3   ? 11.522  4.359   -10.638 1.00 15.17 ? 3   TYR A C   1 
ATOM   22   O O   . TYR A 1 3   ? 12.624  3.949   -10.240 1.00 14.85 ? 3   TYR A O   1 
ATOM   23   C CB  . TYR A 1 3   ? 11.495  6.060   -12.421 1.00 21.05 ? 3   TYR A CB  1 
ATOM   24   C CG  . TYR A 1 3   ? 11.042  7.427   -12.868 1.00 25.22 ? 3   TYR A CG  1 
ATOM   25   C CD1 . TYR A 1 3   ? 9.682   7.713   -13.053 1.00 26.17 ? 3   TYR A CD1 1 
ATOM   26   C CD2 . TYR A 1 3   ? 11.966  8.458   -13.057 1.00 26.82 ? 3   TYR A CD2 1 
ATOM   27   C CE1 . TYR A 1 3   ? 9.261   8.994   -13.413 1.00 28.13 ? 3   TYR A CE1 1 
ATOM   28   C CE2 . TYR A 1 3   ? 11.554  9.737   -13.411 1.00 28.53 ? 3   TYR A CE2 1 
ATOM   29   C CZ  . TYR A 1 3   ? 10.202  10.002  -13.582 1.00 29.47 ? 3   TYR A CZ  1 
ATOM   30   O OH  . TYR A 1 3   ? 9.806   11.285  -13.897 1.00 32.48 ? 3   TYR A OH  1 
ATOM   31   N N   . SER A 1 4   ? 10.460  3.595   -10.773 1.00 11.61 ? 4   SER A N   1 
ATOM   32   C CA  . SER A 1 4   ? 10.518  2.154   -10.588 1.00 10.14 ? 4   SER A CA  1 
ATOM   33   C C   . SER A 1 4   ? 9.459   1.616   -11.525 1.00 9.58  ? 4   SER A C   1 
ATOM   34   O O   . SER A 1 4   ? 8.660   2.364   -12.086 1.00 8.94  ? 4   SER A O   1 
ATOM   35   C CB  . SER A 1 4   ? 10.258  1.760   -9.124  1.00 10.02 ? 4   SER A CB  1 
ATOM   36   O OG  . SER A 1 4   ? 8.875   1.737   -8.811  1.00 8.82  ? 4   SER A OG  1 
ATOM   37   N N   . SER A 1 5   ? 9.495   0.308   -11.774 1.00 9.30  ? 5   SER A N   1 
ATOM   38   C CA  . SER A 1 5   ? 8.518   -0.313  -12.661 1.00 9.25  ? 5   SER A CA  1 
ATOM   39   C C   . SER A 1 5   ? 7.203   -0.617  -11.960 1.00 8.59  ? 5   SER A C   1 
ATOM   40   O O   . SER A 1 5   ? 6.174   -0.765  -12.620 1.00 9.61  ? 5   SER A O   1 
ATOM   41   C CB  . SER A 1 5   ? 9.050   -1.680  -13.149 1.00 10.73 ? 5   SER A CB  1 
ATOM   42   O OG  . SER A 1 5   ? 10.416  -1.630  -13.556 1.00 16.04 ? 5   SER A OG  1 
ATOM   43   N N   . ASN A 1 6   ? 7.259   -0.741  -10.636 1.00 6.57  ? 6   ASN A N   1 
ATOM   44   C CA  . ASN A 1 6   ? 6.085   -1.198  -9.901  1.00 7.09  ? 6   ASN A CA  1 
ATOM   45   C C   . ASN A 1 6   ? 5.548   -0.364  -8.737  1.00 6.31  ? 6   ASN A C   1 
ATOM   46   O O   . ASN A 1 6   ? 4.387   -0.554  -8.374  1.00 6.22  ? 6   ASN A O   1 
ATOM   47   C CB  . ASN A 1 6   ? 6.374   -2.596  -9.394  1.00 7.98  ? 6   ASN A CB  1 
ATOM   48   C CG  . ASN A 1 6   ? 7.644   -2.681  -8.553  1.00 8.91  ? 6   ASN A CG  1 
ATOM   49   O OD1 . ASN A 1 6   ? 8.429   -1.740  -8.528  1.00 9.13  ? 6   ASN A OD1 1 
ATOM   50   N ND2 . ASN A 1 6   ? 7.846   -3.800  -7.888  1.00 10.75 ? 6   ASN A ND2 1 
ATOM   51   N N   . TRP A 1 7   ? 6.347   0.523   -8.159  1.00 5.53  ? 7   TRP A N   1 
ATOM   52   C CA  . TRP A 1 7   ? 5.896   1.344   -7.018  1.00 5.81  ? 7   TRP A CA  1 
ATOM   53   C C   . TRP A 1 7   ? 5.791   2.840   -7.296  1.00 5.67  ? 7   TRP A C   1 
ATOM   54   O O   . TRP A 1 7   ? 6.687   3.452   -7.847  1.00 6.17  ? 7   TRP A O   1 
ATOM   55   C CB  . TRP A 1 7   ? 6.873   1.245   -5.856  1.00 5.64  ? 7   TRP A CB  1 
ATOM   56   C CG  . TRP A 1 7   ? 6.888   -0.012  -5.050  1.00 6.29  ? 7   TRP A CG  1 
ATOM   57   C CD1 . TRP A 1 7   ? 6.412   -1.239  -5.419  1.00 7.44  ? 7   TRP A CD1 1 
ATOM   58   C CD2 . TRP A 1 7   ? 7.464   -0.174  -3.736  1.00 6.73  ? 7   TRP A CD2 1 
ATOM   59   N NE1 . TRP A 1 7   ? 6.671   -2.144  -4.404  1.00 7.74  ? 7   TRP A NE1 1 
ATOM   60   C CE2 . TRP A 1 7   ? 7.309   -1.530  -3.379  1.00 7.34  ? 7   TRP A CE2 1 
ATOM   61   C CE3 . TRP A 1 7   ? 8.101   0.706   -2.836  1.00 6.67  ? 7   TRP A CE3 1 
ATOM   62   C CZ2 . TRP A 1 7   ? 7.774   -2.032  -2.146  1.00 7.27  ? 7   TRP A CZ2 1 
ATOM   63   C CZ3 . TRP A 1 7   ? 8.555   0.205   -1.615  1.00 6.92  ? 7   TRP A CZ3 1 
ATOM   64   C CH2 . TRP A 1 7   ? 8.391   -1.152  -1.288  1.00 7.79  ? 7   TRP A CH2 1 
ATOM   65   N N   . ALA A 1 8   ? 4.732   3.461   -6.809  1.00 5.27  ? 8   ALA A N   1 
ATOM   66   C CA  . ALA A 1 8   ? 4.590   4.918   -6.909  1.00 4.85  ? 8   ALA A CA  1 
ATOM   67   C C   . ALA A 1 8   ? 4.152   5.300   -5.500  1.00 4.89  ? 8   ALA A C   1 
ATOM   68   O O   . ALA A 1 8   ? 3.453   4.522   -4.837  1.00 5.99  ? 8   ALA A O   1 
ATOM   69   C CB  . ALA A 1 8   ? 3.520   5.311   -7.891  1.00 5.98  ? 8   ALA A CB  1 
ATOM   70   N N   . GLY A 1 9   ? 4.613   6.433   -4.984  1.00 4.37  ? 9   GLY A N   1 
ATOM   71   C CA  . GLY A 1 9   ? 4.219   6.815   -3.640  1.00 4.89  ? 9   GLY A CA  1 
ATOM   72   C C   . GLY A 1 9   ? 5.337   7.471   -2.847  1.00 4.62  ? 9   GLY A C   1 
ATOM   73   O O   . GLY A 1 9   ? 6.239   8.087   -3.423  1.00 5.15  ? 9   GLY A O   1 
ATOM   74   N N   . ALA A 1 10  ? 5.316   7.281   -1.534  1.00 3.78  ? 10  ALA A N   1 
ATOM   75   C CA  . ALA A 1 10  ? 6.305   7.887   -0.646  1.00 5.16  ? 10  ALA A CA  1 
ATOM   76   C C   . ALA A 1 10  ? 6.917   6.851   0.279   1.00 4.08  ? 10  ALA A C   1 
ATOM   77   O O   . ALA A 1 10  ? 6.191   6.088   0.914   1.00 4.42  ? 10  ALA A O   1 
ATOM   78   C CB  . ALA A 1 10  ? 5.647   8.993   0.180   1.00 5.91  ? 10  ALA A CB  1 
ATOM   79   N N   . VAL A 1 11  ? 8.246   6.859   0.384   1.00 4.22  ? 11  VAL A N   1 
ATOM   80   C CA  . VAL A 1 11  ? 8.969   5.919   1.242   1.00 5.50  ? 11  VAL A CA  1 
ATOM   81   C C   . VAL A 1 11  ? 9.905   6.659   2.211   1.00 5.92  ? 11  VAL A C   1 
ATOM   82   O O   . VAL A 1 11  ? 10.745  7.463   1.783   1.00 6.50  ? 11  VAL A O   1 
ATOM   83   C CB  . VAL A 1 11  ? 9.838   4.927   0.407   1.00 5.75  ? 11  VAL A CB  1 
ATOM   84   C CG1 . VAL A 1 11  ? 10.439  3.854   1.313   1.00 6.71  ? 11  VAL A CG1 1 
ATOM   85   C CG2 . VAL A 1 11  ? 9.019   4.283   -0.720  1.00 6.10  ? 11  VAL A CG2 1 
ATOM   86   N N   . LEU A 1 12  ? 9.709   6.442   3.509   1.00 6.11  ? 12  LEU A N   1 
ATOM   87   C CA  . LEU A 1 12  ? 10.577  7.025   4.526   1.00 7.32  ? 12  LEU A CA  1 
ATOM   88   C C   . LEU A 1 12  ? 11.699  6.024   4.764   1.00 6.97  ? 12  LEU A C   1 
ATOM   89   O O   . LEU A 1 12  ? 11.451  4.822   4.860   1.00 6.91  ? 12  LEU A O   1 
ATOM   90   C CB  . LEU A 1 12  ? 9.835   7.242   5.847   1.00 7.81  ? 12  LEU A CB  1 
ATOM   91   C CG  . LEU A 1 12  ? 8.894   8.440   5.969   1.00 8.51  ? 12  LEU A CG  1 
ATOM   92   C CD1 . LEU A 1 12  ? 8.160   8.335   7.288   1.00 9.38  ? 12  LEU A CD1 1 
ATOM   93   C CD2 . LEU A 1 12  ? 9.666   9.753   5.887   1.00 9.38  ? 12  LEU A CD2 1 
ATOM   94   N N   . ILE A 1 13  ? 12.937  6.516   4.788   1.00 7.52  ? 13  ILE A N   1 
ATOM   95   C CA  . ILE A 1 13  ? 14.087  5.667   5.062   1.00 8.12  ? 13  ILE A CA  1 
ATOM   96   C C   . ILE A 1 13  ? 14.700  6.148   6.386   1.00 8.64  ? 13  ILE A C   1 
ATOM   97   O O   . ILE A 1 13  ? 15.051  7.322   6.530   1.00 10.68 ? 13  ILE A O   1 
ATOM   98   C CB  . ILE A 1 13  ? 15.129  5.740   3.934   1.00 9.06  ? 13  ILE A CB  1 
ATOM   99   C CG1 . ILE A 1 13  ? 14.486  5.353   2.594   1.00 10.77 ? 13  ILE A CG1 1 
ATOM   100  C CG2 . ILE A 1 13  ? 16.296  4.789   4.236   1.00 9.74  ? 13  ILE A CG2 1 
ATOM   101  C CD1 . ILE A 1 13  ? 15.411  5.542   1.389   1.00 14.88 ? 13  ILE A CD1 1 
ATOM   102  N N   . GLY A 1 14  ? 14.765  5.252   7.362   1.00 8.21  ? 14  GLY A N   1 
ATOM   103  C CA  . GLY A 1 14  ? 15.312  5.598   8.654   1.00 7.98  ? 14  GLY A CA  1 
ATOM   104  C C   . GLY A 1 14  ? 15.474  4.354   9.501   1.00 7.74  ? 14  GLY A C   1 
ATOM   105  O O   . GLY A 1 14  ? 15.902  3.317   9.010   1.00 8.04  ? 14  GLY A O   1 
ATOM   106  N N   . ASP A 1 15  ? 15.077  4.437   10.766  1.00 8.21  ? 15  ASP A N   1 
ATOM   107  C CA  . ASP A 1 15  ? 15.216  3.313   11.683  1.00 8.94  ? 15  ASP A CA  1 
ATOM   108  C C   . ASP A 1 15  ? 14.099  3.277   12.707  1.00 8.97  ? 15  ASP A C   1 
ATOM   109  O O   . ASP A 1 15  ? 13.527  4.315   13.037  1.00 10.56 ? 15  ASP A O   1 
ATOM   110  C CB  . ASP A 1 15  ? 16.544  3.404   12.449  1.00 10.16 ? 15  ASP A CB  1 
ATOM   111  C CG  . ASP A 1 15  ? 17.736  3.074   11.593  1.00 14.20 ? 15  ASP A CG  1 
ATOM   112  O OD1 . ASP A 1 15  ? 17.947  1.865   11.329  1.00 15.25 ? 15  ASP A OD1 1 
ATOM   113  O OD2 . ASP A 1 15  ? 18.459  4.023   11.197  1.00 15.59 ? 15  ASP A OD2 1 
ATOM   114  N N   . GLY A 1 16  ? 13.795  2.078   13.187  1.00 7.74  ? 16  GLY A N   1 
ATOM   115  C CA  . GLY A 1 16  ? 12.798  1.902   14.231  1.00 7.76  ? 16  GLY A CA  1 
ATOM   116  C C   . GLY A 1 16  ? 11.318  2.038   13.917  1.00 7.48  ? 16  GLY A C   1 
ATOM   117  O O   . GLY A 1 16  ? 10.523  2.190   14.848  1.00 7.66  ? 16  GLY A O   1 
ATOM   118  N N   . TYR A 1 17  ? 10.928  1.962   12.648  1.00 6.01  ? 17  TYR A N   1 
ATOM   119  C CA  . TYR A 1 17  ? 9.510   2.077   12.306  1.00 5.92  ? 17  TYR A CA  1 
ATOM   120  C C   . TYR A 1 17  ? 8.736   0.870   12.810  1.00 5.56  ? 17  TYR A C   1 
ATOM   121  O O   . TYR A 1 17  ? 9.049   -0.266  12.436  1.00 7.35  ? 17  TYR A O   1 
ATOM   122  C CB  . TYR A 1 17  ? 9.320   2.210   10.789  1.00 5.88  ? 17  TYR A CB  1 
ATOM   123  C CG  . TYR A 1 17  ? 9.961   3.446   10.212  1.00 5.61  ? 17  TYR A CG  1 
ATOM   124  C CD1 . TYR A 1 17  ? 9.566   4.721   10.632  1.00 7.42  ? 17  TYR A CD1 1 
ATOM   125  C CD2 . TYR A 1 17  ? 10.994  3.347   9.286   1.00 6.83  ? 17  TYR A CD2 1 
ATOM   126  C CE1 . TYR A 1 17  ? 10.196  5.871   10.137  1.00 8.36  ? 17  TYR A CE1 1 
ATOM   127  C CE2 . TYR A 1 17  ? 11.626  4.482   8.786   1.00 8.04  ? 17  TYR A CE2 1 
ATOM   128  C CZ  . TYR A 1 17  ? 11.230  5.735   9.216   1.00 8.06  ? 17  TYR A CZ  1 
ATOM   129  O OH  . TYR A 1 17  ? 11.889  6.835   8.721   1.00 10.32 ? 17  TYR A OH  1 
ATOM   130  N N   . THR A 1 18  ? 7.733   1.109   13.657  1.00 4.92  ? 18  THR A N   1 
ATOM   131  C CA  . THR A 1 18  ? 6.921   0.015   14.181  1.00 5.10  ? 18  THR A CA  1 
ATOM   132  C C   . THR A 1 18  ? 5.426   0.139   13.854  1.00 5.06  ? 18  THR A C   1 
ATOM   133  O O   . THR A 1 18  ? 4.643   -0.747  14.186  1.00 5.29  ? 18  THR A O   1 
ATOM   134  C CB  . THR A 1 18  ? 7.078   -0.132  15.708  1.00 5.88  ? 18  THR A CB  1 
ATOM   135  O OG1 . THR A 1 18  ? 6.637   1.073   16.349  1.00 7.14  ? 18  THR A OG1 1 
ATOM   136  C CG2 . THR A 1 18  ? 8.545   -0.413  16.077  1.00 6.53  ? 18  THR A CG2 1 
ATOM   137  N N   . LYS A 1 19  ? 5.032   1.237   13.217  1.00 4.20  ? 19  LYS A N   1 
ATOM   138  C CA  . LYS A 1 19  ? 3.630   1.436   12.849  1.00 4.74  ? 19  LYS A CA  1 
ATOM   139  C C   . LYS A 1 19  ? 3.537   2.395   11.675  1.00 4.37  ? 19  LYS A C   1 
ATOM   140  O O   . LYS A 1 19  ? 4.294   3.370   11.607  1.00 3.84  ? 19  LYS A O   1 
ATOM   141  C CB  . LYS A 1 19  ? 2.832   2.002   14.033  1.00 5.73  ? 19  LYS A CB  1 
ATOM   142  C CG  . LYS A 1 19  ? 1.371   2.300   13.721  1.00 7.52  ? 19  LYS A CG  1 
ATOM   143  C CD  . LYS A 1 19  ? 0.673   2.933   14.898  1.00 10.62 ? 19  LYS A CD  1 
ATOM   144  C CE  . LYS A 1 19  ? -0.492  3.767   14.418  1.00 12.88 ? 19  LYS A CE  1 
ATOM   145  N NZ  . LYS A 1 19  ? -0.996  4.633   15.510  1.00 15.70 ? 19  LYS A NZ  1 
ATOM   146  N N   . VAL A 1 20  ? 2.687   2.062   10.702  1.00 3.84  ? 20  VAL A N   1 
ATOM   147  C CA  . VAL A 1 20  ? 2.464   2.934   9.550   1.00 3.83  ? 20  VAL A CA  1 
ATOM   148  C C   . VAL A 1 20  ? 0.968   2.889   9.298   1.00 3.41  ? 20  VAL A C   1 
ATOM   149  O O   . VAL A 1 20  ? 0.362   1.811   9.301   1.00 4.28  ? 20  VAL A O   1 
ATOM   150  C CB  . VAL A 1 20  ? 3.190   2.465   8.271   1.00 5.05  ? 20  VAL A CB  1 
ATOM   151  C CG1 . VAL A 1 20  ? 2.986   3.495   7.164   1.00 6.51  ? 20  VAL A CG1 1 
ATOM   152  C CG2 . VAL A 1 20  ? 4.666   2.250   8.540   1.00 6.53  ? 20  VAL A CG2 1 
ATOM   153  N N   . THR A 1 21  ? 0.363   4.050   9.103   1.00 3.18  ? 21  THR A N   1 
ATOM   154  C CA  . THR A 1 21  ? -1.062  4.109   8.864   1.00 4.00  ? 21  THR A CA  1 
ATOM   155  C C   . THR A 1 21  ? -1.397  5.177   7.824   1.00 3.69  ? 21  THR A C   1 
ATOM   156  O O   . THR A 1 21  ? -0.605  6.091   7.578   1.00 3.85  ? 21  THR A O   1 
ATOM   157  C CB  . THR A 1 21  ? -1.836  4.360   10.190  1.00 4.64  ? 21  THR A CB  1 
ATOM   158  O OG1 . THR A 1 21  ? -3.242  4.308   9.948   1.00 5.23  ? 21  THR A OG1 1 
ATOM   159  C CG2 . THR A 1 21  ? -1.480  5.720   10.803  1.00 6.64  ? 21  THR A CG2 1 
ATOM   160  N N   . GLY A 1 22  ? -2.545  5.022   7.181   1.00 3.54  ? 22  GLY A N   1 
ATOM   161  C CA  . GLY A 1 22  ? -2.997  5.983   6.193   1.00 4.02  ? 22  GLY A CA  1 
ATOM   162  C C   . GLY A 1 22  ? -4.473  5.767   5.939   1.00 4.49  ? 22  GLY A C   1 
ATOM   163  O O   . GLY A 1 22  ? -4.992  4.669   6.148   1.00 5.31  ? 22  GLY A O   1 
ATOM   164  N N   . GLU A 1 23  ? -5.135  6.795   5.428   1.00 4.68  ? 23  GLU A N   1 
ATOM   165  C CA  . GLU A 1 23  ? -6.558  6.720   5.134   1.00 5.62  ? 23  GLU A CA  1 
ATOM   166  C C   . GLU A 1 23  ? -6.772  7.178   3.687   1.00 5.11  ? 23  GLU A C   1 
ATOM   167  O O   . GLU A 1 23  ? -6.169  8.149   3.256   1.00 5.92  ? 23  GLU A O   1 
ATOM   168  C CB  . GLU A 1 23  ? -7.311  7.644   6.098   1.00 7.62  ? 23  GLU A CB  1 
ATOM   169  C CG  . GLU A 1 23  ? -8.824  7.637   5.977   1.00 14.24 ? 23  GLU A CG  1 
ATOM   170  C CD  . GLU A 1 23  ? -9.496  8.552   7.002   1.00 18.81 ? 23  GLU A CD  1 
ATOM   171  O OE1 . GLU A 1 23  ? -8.989  8.664   8.156   1.00 20.40 ? 23  GLU A OE1 1 
ATOM   172  O OE2 . GLU A 1 23  ? -10.531 9.161   6.640   1.00 22.28 ? 23  GLU A OE2 1 
ATOM   173  N N   . PHE A 1 24  ? -7.567  6.443   2.917   1.00 4.89  ? 24  PHE A N   1 
ATOM   174  C CA  . PHE A 1 24  ? -7.840  6.836   1.538   1.00 5.21  ? 24  PHE A CA  1 
ATOM   175  C C   . PHE A 1 24  ? -9.254  6.457   1.113   1.00 5.07  ? 24  PHE A C   1 
ATOM   176  O O   . PHE A 1 24  ? -9.908  5.615   1.720   1.00 5.62  ? 24  PHE A O   1 
ATOM   177  C CB  . PHE A 1 24  ? -6.824  6.220   0.558   1.00 5.91  ? 24  PHE A CB  1 
ATOM   178  C CG  . PHE A 1 24  ? -6.858  4.710   0.498   1.00 7.52  ? 24  PHE A CG  1 
ATOM   179  C CD1 . PHE A 1 24  ? -6.086  3.954   1.374   1.00 9.22  ? 24  PHE A CD1 1 
ATOM   180  C CD2 . PHE A 1 24  ? -7.657  4.043   -0.438  1.00 9.45  ? 24  PHE A CD2 1 
ATOM   181  C CE1 . PHE A 1 24  ? -6.102  2.555   1.332   1.00 10.47 ? 24  PHE A CE1 1 
ATOM   182  C CE2 . PHE A 1 24  ? -7.679  2.640   -0.487  1.00 9.55  ? 24  PHE A CE2 1 
ATOM   183  C CZ  . PHE A 1 24  ? -6.898  1.903   0.400   1.00 9.17  ? 24  PHE A CZ  1 
ATOM   184  N N   . THR A 1 25  ? -9.718  7.093   0.054   1.00 5.74  ? 25  THR A N   1 
ATOM   185  C CA  . THR A 1 25  ? -11.025 6.799   -0.493  1.00 7.32  ? 25  THR A CA  1 
ATOM   186  C C   . THR A 1 25  ? -10.811 5.848   -1.670  1.00 6.49  ? 25  THR A C   1 
ATOM   187  O O   . THR A 1 25  ? -9.907  6.051   -2.493  1.00 7.98  ? 25  THR A O   1 
ATOM   188  C CB  . THR A 1 25  ? -11.697 8.083   -0.973  1.00 8.93  ? 25  THR A CB  1 
ATOM   189  O OG1 . THR A 1 25  ? -11.798 8.993   0.128   1.00 12.75 ? 25  THR A OG1 1 
ATOM   190  C CG2 . THR A 1 25  ? -13.079 7.793   -1.505  1.00 11.63 ? 25  THR A CG2 1 
ATOM   191  N N   . VAL A 1 26  ? -11.617 4.797   -1.735  1.00 5.93  ? 26  VAL A N   1 
ATOM   192  C CA  . VAL A 1 26  ? -11.513 3.816   -2.801  1.00 6.27  ? 26  VAL A CA  1 
ATOM   193  C C   . VAL A 1 26  ? -11.811 4.524   -4.110  1.00 7.09  ? 26  VAL A C   1 
ATOM   194  O O   . VAL A 1 26  ? -12.914 5.053   -4.305  1.00 6.38  ? 26  VAL A O   1 
ATOM   195  C CB  . VAL A 1 26  ? -12.469 2.652   -2.570  1.00 6.16  ? 26  VAL A CB  1 
ATOM   196  C CG1 . VAL A 1 26  ? -12.343 1.651   -3.692  1.00 7.64  ? 26  VAL A CG1 1 
ATOM   197  C CG2 . VAL A 1 26  ? -12.137 1.970   -1.243  1.00 7.87  ? 26  VAL A CG2 1 
ATOM   198  N N   . PRO A 1 27  ? -10.848 4.508   -5.040  1.00 6.75  ? 27  PRO A N   1 
ATOM   199  C CA  . PRO A 1 27  ? -11.019 5.174   -6.330  1.00 6.75  ? 27  PRO A CA  1 
ATOM   200  C C   . PRO A 1 27  ? -11.884 4.484   -7.368  1.00 6.55  ? 27  PRO A C   1 
ATOM   201  O O   . PRO A 1 27  ? -12.187 3.295   -7.273  1.00 6.98  ? 27  PRO A O   1 
ATOM   202  C CB  . PRO A 1 27  ? -9.585  5.273   -6.830  1.00 7.25  ? 27  PRO A CB  1 
ATOM   203  C CG  . PRO A 1 27  ? -9.017  3.958   -6.405  1.00 7.69  ? 27  PRO A CG  1 
ATOM   204  C CD  . PRO A 1 27  ? -9.525  3.854   -4.963  1.00 7.92  ? 27  PRO A CD  1 
ATOM   205  N N   . SER A 1 28  ? -12.252 5.271   -8.369  1.00 7.99  ? 28  SER A N   1 
ATOM   206  C CA  . SER A 1 28  ? -13.019 4.817   -9.519  1.00 9.24  ? 28  SER A CA  1 
ATOM   207  C C   . SER A 1 28  ? -11.950 4.394   -10.537 1.00 9.36  ? 28  SER A C   1 
ATOM   208  O O   . SER A 1 28  ? -11.055 5.183   -10.859 1.00 10.97 ? 28  SER A O   1 
ATOM   209  C CB  . SER A 1 28  ? -13.837 5.984   -10.076 1.00 9.66  ? 28  SER A CB  1 
ATOM   210  O OG  . SER A 1 28  ? -14.711 5.528   -11.090 1.00 12.53 ? 28  SER A OG  1 
ATOM   211  N N   . VAL A 1 29  ? -12.023 3.154   -11.017 1.00 8.89  ? 29  VAL A N   1 
ATOM   212  C CA  . VAL A 1 29  ? -11.034 2.656   -11.973 1.00 8.50  ? 29  VAL A CA  1 
ATOM   213  C C   . VAL A 1 29  ? -11.586 2.399   -13.369 1.00 7.85  ? 29  VAL A C   1 
ATOM   214  O O   . VAL A 1 29  ? -12.750 2.009   -13.548 1.00 8.07  ? 29  VAL A O   1 
ATOM   215  C CB  . VAL A 1 29  ? -10.334 1.350   -11.490 1.00 9.00  ? 29  VAL A CB  1 
ATOM   216  C CG1 . VAL A 1 29  ? -9.398  1.647   -10.342 1.00 11.15 ? 29  VAL A CG1 1 
ATOM   217  C CG2 . VAL A 1 29  ? -11.365 0.302   -11.080 1.00 9.73  ? 29  VAL A CG2 1 
ATOM   218  N N   . SER A 1 30  ? -10.734 2.637   -14.356 1.00 6.79  ? 30  SER A N   1 
ATOM   219  C CA  . SER A 1 30  ? -11.063 2.419   -15.751 1.00 7.42  ? 30  SER A CA  1 
ATOM   220  C C   . SER A 1 30  ? -9.831  1.822   -16.438 1.00 7.72  ? 30  SER A C   1 
ATOM   221  O O   . SER A 1 30  ? -8.794  1.594   -15.798 1.00 6.91  ? 30  SER A O   1 
ATOM   222  C CB  . SER A 1 30  ? -11.482 3.737   -16.414 1.00 7.82  ? 30  SER A CB  1 
ATOM   223  O OG  . SER A 1 30  ? -10.445 4.696   -16.349 1.00 8.68  ? 30  SER A OG  1 
ATOM   224  N N   . ALA A 1 31  ? -9.950  1.549   -17.733 1.00 7.70  ? 31  ALA A N   1 
ATOM   225  C CA  . ALA A 1 31  ? -8.848  0.983   -18.500 1.00 8.68  ? 31  ALA A CA  1 
ATOM   226  C C   . ALA A 1 31  ? -7.659  1.927   -18.557 1.00 9.66  ? 31  ALA A C   1 
ATOM   227  O O   . ALA A 1 31  ? -7.826  3.141   -18.656 1.00 9.96  ? 31  ALA A O   1 
ATOM   228  C CB  . ALA A 1 31  ? -9.313  0.665   -19.916 1.00 8.99  ? 31  ALA A CB  1 
ATOM   229  N N   . GLY A 1 32  ? -6.467  1.354   -18.462 1.00 10.77 ? 32  GLY A N   1 
ATOM   230  C CA  . GLY A 1 32  ? -5.256  2.143   -18.556 1.00 14.64 ? 32  GLY A CA  1 
ATOM   231  C C   . GLY A 1 32  ? -4.900  2.354   -20.019 1.00 17.59 ? 32  GLY A C   1 
ATOM   232  O O   . GLY A 1 32  ? -5.568  1.744   -20.886 1.00 19.64 ? 32  GLY A O   1 
ATOM   233  N N   . GLU B 2 3   ? -9.749  -7.325  -21.671 1.00 21.96 ? 3   GLU B N   1 
ATOM   234  C CA  . GLU B 2 3   ? -8.501  -7.200  -20.855 1.00 21.15 ? 3   GLU B CA  1 
ATOM   235  C C   . GLU B 2 3   ? -8.837  -6.636  -19.475 1.00 17.39 ? 3   GLU B C   1 
ATOM   236  O O   . GLU B 2 3   ? -9.740  -5.818  -19.344 1.00 18.42 ? 3   GLU B O   1 
ATOM   237  C CB  . GLU B 2 3   ? -7.504  -6.287  -21.571 1.00 24.87 ? 3   GLU B CB  1 
ATOM   238  C CG  . GLU B 2 3   ? -6.121  -6.254  -20.947 1.00 28.06 ? 3   GLU B CG  1 
ATOM   239  C CD  . GLU B 2 3   ? -5.126  -5.497  -21.806 1.00 31.48 ? 3   GLU B CD  1 
ATOM   240  O OE1 . GLU B 2 3   ? -5.167  -5.634  -23.053 1.00 31.84 ? 3   GLU B OE1 1 
ATOM   241  O OE2 . GLU B 2 3   ? -4.293  -4.763  -21.237 1.00 33.41 ? 3   GLU B OE2 1 
ATOM   242  N N   . GLU B 2 4   ? -8.127  -7.086  -18.450 1.00 13.62 ? 4   GLU B N   1 
ATOM   243  C CA  . GLU B 2 4   ? -8.379  -6.607  -17.095 1.00 9.98  ? 4   GLU B CA  1 
ATOM   244  C C   . GLU B 2 4   ? -7.235  -5.730  -16.616 1.00 8.70  ? 4   GLU B C   1 
ATOM   245  O O   . GLU B 2 4   ? -6.068  -6.071  -16.793 1.00 9.23  ? 4   GLU B O   1 
ATOM   246  C CB  . GLU B 2 4   ? -8.567  -7.771  -16.124 1.00 10.00 ? 4   GLU B CB  1 
ATOM   247  C CG  . GLU B 2 4   ? -8.956  -7.314  -14.738 1.00 8.36  ? 4   GLU B CG  1 
ATOM   248  C CD  . GLU B 2 4   ? -9.402  -8.440  -13.832 1.00 9.30  ? 4   GLU B CD  1 
ATOM   249  O OE1 . GLU B 2 4   ? -9.483  -9.617  -14.270 1.00 8.21  ? 4   GLU B OE1 1 
ATOM   250  O OE2 . GLU B 2 4   ? -9.680  -8.138  -12.659 1.00 9.78  ? 4   GLU B OE2 1 
ATOM   251  N N   . TYR B 2 5   ? -7.584  -4.612  -15.999 1.00 6.68  ? 5   TYR B N   1 
ATOM   252  C CA  . TYR B 2 5   ? -6.608  -3.663  -15.491 1.00 6.19  ? 5   TYR B CA  1 
ATOM   253  C C   . TYR B 2 5   ? -6.769  -3.553  -13.991 1.00 5.00  ? 5   TYR B C   1 
ATOM   254  O O   . TYR B 2 5   ? -7.893  -3.451  -13.515 1.00 5.65  ? 5   TYR B O   1 
ATOM   255  C CB  . TYR B 2 5   ? -6.884  -2.290  -16.087 1.00 6.43  ? 5   TYR B CB  1 
ATOM   256  C CG  . TYR B 2 5   ? -6.826  -2.270  -17.576 1.00 8.24  ? 5   TYR B CG  1 
ATOM   257  C CD1 . TYR B 2 5   ? -7.927  -2.644  -18.339 1.00 7.80  ? 5   TYR B CD1 1 
ATOM   258  C CD2 . TYR B 2 5   ? -5.661  -1.893  -18.228 1.00 8.21  ? 5   TYR B CD2 1 
ATOM   259  C CE1 . TYR B 2 5   ? -7.866  -2.644  -19.723 1.00 10.49 ? 5   TYR B CE1 1 
ATOM   260  C CE2 . TYR B 2 5   ? -5.583  -1.887  -19.611 1.00 10.13 ? 5   TYR B CE2 1 
ATOM   261  C CZ  . TYR B 2 5   ? -6.687  -2.263  -20.352 1.00 10.60 ? 5   TYR B CZ  1 
ATOM   262  O OH  . TYR B 2 5   ? -6.587  -2.271  -21.728 1.00 15.82 ? 5   TYR B OH  1 
ATOM   263  N N   . CYS B 2 6   ? -5.662  -3.523  -13.257 1.00 4.75  ? 6   CYS B N   1 
ATOM   264  C CA  . CYS B 2 6   ? -5.733  -3.404  -11.797 1.00 4.97  ? 6   CYS B CA  1 
ATOM   265  C C   . CYS B 2 6   ? -4.653  -2.479  -11.261 1.00 5.10  ? 6   CYS B C   1 
ATOM   266  O O   . CYS B 2 6   ? -3.709  -2.108  -11.965 1.00 4.93  ? 6   CYS B O   1 
ATOM   267  C CB  . CYS B 2 6   ? -5.515  -4.768  -11.122 1.00 6.02  ? 6   CYS B CB  1 
ATOM   268  S SG  . CYS B 2 6   ? -6.634  -6.132  -11.575 1.00 6.56  ? 6   CYS B SG  1 
ATOM   269  N N   . ALA B 2 7   ? -4.778  -2.170  -9.973  1.00 5.13  ? 7   ALA B N   1 
ATOM   270  C CA  . ALA B 2 7   ? -3.813  -1.363  -9.239  1.00 4.80  ? 7   ALA B CA  1 
ATOM   271  C C   . ALA B 2 7   ? -4.069  -1.696  -7.768  1.00 5.13  ? 7   ALA B C   1 
ATOM   272  O O   . ALA B 2 7   ? -5.090  -2.292  -7.443  1.00 5.12  ? 7   ALA B O   1 
ATOM   273  C CB  . ALA B 2 7   ? -4.037  0.122   -9.507  1.00 4.85  ? 7   ALA B CB  1 
ATOM   274  N N   . SER B 2 8   ? -3.119  -1.395  -6.898  1.00 5.32  ? 8   SER B N   1 
ATOM   275  C CA  . SER B 2 8   ? -3.305  -1.650  -5.478  1.00 6.03  ? 8   SER B CA  1 
ATOM   276  C C   . SER B 2 8   ? -2.790  -0.438  -4.688  1.00 6.56  ? 8   SER B C   1 
ATOM   277  O O   . SER B 2 8   ? -1.930  0.311   -5.171  1.00 8.20  ? 8   SER B O   1 
ATOM   278  C CB  . SER B 2 8   ? -2.539  -2.911  -5.059  1.00 7.08  ? 8   SER B CB  1 
ATOM   279  O OG  . SER B 2 8   ? -1.137  -2.686  -5.118  1.00 11.16 ? 8   SER B OG  1 
ATOM   280  N N   . ALA B 2 9   ? -3.318  -0.248  -3.490  1.00 4.48  ? 9   ALA B N   1 
ATOM   281  C CA  . ALA B 2 9   ? -2.871  0.832   -2.621  1.00 3.66  ? 9   ALA B CA  1 
ATOM   282  C C   . ALA B 2 9   ? -2.657  0.156   -1.276  1.00 3.42  ? 9   ALA B C   1 
ATOM   283  O O   . ALA B 2 9   ? -3.526  -0.588  -0.801  1.00 3.73  ? 9   ALA B O   1 
ATOM   284  C CB  . ALA B 2 9   ? -3.936  1.910   -2.495  1.00 4.95  ? 9   ALA B CB  1 
ATOM   285  N N   . TRP B 2 10  ? -1.517  0.416   -0.656  1.00 2.43  ? 10  TRP B N   1 
ATOM   286  C CA  . TRP B 2 10  ? -1.210  -0.198  0.624   1.00 3.18  ? 10  TRP B CA  1 
ATOM   287  C C   . TRP B 2 10  ? -0.217  0.612   1.451   1.00 3.03  ? 10  TRP B C   1 
ATOM   288  O O   . TRP B 2 10  ? 0.388   1.557   0.955   1.00 3.98  ? 10  TRP B O   1 
ATOM   289  C CB  . TRP B 2 10  ? -0.638  -1.610  0.379   1.00 3.07  ? 10  TRP B CB  1 
ATOM   290  C CG  . TRP B 2 10  ? 0.504   -1.674  -0.596  1.00 3.54  ? 10  TRP B CG  1 
ATOM   291  C CD1 . TRP B 2 10  ? 0.421   -1.863  -1.952  1.00 3.86  ? 10  TRP B CD1 1 
ATOM   292  C CD2 . TRP B 2 10  ? 1.905   -1.622  -0.285  1.00 4.67  ? 10  TRP B CD2 1 
ATOM   293  N NE1 . TRP B 2 10  ? 1.677   -1.944  -2.494  1.00 5.66  ? 10  TRP B NE1 1 
ATOM   294  C CE2 . TRP B 2 10  ? 2.607   -1.799  -1.495  1.00 4.91  ? 10  TRP B CE2 1 
ATOM   295  C CE3 . TRP B 2 10  ? 2.629   -1.449  0.901   1.00 5.45  ? 10  TRP B CE3 1 
ATOM   296  C CZ2 . TRP B 2 10  ? 4.007   -1.813  -1.555  1.00 5.98  ? 10  TRP B CZ2 1 
ATOM   297  C CZ3 . TRP B 2 10  ? 4.029   -1.463  0.837   1.00 6.47  ? 10  TRP B CZ3 1 
ATOM   298  C CH2 . TRP B 2 10  ? 4.697   -1.645  -0.382  1.00 5.53  ? 10  TRP B CH2 1 
ATOM   299  N N   . VAL B 2 11  ? -0.120  0.276   2.737   1.00 3.09  ? 11  VAL B N   1 
ATOM   300  C CA  . VAL B 2 11  ? 0.879   0.882   3.610   1.00 3.11  ? 11  VAL B CA  1 
ATOM   301  C C   . VAL B 2 11  ? 1.724   -0.295  4.083   1.00 3.56  ? 11  VAL B C   1 
ATOM   302  O O   . VAL B 2 11  ? 1.243   -1.446  4.163   1.00 4.05  ? 11  VAL B O   1 
ATOM   303  C CB  . VAL B 2 11  ? 0.285   1.633   4.841   1.00 3.97  ? 11  VAL B CB  1 
ATOM   304  C CG1 . VAL B 2 11  ? -0.529  2.812   4.384   1.00 5.08  ? 11  VAL B CG1 1 
ATOM   305  C CG2 . VAL B 2 11  ? -0.515  0.687   5.730   1.00 3.44  ? 11  VAL B CG2 1 
ATOM   306  N N   . GLY B 2 12  ? 2.984   -0.029  4.366   1.00 3.27  ? 12  GLY B N   1 
ATOM   307  C CA  . GLY B 2 12  ? 3.833   -1.110  4.806   1.00 3.79  ? 12  GLY B CA  1 
ATOM   308  C C   . GLY B 2 12  ? 5.144   -0.690  5.421   1.00 3.20  ? 12  GLY B C   1 
ATOM   309  O O   . GLY B 2 12  ? 5.487   0.497   5.462   1.00 3.89  ? 12  GLY B O   1 
ATOM   310  N N   . ILE B 2 13  ? 5.815   -1.682  5.994   1.00 3.71  ? 13  ILE B N   1 
ATOM   311  C CA  . ILE B 2 13  ? 7.124   -1.523  6.604   1.00 4.13  ? 13  ILE B CA  1 
ATOM   312  C C   . ILE B 2 13  ? 8.100   -2.394  5.794   1.00 3.95  ? 13  ILE B C   1 
ATOM   313  O O   . ILE B 2 13  ? 7.812   -3.563  5.506   1.00 3.92  ? 13  ILE B O   1 
ATOM   314  C CB  . ILE B 2 13  ? 7.113   -2.003  8.076   1.00 4.28  ? 13  ILE B CB  1 
ATOM   315  C CG1 . ILE B 2 13  ? 6.198   -1.086  8.904   1.00 5.50  ? 13  ILE B CG1 1 
ATOM   316  C CG2 . ILE B 2 13  ? 8.536   -2.021  8.653   1.00 4.23  ? 13  ILE B CG2 1 
ATOM   317  C CD1 . ILE B 2 13  ? 6.020   -1.516  10.360  1.00 6.04  ? 13  ILE B CD1 1 
ATOM   318  N N   . ASP B 2 14  ? 9.211   -1.781  5.390   1.00 3.93  ? 14  ASP B N   1 
ATOM   319  C CA  . ASP B 2 14  ? 10.286  -2.429  4.647   1.00 4.53  ? 14  ASP B CA  1 
ATOM   320  C C   . ASP B 2 14  ? 9.997   -2.785  3.200   1.00 5.44  ? 14  ASP B C   1 
ATOM   321  O O   . ASP B 2 14  ? 8.949   -2.418  2.664   1.00 5.97  ? 14  ASP B O   1 
ATOM   322  C CB  . ASP B 2 14  ? 10.839  -3.616  5.444   1.00 4.05  ? 14  ASP B CB  1 
ATOM   323  C CG  . ASP B 2 14  ? 11.498  -3.169  6.747   1.00 4.29  ? 14  ASP B CG  1 
ATOM   324  O OD1 . ASP B 2 14  ? 12.058  -2.058  6.774   1.00 5.28  ? 14  ASP B OD1 1 
ATOM   325  O OD2 . ASP B 2 14  ? 11.447  -3.921  7.738   1.00 5.52  ? 14  ASP B OD2 1 
ATOM   326  N N   . GLY B 2 15  ? 10.983  -3.374  2.540   1.00 5.29  ? 15  GLY B N   1 
ATOM   327  C CA  . GLY B 2 15  ? 10.816  -3.745  1.147   1.00 7.08  ? 15  GLY B CA  1 
ATOM   328  C C   . GLY B 2 15  ? 11.582  -2.890  0.149   1.00 7.28  ? 15  GLY B C   1 
ATOM   329  O O   . GLY B 2 15  ? 11.733  -3.298  -0.999  1.00 8.79  ? 15  GLY B O   1 
ATOM   330  N N   . ASP B 2 16  ? 12.052  -1.713  0.556   1.00 7.46  ? 16  ASP B N   1 
ATOM   331  C CA  . ASP B 2 16  ? 12.801  -0.861  -0.367  1.00 8.56  ? 16  ASP B CA  1 
ATOM   332  C C   . ASP B 2 16  ? 14.306  -1.035  -0.151  1.00 9.44  ? 16  ASP B C   1 
ATOM   333  O O   . ASP B 2 16  ? 15.010  -1.482  -1.053  1.00 13.04 ? 16  ASP B O   1 
ATOM   334  C CB  . ASP B 2 16  ? 12.386  0.607   -0.230  1.00 8.84  ? 16  ASP B CB  1 
ATOM   335  C CG  . ASP B 2 16  ? 13.079  1.510   -1.239  1.00 10.86 ? 16  ASP B CG  1 
ATOM   336  O OD1 . ASP B 2 16  ? 13.728  1.013   -2.183  1.00 15.06 ? 16  ASP B OD1 1 
ATOM   337  O OD2 . ASP B 2 16  ? 12.972  2.733   -1.090  1.00 14.82 ? 16  ASP B OD2 1 
ATOM   338  N N   . THR B 2 17  ? 14.809  -0.650  1.021   1.00 8.25  ? 17  THR B N   1 
ATOM   339  C CA  . THR B 2 17  ? 16.233  -0.820  1.330   1.00 9.05  ? 17  THR B CA  1 
ATOM   340  C C   . THR B 2 17  ? 16.445  -2.038  2.233   1.00 9.46  ? 17  THR B C   1 
ATOM   341  O O   . THR B 2 17  ? 17.577  -2.401  2.560   1.00 9.79  ? 17  THR B O   1 
ATOM   342  C CB  . THR B 2 17  ? 16.854  0.433   1.994   1.00 8.15  ? 17  THR B CB  1 
ATOM   343  O OG1 . THR B 2 17  ? 16.156  0.737   3.205   1.00 10.25 ? 17  THR B OG1 1 
ATOM   344  C CG2 . THR B 2 17  ? 16.773  1.627   1.059   1.00 10.14 ? 17  THR B CG2 1 
ATOM   345  N N   . CYS B 2 18  ? 15.344  -2.621  2.695   1.00 8.70  ? 18  CYS B N   1 
ATOM   346  C CA  . CYS B 2 18  ? 15.388  -3.812  3.535   1.00 8.40  ? 18  CYS B CA  1 
ATOM   347  C C   . CYS B 2 18  ? 14.773  -4.893  2.657   1.00 9.33  ? 18  CYS B C   1 
ATOM   348  O O   . CYS B 2 18  ? 13.589  -4.829  2.345   1.00 9.18  ? 18  CYS B O   1 
ATOM   349  C CB  . CYS B 2 18  ? 14.543  -3.614  4.783   1.00 8.07  ? 18  CYS B CB  1 
ATOM   350  S SG  . CYS B 2 18  ? 14.423  -5.155  5.731   1.00 8.41  ? 18  CYS B SG  1 
ATOM   351  N N   . GLU B 2 19  ? 15.570  -5.884  2.274   1.00 9.68  ? 19  GLU B N   1 
ATOM   352  C CA  . GLU B 2 19  ? 15.112  -6.930  1.358   1.00 12.75 ? 19  GLU B CA  1 
ATOM   353  C C   . GLU B 2 19  ? 14.557  -8.231  1.920   1.00 11.96 ? 19  GLU B C   1 
ATOM   354  O O   . GLU B 2 19  ? 14.026  -9.044  1.168   1.00 13.20 ? 19  GLU B O   1 
ATOM   355  C CB  . GLU B 2 19  ? 16.251  -7.329  0.416   1.00 16.09 ? 19  GLU B CB  1 
ATOM   356  C CG  . GLU B 2 19  ? 17.172  -6.200  -0.008  1.00 21.86 ? 19  GLU B CG  1 
ATOM   357  C CD  . GLU B 2 19  ? 16.510  -5.222  -0.953  1.00 25.94 ? 19  GLU B CD  1 
ATOM   358  O OE1 . GLU B 2 19  ? 15.711  -5.659  -1.814  1.00 28.56 ? 19  GLU B OE1 1 
ATOM   359  O OE2 . GLU B 2 19  ? 16.810  -4.011  -0.836  1.00 29.15 ? 19  GLU B OE2 1 
ATOM   360  N N   . THR B 2 20  ? 14.677  -8.451  3.215   1.00 10.41 ? 20  THR B N   1 
ATOM   361  C CA  . THR B 2 20  ? 14.237  -9.717  3.776   1.00 9.53  ? 20  THR B CA  1 
ATOM   362  C C   . THR B 2 20  ? 12.743  -9.906  4.073   1.00 9.20  ? 20  THR B C   1 
ATOM   363  O O   . THR B 2 20  ? 12.286  -11.043 4.238   1.00 9.42  ? 20  THR B O   1 
ATOM   364  C CB  . THR B 2 20  ? 15.086  -10.030 5.014   1.00 10.08 ? 20  THR B CB  1 
ATOM   365  O OG1 . THR B 2 20  ? 15.097  -8.873  5.861   1.00 9.94  ? 20  THR B OG1 1 
ATOM   366  C CG2 . THR B 2 20  ? 16.543  -10.339 4.591   1.00 10.30 ? 20  THR B CG2 1 
ATOM   367  N N   . ALA B 2 21  ? 11.982  -8.809  4.118   1.00 8.34  ? 21  ALA B N   1 
ATOM   368  C CA  . ALA B 2 21  ? 10.551  -8.897  4.393   1.00 6.68  ? 21  ALA B CA  1 
ATOM   369  C C   . ALA B 2 21  ? 9.832   -7.598  4.130   1.00 6.50  ? 21  ALA B C   1 
ATOM   370  O O   . ALA B 2 21  ? 10.458  -6.550  3.951   1.00 7.08  ? 21  ALA B O   1 
ATOM   371  C CB  . ALA B 2 21  ? 10.315  -9.299  5.839   1.00 9.10  ? 21  ALA B CB  1 
ATOM   372  N N   . ILE B 2 22  ? 8.510   -7.705  4.064   1.00 5.85  ? 22  ILE B N   1 
ATOM   373  C CA  . ILE B 2 22  ? 7.622   -6.571  3.905   1.00 5.88  ? 22  ILE B CA  1 
ATOM   374  C C   . ILE B 2 22  ? 6.346   -6.924  4.643   1.00 5.15  ? 22  ILE B C   1 
ATOM   375  O O   . ILE B 2 22  ? 5.761   -7.984  4.403   1.00 6.56  ? 22  ILE B O   1 
ATOM   376  C CB  . ILE B 2 22  ? 7.175   -6.279  2.457   1.00 6.68  ? 22  ILE B CB  1 
ATOM   377  C CG1 . ILE B 2 22  ? 8.345   -6.288  1.482   1.00 8.43  ? 22  ILE B CG1 1 
ATOM   378  C CG2 . ILE B 2 22  ? 6.475   -4.914  2.421   1.00 6.64  ? 22  ILE B CG2 1 
ATOM   379  C CD1 . ILE B 2 22  ? 7.955   -5.929  0.061   1.00 10.27 ? 22  ILE B CD1 1 
ATOM   380  N N   . LEU B 2 23  ? 5.958   -6.077  5.589   1.00 4.55  ? 23  LEU B N   1 
ATOM   381  C CA  . LEU B 2 23  ? 4.708   -6.256  6.320   1.00 4.21  ? 23  LEU B CA  1 
ATOM   382  C C   . LEU B 2 23  ? 3.803   -5.209  5.647   1.00 4.72  ? 23  LEU B C   1 
ATOM   383  O O   . LEU B 2 23  ? 4.054   -3.997  5.756   1.00 4.73  ? 23  LEU B O   1 
ATOM   384  C CB  . LEU B 2 23  ? 4.886   -5.951  7.814   1.00 5.59  ? 23  LEU B CB  1 
ATOM   385  C CG  . LEU B 2 23  ? 3.607   -5.734  8.636   1.00 5.87  ? 23  LEU B CG  1 
ATOM   386  C CD1 . LEU B 2 23  ? 2.630   -6.906  8.495   1.00 7.52  ? 23  LEU B CD1 1 
ATOM   387  C CD2 . LEU B 2 23  ? 3.975   -5.518  10.088  1.00 6.70  ? 23  LEU B CD2 1 
ATOM   388  N N   . GLN B 2 24  ? 2.743   -5.663  4.978   1.00 3.87  ? 24  GLN B N   1 
ATOM   389  C CA  . GLN B 2 24  ? 1.889   -4.735  4.243   1.00 3.48  ? 24  GLN B CA  1 
ATOM   390  C C   . GLN B 2 24  ? 0.437   -5.175  4.205   1.00 3.38  ? 24  GLN B C   1 
ATOM   391  O O   . GLN B 2 24  ? 0.116   -6.348  4.406   1.00 4.02  ? 24  GLN B O   1 
ATOM   392  C CB  . GLN B 2 24  ? 2.395   -4.629  2.804   1.00 4.97  ? 24  GLN B CB  1 
ATOM   393  C CG  . GLN B 2 24  ? 2.582   -5.999  2.165   1.00 6.00  ? 24  GLN B CG  1 
ATOM   394  C CD  . GLN B 2 24  ? 3.220   -5.964  0.783   1.00 7.63  ? 24  GLN B CD  1 
ATOM   395  O OE1 . GLN B 2 24  ? 3.278   -4.934  0.107   1.00 8.49  ? 24  GLN B OE1 1 
ATOM   396  N NE2 . GLN B 2 24  ? 3.651   -7.131  0.373   1.00 6.91  ? 24  GLN B NE2 1 
ATOM   397  N N   . THR B 2 25  ? -0.445  -4.208  4.008   1.00 2.68  ? 25  THR B N   1 
ATOM   398  C CA  . THR B 2 25  ? -1.869  -4.487  3.935   1.00 3.08  ? 25  THR B CA  1 
ATOM   399  C C   . THR B 2 25  ? -2.491  -3.417  3.056   1.00 2.67  ? 25  THR B C   1 
ATOM   400  O O   . THR B 2 25  ? -2.050  -2.256  3.058   1.00 3.83  ? 25  THR B O   1 
ATOM   401  C CB  . THR B 2 25  ? -2.531  -4.542  5.329   1.00 3.62  ? 25  THR B CB  1 
ATOM   402  O OG1 . THR B 2 25  ? -3.806  -5.191  5.220   1.00 4.57  ? 25  THR B OG1 1 
ATOM   403  C CG2 . THR B 2 25  ? -2.745  -3.133  5.911   1.00 5.06  ? 25  THR B CG2 1 
ATOM   404  N N   . GLY B 2 26  ? -3.486  -3.804  2.267   1.00 3.51  ? 26  GLY B N   1 
ATOM   405  C CA  . GLY B 2 26  ? -4.110  -2.842  1.389   1.00 4.33  ? 26  GLY B CA  1 
ATOM   406  C C   . GLY B 2 26  ? -5.312  -3.363  0.640   1.00 3.18  ? 26  GLY B C   1 
ATOM   407  O O   . GLY B 2 26  ? -5.913  -4.372  1.008   1.00 4.64  ? 26  GLY B O   1 
ATOM   408  N N   . VAL B 2 27  ? -5.615  -2.683  -0.458  1.00 3.92  ? 27  VAL B N   1 
ATOM   409  C CA  . VAL B 2 27  ? -6.774  -2.992  -1.272  1.00 4.15  ? 27  VAL B CA  1 
ATOM   410  C C   . VAL B 2 27  ? -6.414  -3.013  -2.748  1.00 4.63  ? 27  VAL B C   1 
ATOM   411  O O   . VAL B 2 27  ? -5.584  -2.216  -3.194  1.00 5.21  ? 27  VAL B O   1 
ATOM   412  C CB  . VAL B 2 27  ? -7.840  -1.883  -1.073  1.00 5.52  ? 27  VAL B CB  1 
ATOM   413  C CG1 . VAL B 2 27  ? -8.997  -2.074  -2.032  1.00 7.77  ? 27  VAL B CG1 1 
ATOM   414  C CG2 . VAL B 2 27  ? -8.332  -1.871  0.376   1.00 5.86  ? 27  VAL B CG2 1 
ATOM   415  N N   . ASP B 2 28  ? -6.978  -3.974  -3.481  1.00 4.44  ? 28  ASP B N   1 
ATOM   416  C CA  . ASP B 2 28  ? -6.784  -4.078  -4.931  1.00 4.89  ? 28  ASP B CA  1 
ATOM   417  C C   . ASP B 2 28  ? -8.042  -3.545  -5.597  1.00 4.85  ? 28  ASP B C   1 
ATOM   418  O O   . ASP B 2 28  ? -9.144  -3.710  -5.064  1.00 5.46  ? 28  ASP B O   1 
ATOM   419  C CB  . ASP B 2 28  ? -6.656  -5.538  -5.384  1.00 6.51  ? 28  ASP B CB  1 
ATOM   420  C CG  . ASP B 2 28  ? -5.283  -6.133  -5.131  1.00 8.15  ? 28  ASP B CG  1 
ATOM   421  O OD1 . ASP B 2 28  ? -4.365  -5.423  -4.725  1.00 10.54 ? 28  ASP B OD1 1 
ATOM   422  O OD2 . ASP B 2 28  ? -5.122  -7.341  -5.365  1.00 13.02 ? 28  ASP B OD2 1 
ATOM   423  N N   . PHE B 2 29  ? -7.884  -2.845  -6.711  1.00 5.82  ? 29  PHE B N   1 
ATOM   424  C CA  . PHE B 2 29  ? -9.043  -2.367  -7.470  1.00 6.54  ? 29  PHE B CA  1 
ATOM   425  C C   . PHE B 2 29  ? -8.831  -2.794  -8.907  1.00 5.27  ? 29  PHE B C   1 
ATOM   426  O O   . PHE B 2 29  ? -7.787  -2.508  -9.484  1.00 6.72  ? 29  PHE B O   1 
ATOM   427  C CB  . PHE B 2 29  ? -9.265  -0.838  -7.425  1.00 8.90  ? 29  PHE B CB  1 
ATOM   428  C CG  . PHE B 2 29  ? -8.161  -0.060  -6.782  1.00 9.73  ? 29  PHE B CG  1 
ATOM   429  C CD1 . PHE B 2 29  ? -8.146  0.129   -5.405  1.00 11.56 ? 29  PHE B CD1 1 
ATOM   430  C CD2 . PHE B 2 29  ? -7.165  0.533   -7.561  1.00 11.93 ? 29  PHE B CD2 1 
ATOM   431  C CE1 . PHE B 2 29  ? -7.153  0.899   -4.800  1.00 12.11 ? 29  PHE B CE1 1 
ATOM   432  C CE2 . PHE B 2 29  ? -6.161  1.308   -6.977  1.00 12.51 ? 29  PHE B CE2 1 
ATOM   433  C CZ  . PHE B 2 29  ? -6.157  1.491   -5.593  1.00 12.32 ? 29  PHE B CZ  1 
ATOM   434  N N   . CYS B 2 30  ? -9.786  -3.537  -9.450  1.00 5.32  ? 30  CYS B N   1 
ATOM   435  C CA  . CYS B 2 30  ? -9.696  -4.012  -10.822 1.00 5.67  ? 30  CYS B CA  1 
ATOM   436  C C   . CYS B 2 30  ? -10.895 -3.642  -11.670 1.00 6.05  ? 30  CYS B C   1 
ATOM   437  O O   . CYS B 2 30  ? -12.015 -3.541  -11.170 1.00 6.36  ? 30  CYS B O   1 
ATOM   438  C CB  . CYS B 2 30  ? -9.524  -5.520  -10.856 1.00 6.11  ? 30  CYS B CB  1 
ATOM   439  S SG  . CYS B 2 30  ? -8.006  -6.146  -10.084 1.00 8.26  ? 30  CYS B SG  1 
ATOM   440  N N   . TYR B 2 31  ? -10.633 -3.470  -12.961 1.00 6.35  ? 31  TYR B N   1 
ATOM   441  C CA  . TYR B 2 31  ? -11.636 -3.121  -13.941 1.00 6.61  ? 31  TYR B CA  1 
ATOM   442  C C   . TYR B 2 31  ? -11.565 -4.096  -15.114 1.00 6.78  ? 31  TYR B C   1 
ATOM   443  O O   . TYR B 2 31  ? -10.478 -4.413  -15.606 1.00 5.81  ? 31  TYR B O   1 
ATOM   444  C CB  . TYR B 2 31  ? -11.383 -1.716  -14.487 1.00 7.51  ? 31  TYR B CB  1 
ATOM   445  C CG  . TYR B 2 31  ? -12.267 -1.424  -15.674 1.00 8.90  ? 31  TYR B CG  1 
ATOM   446  C CD1 . TYR B 2 31  ? -13.615 -1.145  -15.495 1.00 10.43 ? 31  TYR B CD1 1 
ATOM   447  C CD2 . TYR B 2 31  ? -11.786 -1.545  -16.981 1.00 10.85 ? 31  TYR B CD2 1 
ATOM   448  C CE1 . TYR B 2 31  ? -14.471 -0.999  -16.579 1.00 11.48 ? 31  TYR B CE1 1 
ATOM   449  C CE2 . TYR B 2 31  ? -12.646 -1.401  -18.083 1.00 11.79 ? 31  TYR B CE2 1 
ATOM   450  C CZ  . TYR B 2 31  ? -13.984 -1.130  -17.865 1.00 12.26 ? 31  TYR B CZ  1 
ATOM   451  O OH  . TYR B 2 31  ? -14.866 -0.996  -18.917 1.00 14.73 ? 31  TYR B OH  1 
ATOM   452  N N   . GLU B 2 32  ? -12.730 -4.514  -15.590 1.00 7.65  ? 32  GLU B N   1 
ATOM   453  C CA  . GLU B 2 32  ? -12.804 -5.399  -16.734 1.00 11.13 ? 32  GLU B CA  1 
ATOM   454  C C   . GLU B 2 32  ? -14.191 -5.307  -17.351 1.00 11.44 ? 32  GLU B C   1 
ATOM   455  O O   . GLU B 2 32  ? -15.181 -5.547  -16.679 1.00 10.83 ? 32  GLU B O   1 
ATOM   456  C CB  . GLU B 2 32  ? -12.524 -6.841  -16.315 1.00 15.12 ? 32  GLU B CB  1 
ATOM   457  C CG  . GLU B 2 32  ? -12.363 -7.770  -17.487 1.00 21.87 ? 32  GLU B CG  1 
ATOM   458  C CD  . GLU B 2 32  ? -12.988 -9.122  -17.246 1.00 26.45 ? 32  GLU B CD  1 
ATOM   459  O OE1 . GLU B 2 32  ? -12.629 -9.773  -16.235 1.00 29.91 ? 32  GLU B OE1 1 
ATOM   460  O OE2 . GLU B 2 32  ? -13.834 -9.539  -18.075 1.00 29.61 ? 32  GLU B OE2 1 
ATOM   461  N N   . ASP B 2 33  ? -14.248 -4.899  -18.614 1.00 13.26 ? 33  ASP B N   1 
ATOM   462  C CA  . ASP B 2 33  ? -15.488 -4.794  -19.380 1.00 16.61 ? 33  ASP B CA  1 
ATOM   463  C C   . ASP B 2 33  ? -16.739 -4.304  -18.633 1.00 15.41 ? 33  ASP B C   1 
ATOM   464  O O   . ASP B 2 33  ? -17.700 -5.057  -18.420 1.00 15.99 ? 33  ASP B O   1 
ATOM   465  C CB  . ASP B 2 33  ? -15.773 -6.122  -20.104 1.00 20.45 ? 33  ASP B CB  1 
ATOM   466  C CG  . ASP B 2 33  ? -16.972 -6.036  -21.060 1.00 22.45 ? 33  ASP B CG  1 
ATOM   467  O OD1 . ASP B 2 33  ? -17.048 -5.067  -21.863 1.00 23.35 ? 33  ASP B OD1 1 
ATOM   468  O OD2 . ASP B 2 33  ? -17.836 -6.940  -20.971 1.00 25.03 ? 33  ASP B OD2 1 
ATOM   469  N N   . GLY B 2 34  ? -16.694 -3.033  -18.236 1.00 14.70 ? 34  GLY B N   1 
ATOM   470  C CA  . GLY B 2 34  ? -17.804 -2.390  -17.545 1.00 13.81 ? 34  GLY B CA  1 
ATOM   471  C C   . GLY B 2 34  ? -18.085 -2.814  -16.119 1.00 12.34 ? 34  GLY B C   1 
ATOM   472  O O   . GLY B 2 34  ? -19.090 -2.396  -15.558 1.00 12.89 ? 34  GLY B O   1 
ATOM   473  N N   . GLN B 2 35  ? -17.209 -3.629  -15.538 1.00 11.61 ? 35  GLN B N   1 
ATOM   474  C CA  . GLN B 2 35  ? -17.379 -4.121  -14.171 1.00 11.76 ? 35  GLN B CA  1 
ATOM   475  C C   . GLN B 2 35  ? -16.123 -3.820  -13.349 1.00 9.98  ? 35  GLN B C   1 
ATOM   476  O O   . GLN B 2 35  ? -15.034 -3.662  -13.908 1.00 9.05  ? 35  GLN B O   1 
ATOM   477  C CB  . GLN B 2 35  ? -17.575 -5.650  -14.179 1.00 15.54 ? 35  GLN B CB  1 
ATOM   478  C CG  . GLN B 2 35  ? -18.857 -6.179  -14.823 1.00 21.77 ? 35  GLN B CG  1 
ATOM   479  C CD  . GLN B 2 35  ? -18.926 -7.718  -14.887 1.00 25.01 ? 35  GLN B CD  1 
ATOM   480  O OE1 . GLN B 2 35  ? -19.869 -8.280  -15.443 1.00 29.45 ? 35  GLN B OE1 1 
ATOM   481  N NE2 . GLN B 2 35  ? -17.928 -8.394  -14.330 1.00 27.51 ? 35  GLN B NE2 1 
ATOM   482  N N   . THR B 2 36  ? -16.273 -3.758  -12.027 1.00 8.24  ? 36  THR B N   1 
ATOM   483  C CA  . THR B 2 36  ? -15.143 -3.519  -11.134 1.00 8.03  ? 36  THR B CA  1 
ATOM   484  C C   . THR B 2 36  ? -15.125 -4.579  -10.050 1.00 8.11  ? 36  THR B C   1 
ATOM   485  O O   . THR B 2 36  ? -16.164 -5.177  -9.728  1.00 8.67  ? 36  THR B O   1 
ATOM   486  C CB  . THR B 2 36  ? -15.214 -2.142  -10.437 1.00 8.89  ? 36  THR B CB  1 
ATOM   487  O OG1 . THR B 2 36  ? -16.408 -2.066  -9.653  1.00 9.69  ? 36  THR B OG1 1 
ATOM   488  C CG2 . THR B 2 36  ? -15.173 -1.014  -11.446 1.00 9.60  ? 36  THR B CG2 1 
ATOM   489  N N   . SER B 2 37  ? -13.945 -4.818  -9.491  1.00 7.63  ? 37  SER B N   1 
ATOM   490  C CA  . SER B 2 37  ? -13.771 -5.794  -8.428  1.00 8.17  ? 37  SER B CA  1 
ATOM   491  C C   . SER B 2 37  ? -12.813 -5.171  -7.403  1.00 8.51  ? 37  SER B C   1 
ATOM   492  O O   . SER B 2 37  ? -11.805 -4.585  -7.793  1.00 7.66  ? 37  SER B O   1 
ATOM   493  C CB  . SER B 2 37  ? -13.167 -7.081  -8.996  1.00 10.47 ? 37  SER B CB  1 
ATOM   494  O OG  . SER B 2 37  ? -13.316 -8.133  -8.071  1.00 16.54 ? 37  SER B OG  1 
ATOM   495  N N   . TYR B 2 38  ? -13.158 -5.257  -6.113  1.00 8.49  ? 38  TYR B N   1 
ATOM   496  C CA  . TYR B 2 38  ? -12.338 -4.694  -5.033  1.00 9.12  ? 38  TYR B CA  1 
ATOM   497  C C   . TYR B 2 38  ? -12.138 -5.743  -3.949  1.00 9.86  ? 38  TYR B C   1 
ATOM   498  O O   . TYR B 2 38  ? -13.059 -6.501  -3.652  1.00 11.39 ? 38  TYR B O   1 
ATOM   499  C CB  . TYR B 2 38  ? -13.041 -3.494  -4.371  1.00 10.18 ? 38  TYR B CB  1 
ATOM   500  C CG  . TYR B 2 38  ? -13.304 -2.307  -5.269  1.00 11.36 ? 38  TYR B CG  1 
ATOM   501  C CD1 . TYR B 2 38  ? -12.300 -1.378  -5.535  1.00 12.97 ? 38  TYR B CD1 1 
ATOM   502  C CD2 . TYR B 2 38  ? -14.560 -2.110  -5.857  1.00 13.49 ? 38  TYR B CD2 1 
ATOM   503  C CE1 . TYR B 2 38  ? -12.531 -0.283  -6.363  1.00 14.32 ? 38  TYR B CE1 1 
ATOM   504  C CE2 . TYR B 2 38  ? -14.805 -1.013  -6.695  1.00 13.71 ? 38  TYR B CE2 1 
ATOM   505  C CZ  . TYR B 2 38  ? -13.783 -0.103  -6.940  1.00 16.09 ? 38  TYR B CZ  1 
ATOM   506  O OH  . TYR B 2 38  ? -13.990 0.995   -7.755  1.00 16.64 ? 38  TYR B OH  1 
ATOM   507  N N   . ASP B 2 39  ? -10.956 -5.780  -3.346  1.00 8.95  ? 39  ASP B N   1 
ATOM   508  C CA  . ASP B 2 39  ? -10.703 -6.722  -2.265  1.00 9.84  ? 39  ASP B CA  1 
ATOM   509  C C   . ASP B 2 39  ? -9.638  -6.187  -1.314  1.00 8.55  ? 39  ASP B C   1 
ATOM   510  O O   . ASP B 2 39  ? -8.826  -5.343  -1.706  1.00 9.38  ? 39  ASP B O   1 
ATOM   511  C CB  . ASP B 2 39  ? -10.334 -8.116  -2.810  1.00 13.70 ? 39  ASP B CB  1 
ATOM   512  C CG  . ASP B 2 39  ? -8.859  -8.271  -3.147  1.00 17.44 ? 39  ASP B CG  1 
ATOM   513  O OD1 . ASP B 2 39  ? -8.166  -7.267  -3.405  1.00 21.31 ? 39  ASP B OD1 1 
ATOM   514  O OD2 . ASP B 2 39  ? -8.378  -9.428  -3.162  1.00 20.17 ? 39  ASP B OD2 1 
ATOM   515  N N   . ALA B 2 40  ? -9.667  -6.631  -0.065  1.00 6.77  ? 40  ALA B N   1 
ATOM   516  C CA  . ALA B 2 40  ? -8.674  -6.215  0.919   1.00 5.59  ? 40  ALA B CA  1 
ATOM   517  C C   . ALA B 2 40  ? -7.788  -7.431  1.174   1.00 5.45  ? 40  ALA B C   1 
ATOM   518  O O   . ALA B 2 40  ? -8.269  -8.567  1.155   1.00 5.97  ? 40  ALA B O   1 
ATOM   519  C CB  . ALA B 2 40  ? -9.357  -5.749  2.203   1.00 5.66  ? 40  ALA B CB  1 
ATOM   520  N N   . TRP B 2 41  ? -6.514  -7.197  1.462   1.00 4.75  ? 41  TRP B N   1 
ATOM   521  C CA  . TRP B 2 41  ? -5.571  -8.291  1.668   1.00 5.06  ? 41  TRP B CA  1 
ATOM   522  C C   . TRP B 2 41  ? -4.442  -7.912  2.622   1.00 5.30  ? 41  TRP B C   1 
ATOM   523  O O   . TRP B 2 41  ? -4.261  -6.730  2.942   1.00 4.44  ? 41  TRP B O   1 
ATOM   524  C CB  . TRP B 2 41  ? -4.955  -8.674  0.310   1.00 5.43  ? 41  TRP B CB  1 
ATOM   525  C CG  . TRP B 2 41  ? -4.363  -7.487  -0.444  1.00 5.93  ? 41  TRP B CG  1 
ATOM   526  C CD1 . TRP B 2 41  ? -5.006  -6.694  -1.358  1.00 6.44  ? 41  TRP B CD1 1 
ATOM   527  C CD2 . TRP B 2 41  ? -3.058  -6.906  -0.261  1.00 6.40  ? 41  TRP B CD2 1 
ATOM   528  N NE1 . TRP B 2 41  ? -4.188  -5.651  -1.741  1.00 7.17  ? 41  TRP B NE1 1 
ATOM   529  C CE2 . TRP B 2 41  ? -2.990  -5.756  -1.084  1.00 6.61  ? 41  TRP B CE2 1 
ATOM   530  C CE3 . TRP B 2 41  ? -1.943  -7.238  0.526   1.00 7.01  ? 41  TRP B CE3 1 
ATOM   531  C CZ2 . TRP B 2 41  ? -1.859  -4.939  -1.142  1.00 7.27  ? 41  TRP B CZ2 1 
ATOM   532  C CZ3 . TRP B 2 41  ? -0.815  -6.422  0.467   1.00 8.11  ? 41  TRP B CZ3 1 
ATOM   533  C CH2 . TRP B 2 41  ? -0.787  -5.285  -0.364  1.00 8.08  ? 41  TRP B CH2 1 
ATOM   534  N N   . TYR B 2 42  ? -3.692  -8.916  3.078   1.00 4.67  ? 42  TYR B N   1 
ATOM   535  C CA  . TYR B 2 42  ? -2.534  -8.687  3.946   1.00 5.04  ? 42  TYR B CA  1 
ATOM   536  C C   . TYR B 2 42  ? -1.416  -9.589  3.447   1.00 6.15  ? 42  TYR B C   1 
ATOM   537  O O   . TYR B 2 42  ? -1.672  -10.591 2.771   1.00 5.77  ? 42  TYR B O   1 
ATOM   538  C CB  . TYR B 2 42  ? -2.823  -9.013  5.419   1.00 6.15  ? 42  TYR B CB  1 
ATOM   539  C CG  . TYR B 2 42  ? -3.197  -10.456 5.678   1.00 5.89  ? 42  TYR B CG  1 
ATOM   540  C CD1 . TYR B 2 42  ? -2.217  -11.438 5.854   1.00 6.84  ? 42  TYR B CD1 1 
ATOM   541  C CD2 . TYR B 2 42  ? -4.540  -10.837 5.725   1.00 7.25  ? 42  TYR B CD2 1 
ATOM   542  C CE1 . TYR B 2 42  ? -2.569  -12.763 6.070   1.00 8.28  ? 42  TYR B CE1 1 
ATOM   543  C CE2 . TYR B 2 42  ? -4.911  -12.154 5.943   1.00 8.65  ? 42  TYR B CE2 1 
ATOM   544  C CZ  . TYR B 2 42  ? -3.920  -13.112 6.113   1.00 8.18  ? 42  TYR B CZ  1 
ATOM   545  O OH  . TYR B 2 42  ? -4.292  -14.419 6.324   1.00 12.39 ? 42  TYR B OH  1 
ATOM   546  N N   . GLU B 2 43  ? -0.181  -9.245  3.786   1.00 5.69  ? 43  GLU B N   1 
ATOM   547  C CA  . GLU B 2 43  ? 0.952   -10.047 3.372   1.00 5.65  ? 43  GLU B CA  1 
ATOM   548  C C   . GLU B 2 43  ? 2.190   -9.750  4.181   1.00 5.64  ? 43  GLU B C   1 
ATOM   549  O O   . GLU B 2 43  ? 2.469   -8.597  4.509   1.00 5.85  ? 43  GLU B O   1 
ATOM   550  C CB  . GLU B 2 43  ? 1.275   -9.799  1.889   1.00 7.33  ? 43  GLU B CB  1 
ATOM   551  C CG  . GLU B 2 43  ? 2.548   -10.523 1.413   1.00 8.15  ? 43  GLU B CG  1 
ATOM   552  C CD  . GLU B 2 43  ? 2.705   -10.561 -0.105  1.00 9.15  ? 43  GLU B CD  1 
ATOM   553  O OE1 . GLU B 2 43  ? 2.090   -9.737  -0.818  1.00 9.86  ? 43  GLU B OE1 1 
ATOM   554  O OE2 . GLU B 2 43  ? 3.434   -11.461 -0.576  1.00 12.47 ? 43  GLU B OE2 1 
ATOM   555  N N   . TRP B 2 44  ? 2.882   -10.804 4.571   1.00 5.15  ? 44  TRP B N   1 
ATOM   556  C CA  . TRP B 2 44  ? 4.150   -10.655 5.249   1.00 5.31  ? 44  TRP B CA  1 
ATOM   557  C C   . TRP B 2 44  ? 5.124   -11.350 4.287   1.00 6.27  ? 44  TRP B C   1 
ATOM   558  O O   . TRP B 2 44  ? 5.361   -12.562 4.378   1.00 5.91  ? 44  TRP B O   1 
ATOM   559  C CB  . TRP B 2 44  ? 4.173   -11.315 6.637   1.00 5.23  ? 44  TRP B CB  1 
ATOM   560  C CG  . TRP B 2 44  ? 5.435   -10.987 7.426   1.00 6.41  ? 44  TRP B CG  1 
ATOM   561  C CD1 . TRP B 2 44  ? 6.747   -11.159 7.018   1.00 7.86  ? 44  TRP B CD1 1 
ATOM   562  C CD2 . TRP B 2 44  ? 5.508   -10.399 8.724   1.00 5.19  ? 44  TRP B CD2 1 
ATOM   563  N NE1 . TRP B 2 44  ? 7.604   -10.710 7.980   1.00 7.89  ? 44  TRP B NE1 1 
ATOM   564  C CE2 . TRP B 2 44  ? 6.872   -10.234 9.040   1.00 7.74  ? 44  TRP B CE2 1 
ATOM   565  C CE3 . TRP B 2 44  ? 4.542   -9.982  9.656   1.00 5.98  ? 44  TRP B CE3 1 
ATOM   566  C CZ2 . TRP B 2 44  ? 7.305   -9.672  10.253  1.00 7.44  ? 44  TRP B CZ2 1 
ATOM   567  C CZ3 . TRP B 2 44  ? 4.971   -9.423  10.856  1.00 6.61  ? 44  TRP B CZ3 1 
ATOM   568  C CH2 . TRP B 2 44  ? 6.336   -9.272  11.141  1.00 6.60  ? 44  TRP B CH2 1 
ATOM   569  N N   . TYR B 2 45  ? 5.585   -10.598 3.294   1.00 7.13  ? 45  TYR B N   1 
ATOM   570  C CA  . TYR B 2 45  ? 6.521   -11.104 2.298   1.00 8.81  ? 45  TYR B CA  1 
ATOM   571  C C   . TYR B 2 45  ? 7.736   -11.669 3.039   1.00 8.65  ? 45  TYR B C   1 
ATOM   572  O O   . TYR B 2 45  ? 8.210   -11.048 3.984   1.00 8.96  ? 45  TYR B O   1 
ATOM   573  C CB  . TYR B 2 45  ? 6.914   -9.943  1.379   1.00 10.35 ? 45  TYR B CB  1 
ATOM   574  C CG  . TYR B 2 45  ? 7.966   -10.270 0.355   1.00 14.32 ? 45  TYR B CG  1 
ATOM   575  C CD1 . TYR B 2 45  ? 9.326   -10.178 0.670   1.00 17.06 ? 45  TYR B CD1 1 
ATOM   576  C CD2 . TYR B 2 45  ? 7.610   -10.668 -0.931  1.00 16.64 ? 45  TYR B CD2 1 
ATOM   577  C CE1 . TYR B 2 45  ? 10.313  -10.474 -0.278  1.00 18.75 ? 45  TYR B CE1 1 
ATOM   578  C CE2 . TYR B 2 45  ? 8.587   -10.964 -1.893  1.00 18.07 ? 45  TYR B CE2 1 
ATOM   579  C CZ  . TYR B 2 45  ? 9.935   -10.870 -1.557  1.00 19.24 ? 45  TYR B CZ  1 
ATOM   580  O OH  . TYR B 2 45  ? 10.908  -11.185 -2.491  1.00 21.82 ? 45  TYR B OH  1 
ATOM   581  N N   . PRO B 2 46  ? 8.343   -12.768 2.546   1.00 9.54  ? 46  PRO B N   1 
ATOM   582  C CA  . PRO B 2 46  ? 8.053   -13.578 1.358   1.00 9.44  ? 46  PRO B CA  1 
ATOM   583  C C   . PRO B 2 46  ? 6.895   -14.565 1.338   1.00 9.45  ? 46  PRO B C   1 
ATOM   584  O O   . PRO B 2 46  ? 6.788   -15.345 0.390   1.00 12.05 ? 46  PRO B O   1 
ATOM   585  C CB  . PRO B 2 46  ? 9.387   -14.263 1.086   1.00 9.15  ? 46  PRO B CB  1 
ATOM   586  C CG  . PRO B 2 46  ? 9.850   -14.568 2.441   1.00 10.32 ? 46  PRO B CG  1 
ATOM   587  C CD  . PRO B 2 46  ? 9.554   -13.278 3.214   1.00 10.22 ? 46  PRO B CD  1 
ATOM   588  N N   . ASP B 2 47  ? 6.051   -14.577 2.361   1.00 9.18  ? 47  ASP B N   1 
ATOM   589  C CA  . ASP B 2 47  ? 4.885   -15.455 2.336   1.00 9.42  ? 47  ASP B CA  1 
ATOM   590  C C   . ASP B 2 47  ? 3.909   -14.824 1.322   1.00 9.25  ? 47  ASP B C   1 
ATOM   591  O O   . ASP B 2 47  ? 4.084   -13.675 0.903   1.00 8.82  ? 47  ASP B O   1 
ATOM   592  C CB  . ASP B 2 47  ? 4.236   -15.504 3.725   1.00 10.69 ? 47  ASP B CB  1 
ATOM   593  C CG  . ASP B 2 47  ? 3.257   -16.667 3.901   1.00 14.19 ? 47  ASP B CG  1 
ATOM   594  O OD1 . ASP B 2 47  ? 2.979   -17.430 2.949   1.00 14.97 ? 47  ASP B OD1 1 
ATOM   595  O OD2 . ASP B 2 47  ? 2.751   -16.821 5.032   1.00 16.85 ? 47  ASP B OD2 1 
ATOM   596  N N   . TYR B 2 48  ? 2.897   -15.590 0.916   1.00 9.38  ? 48  TYR B N   1 
ATOM   597  C CA  . TYR B 2 48  ? 1.881   -15.141 -0.031  1.00 9.76  ? 48  TYR B CA  1 
ATOM   598  C C   . TYR B 2 48  ? 0.957   -14.092 0.564   1.00 8.86  ? 48  TYR B C   1 
ATOM   599  O O   . TYR B 2 48  ? 0.843   -13.976 1.783   1.00 8.50  ? 48  TYR B O   1 
ATOM   600  C CB  . TYR B 2 48  ? 0.975   -16.318 -0.422  1.00 12.87 ? 48  TYR B CB  1 
ATOM   601  C CG  . TYR B 2 48  ? 1.694   -17.493 -1.047  1.00 15.61 ? 48  TYR B CG  1 
ATOM   602  C CD1 . TYR B 2 48  ? 2.039   -17.474 -2.393  1.00 15.97 ? 48  TYR B CD1 1 
ATOM   603  C CD2 . TYR B 2 48  ? 2.019   -18.625 -0.293  1.00 15.75 ? 48  TYR B CD2 1 
ATOM   604  C CE1 . TYR B 2 48  ? 2.693   -18.551 -2.983  1.00 18.44 ? 48  TYR B CE1 1 
ATOM   605  C CE2 . TYR B 2 48  ? 2.680   -19.712 -0.874  1.00 17.90 ? 48  TYR B CE2 1 
ATOM   606  C CZ  . TYR B 2 48  ? 3.012   -19.666 -2.222  1.00 18.86 ? 48  TYR B CZ  1 
ATOM   607  O OH  . TYR B 2 48  ? 3.676   -20.725 -2.813  1.00 20.31 ? 48  TYR B OH  1 
ATOM   608  N N   . ALA B 2 49  ? 0.288   -13.352 -0.314  1.00 8.16  ? 49  ALA B N   1 
ATOM   609  C CA  . ALA B 2 49  ? -0.711  -12.375 0.109   1.00 8.41  ? 49  ALA B CA  1 
ATOM   610  C C   . ALA B 2 49  ? -1.990  -13.205 0.297   1.00 8.71  ? 49  ALA B C   1 
ATOM   611  O O   . ALA B 2 49  ? -2.210  -14.182 -0.430  1.00 9.74  ? 49  ALA B O   1 
ATOM   612  C CB  . ALA B 2 49  ? -0.933  -11.320 -0.963  1.00 8.02  ? 49  ALA B CB  1 
ATOM   613  N N   . TYR B 2 50  ? -2.786  -12.871 1.306   1.00 8.12  ? 50  TYR B N   1 
ATOM   614  C CA  . TYR B 2 50  ? -4.038  -13.575 1.573   1.00 8.03  ? 50  TYR B CA  1 
ATOM   615  C C   . TYR B 2 50  ? -5.142  -12.529 1.653   1.00 8.47  ? 50  TYR B C   1 
ATOM   616  O O   . TYR B 2 50  ? -4.904  -11.394 2.069   1.00 8.11  ? 50  TYR B O   1 
ATOM   617  C CB  . TYR B 2 50  ? -3.964  -14.389 2.877   1.00 7.23  ? 50  TYR B CB  1 
ATOM   618  C CG  . TYR B 2 50  ? -2.923  -15.494 2.862   1.00 7.43  ? 50  TYR B CG  1 
ATOM   619  C CD1 . TYR B 2 50  ? -3.187  -16.713 2.237   1.00 7.53  ? 50  TYR B CD1 1 
ATOM   620  C CD2 . TYR B 2 50  ? -1.674  -15.317 3.466   1.00 7.59  ? 50  TYR B CD2 1 
ATOM   621  C CE1 . TYR B 2 50  ? -2.234  -17.730 2.212   1.00 9.44  ? 50  TYR B CE1 1 
ATOM   622  C CE2 . TYR B 2 50  ? -0.716  -16.334 3.449   1.00 8.34  ? 50  TYR B CE2 1 
ATOM   623  C CZ  . TYR B 2 50  ? -1.001  -17.535 2.815   1.00 8.95  ? 50  TYR B CZ  1 
ATOM   624  O OH  . TYR B 2 50  ? -0.061  -18.541 2.768   1.00 10.00 ? 50  TYR B OH  1 
ATOM   625  N N   . ASP B 2 51  ? -6.334  -12.888 1.202   1.00 9.47  ? 51  ASP B N   1 
ATOM   626  C CA  . ASP B 2 51  ? -7.452  -11.957 1.236   1.00 11.06 ? 51  ASP B CA  1 
ATOM   627  C C   . ASP B 2 51  ? -8.204  -11.977 2.549   1.00 11.31 ? 51  ASP B C   1 
ATOM   628  O O   . ASP B 2 51  ? -8.271  -13.009 3.225   1.00 10.87 ? 51  ASP B O   1 
ATOM   629  C CB  . ASP B 2 51  ? -8.484  -12.278 0.151   1.00 14.68 ? 51  ASP B CB  1 
ATOM   630  C CG  . ASP B 2 51  ? -7.902  -12.284 -1.233  1.00 17.69 ? 51  ASP B CG  1 
ATOM   631  O OD1 . ASP B 2 51  ? -6.995  -11.477 -1.527  1.00 20.94 ? 51  ASP B OD1 1 
ATOM   632  O OD2 . ASP B 2 51  ? -8.362  -13.115 -2.031  1.00 22.50 ? 51  ASP B OD2 1 
ATOM   633  N N   . PHE B 2 52  ? -8.748  -10.814 2.901   1.00 10.58 ? 52  PHE B N   1 
ATOM   634  C CA  . PHE B 2 52  ? -9.606  -10.654 4.070   1.00 11.69 ? 52  PHE B CA  1 
ATOM   635  C C   . PHE B 2 52  ? -10.992 -10.873 3.462   1.00 13.73 ? 52  PHE B C   1 
ATOM   636  O O   . PHE B 2 52  ? -11.537 -9.977  2.813   1.00 14.02 ? 52  PHE B O   1 
ATOM   637  C CB  . PHE B 2 52  ? -9.548  -9.226  4.593   1.00 8.93  ? 52  PHE B CB  1 
ATOM   638  C CG  . PHE B 2 52  ? -8.404  -8.950  5.501   1.00 8.26  ? 52  PHE B CG  1 
ATOM   639  C CD1 . PHE B 2 52  ? -8.303  -9.594  6.734   1.00 8.43  ? 52  PHE B CD1 1 
ATOM   640  C CD2 . PHE B 2 52  ? -7.475  -7.976  5.179   1.00 7.72  ? 52  PHE B CD2 1 
ATOM   641  C CE1 . PHE B 2 52  ? -7.291  -9.256  7.647   1.00 7.54  ? 52  PHE B CE1 1 
ATOM   642  C CE2 . PHE B 2 52  ? -6.463  -7.631  6.080   1.00 7.74  ? 52  PHE B CE2 1 
ATOM   643  C CZ  . PHE B 2 52  ? -6.374  -8.271  7.319   1.00 7.41  ? 52  PHE B CZ  1 
ATOM   644  N N   . SER B 2 53  ? -11.563 -12.049 3.686   1.00 16.01 ? 53  SER B N   1 
ATOM   645  C CA  . SER B 2 53  ? -12.875 -12.391 3.133   1.00 18.96 ? 53  SER B CA  1 
ATOM   646  C C   . SER B 2 53  ? -14.099 -11.844 3.870   1.00 19.32 ? 53  SER B C   1 
ATOM   647  O O   . SER B 2 53  ? -15.209 -11.844 3.336   1.00 21.31 ? 53  SER B O   1 
ATOM   648  C CB  . SER B 2 53  ? -12.992 -13.911 3.009   1.00 20.32 ? 53  SER B CB  1 
ATOM   649  O OG  . SER B 2 53  ? -12.025 -14.388 2.090   1.00 23.81 ? 53  SER B OG  1 
ATOM   650  N N   . ASP B 2 54  ? -13.903 -11.391 5.098   1.00 18.65 ? 54  ASP B N   1 
ATOM   651  C CA  . ASP B 2 54  ? -15.003 -10.875 5.903   1.00 17.97 ? 54  ASP B CA  1 
ATOM   652  C C   . ASP B 2 54  ? -15.139 -9.350  5.912   1.00 16.30 ? 54  ASP B C   1 
ATOM   653  O O   . ASP B 2 54  ? -15.523 -8.761  6.923   1.00 17.02 ? 54  ASP B O   1 
ATOM   654  C CB  . ASP B 2 54  ? -14.928 -11.444 7.334   1.00 20.11 ? 54  ASP B CB  1 
ATOM   655  C CG  . ASP B 2 54  ? -13.580 -11.196 8.015   1.00 22.98 ? 54  ASP B CG  1 
ATOM   656  O OD1 . ASP B 2 54  ? -12.561 -10.902 7.330   1.00 22.78 ? 54  ASP B OD1 1 
ATOM   657  O OD2 . ASP B 2 54  ? -13.537 -11.310 9.265   1.00 24.41 ? 54  ASP B OD2 1 
ATOM   658  N N   . ILE B 2 55  ? -14.788 -8.714  4.798   1.00 13.76 ? 55  ILE B N   1 
ATOM   659  C CA  . ILE B 2 55  ? -14.910 -7.265  4.681   1.00 12.17 ? 55  ILE B CA  1 
ATOM   660  C C   . ILE B 2 55  ? -15.244 -6.881  3.247   1.00 11.24 ? 55  ILE B C   1 
ATOM   661  O O   . ILE B 2 55  ? -14.628 -7.362  2.286   1.00 12.99 ? 55  ILE B O   1 
ATOM   662  C CB  . ILE B 2 55  ? -13.654 -6.486  5.177   1.00 12.02 ? 55  ILE B CB  1 
ATOM   663  C CG1 . ILE B 2 55  ? -13.983 -4.987  5.271   1.00 11.51 ? 55  ILE B CG1 1 
ATOM   664  C CG2 . ILE B 2 55  ? -12.457 -6.705  4.229   1.00 11.24 ? 55  ILE B CG2 1 
ATOM   665  C CD1 . ILE B 2 55  ? -12.998 -4.166  6.093   1.00 11.61 ? 55  ILE B CD1 1 
ATOM   666  N N   . THR B 2 56  ? -16.258 -6.041  3.116   1.00 9.77  ? 56  THR B N   1 
ATOM   667  C CA  . THR B 2 56  ? -16.729 -5.564  1.824   1.00 9.45  ? 56  THR B CA  1 
ATOM   668  C C   . THR B 2 56  ? -16.141 -4.184  1.523   1.00 9.06  ? 56  THR B C   1 
ATOM   669  O O   . THR B 2 56  ? -16.183 -3.286  2.369   1.00 9.23  ? 56  THR B O   1 
ATOM   670  C CB  . THR B 2 56  ? -18.262 -5.472  1.839   1.00 10.19 ? 56  THR B CB  1 
ATOM   671  O OG1 . THR B 2 56  ? -18.799 -6.770  2.084   1.00 11.21 ? 56  THR B OG1 1 
ATOM   672  C CG2 . THR B 2 56  ? -18.780 -4.944  0.515   1.00 12.35 ? 56  THR B CG2 1 
ATOM   673  N N   . ILE B 2 57  ? -15.577 -4.048  0.325   1.00 8.27  ? 57  ILE B N   1 
ATOM   674  C CA  . ILE B 2 57  ? -14.957 -2.813  -0.143  1.00 9.19  ? 57  ILE B CA  1 
ATOM   675  C C   . ILE B 2 57  ? -15.736 -2.338  -1.383  1.00 8.73  ? 57  ILE B C   1 
ATOM   676  O O   . ILE B 2 57  ? -15.927 -3.118  -2.320  1.00 10.24 ? 57  ILE B O   1 
ATOM   677  C CB  . ILE B 2 57  ? -13.477 -3.067  -0.576  1.00 9.56  ? 57  ILE B CB  1 
ATOM   678  C CG1 . ILE B 2 57  ? -12.695 -3.839  0.491   1.00 11.11 ? 57  ILE B CG1 1 
ATOM   679  C CG2 . ILE B 2 57  ? -12.796 -1.745  -0.933  1.00 10.56 ? 57  ILE B CG2 1 
ATOM   680  C CD1 . ILE B 2 57  ? -12.419 -3.067  1.760   1.00 13.24 ? 57  ILE B CD1 1 
ATOM   681  N N   . SER B 2 58  ? -16.184 -1.082  -1.383  1.00 8.35  ? 58  SER B N   1 
ATOM   682  C CA  . SER B 2 58  ? -16.924 -0.513  -2.520  1.00 9.35  ? 58  SER B CA  1 
ATOM   683  C C   . SER B 2 58  ? -16.315 0.820   -2.962  1.00 7.78  ? 58  SER B C   1 
ATOM   684  O O   . SER B 2 58  ? -15.636 1.498   -2.185  1.00 7.59  ? 58  SER B O   1 
ATOM   685  C CB  . SER B 2 58  ? -18.393 -0.244  -2.153  1.00 11.02 ? 58  SER B CB  1 
ATOM   686  O OG  . SER B 2 58  ? -19.061 -1.417  -1.713  1.00 14.08 ? 58  SER B OG  1 
ATOM   687  N N   . GLU B 2 59  ? -16.592 1.213   -4.201  1.00 7.18  ? 59  GLU B N   1 
ATOM   688  C CA  . GLU B 2 59  ? -16.080 2.476   -4.714  1.00 7.11  ? 59  GLU B CA  1 
ATOM   689  C C   . GLU B 2 59  ? -16.542 3.599   -3.787  1.00 6.80  ? 59  GLU B C   1 
ATOM   690  O O   . GLU B 2 59  ? -17.685 3.593   -3.310  1.00 7.12  ? 59  GLU B O   1 
ATOM   691  C CB  . GLU B 2 59  ? -16.608 2.745   -6.132  1.00 7.78  ? 59  GLU B CB  1 
ATOM   692  C CG  . GLU B 2 59  ? -15.926 3.912   -6.864  1.00 8.81  ? 59  GLU B CG  1 
ATOM   693  C CD  . GLU B 2 59  ? -16.419 5.305   -6.455  1.00 9.19  ? 59  GLU B CD  1 
ATOM   694  O OE1 . GLU B 2 59  ? -17.558 5.437   -5.962  1.00 10.77 ? 59  GLU B OE1 1 
ATOM   695  O OE2 . GLU B 2 59  ? -15.660 6.283   -6.650  1.00 12.33 ? 59  GLU B OE2 1 
ATOM   696  N N   . GLY B 2 60  ? -15.635 4.525   -3.492  1.00 5.77  ? 60  GLY B N   1 
ATOM   697  C CA  . GLY B 2 60  ? -15.984 5.658   -2.664  1.00 6.82  ? 60  GLY B CA  1 
ATOM   698  C C   . GLY B 2 60  ? -15.883 5.478   -1.169  1.00 6.67  ? 60  GLY B C   1 
ATOM   699  O O   . GLY B 2 60  ? -15.980 6.463   -0.445  1.00 8.62  ? 60  GLY B O   1 
ATOM   700  N N   . ASP B 2 61  ? -15.707 4.249   -0.696  1.00 5.46  ? 61  ASP B N   1 
ATOM   701  C CA  . ASP B 2 61  ? -15.603 4.013   0.740   1.00 5.12  ? 61  ASP B CA  1 
ATOM   702  C C   . ASP B 2 61  ? -14.298 4.570   1.291   1.00 5.47  ? 61  ASP B C   1 
ATOM   703  O O   . ASP B 2 61  ? -13.281 4.604   0.594   1.00 6.09  ? 61  ASP B O   1 
ATOM   704  C CB  . ASP B 2 61  ? -15.633 2.514   1.041   1.00 5.31  ? 61  ASP B CB  1 
ATOM   705  C CG  . ASP B 2 61  ? -17.006 1.893   0.862   1.00 6.03  ? 61  ASP B CG  1 
ATOM   706  O OD1 . ASP B 2 61  ? -18.009 2.626   0.720   1.00 8.01  ? 61  ASP B OD1 1 
ATOM   707  O OD2 . ASP B 2 61  ? -17.075 0.652   0.897   1.00 7.55  ? 61  ASP B OD2 1 
ATOM   708  N N   . SER B 2 62  ? -14.343 4.994   2.548   1.00 5.32  ? 62  SER B N   1 
ATOM   709  C CA  . SER B 2 62  ? -13.174 5.508   3.240   1.00 6.22  ? 62  SER B CA  1 
ATOM   710  C C   . SER B 2 62  ? -12.551 4.342   3.977   1.00 5.88  ? 62  SER B C   1 
ATOM   711  O O   . SER B 2 62  ? -13.203 3.688   4.806   1.00 6.28  ? 62  SER B O   1 
ATOM   712  C CB  . SER B 2 62  ? -13.585 6.570   4.241   1.00 8.20  ? 62  SER B CB  1 
ATOM   713  O OG  . SER B 2 62  ? -13.874 7.775   3.569   1.00 14.27 ? 62  SER B OG  1 
ATOM   714  N N   . ILE B 2 63  ? -11.292 4.079   3.661   1.00 4.78  ? 63  ILE B N   1 
ATOM   715  C CA  . ILE B 2 63  ? -10.573 2.971   4.250   1.00 5.12  ? 63  ILE B CA  1 
ATOM   716  C C   . ILE B 2 63  ? -9.391  3.461   5.073   1.00 5.68  ? 63  ILE B C   1 
ATOM   717  O O   . ILE B 2 63  ? -8.730  4.431   4.692   1.00 7.45  ? 63  ILE B O   1 
ATOM   718  C CB  . ILE B 2 63  ? -10.007 2.064   3.128   1.00 5.93  ? 63  ILE B CB  1 
ATOM   719  C CG1 . ILE B 2 63  ? -11.133 1.588   2.209   1.00 7.06  ? 63  ILE B CG1 1 
ATOM   720  C CG2 . ILE B 2 63  ? -9.225  0.902   3.701   1.00 6.32  ? 63  ILE B CG2 1 
ATOM   721  C CD1 . ILE B 2 63  ? -12.261 0.837   2.893   1.00 7.74  ? 63  ILE B CD1 1 
ATOM   722  N N   . LYS B 2 64  ? -9.161  2.841   6.224   1.00 5.70  ? 64  LYS B N   1 
ATOM   723  C CA  . LYS B 2 64  ? -7.997  3.176   7.042   1.00 5.45  ? 64  LYS B CA  1 
ATOM   724  C C   . LYS B 2 64  ? -7.186  1.889   7.155   1.00 5.52  ? 64  LYS B C   1 
ATOM   725  O O   . LYS B 2 64  ? -7.715  0.848   7.559   1.00 7.29  ? 64  LYS B O   1 
ATOM   726  C CB  . LYS B 2 64  ? -8.399  3.671   8.434   1.00 6.89  ? 64  LYS B CB  1 
ATOM   727  C CG  . LYS B 2 64  ? -7.207  4.036   9.304   1.00 9.69  ? 64  LYS B CG  1 
ATOM   728  C CD  . LYS B 2 64  ? -7.650  4.656   10.614  1.00 12.94 ? 64  LYS B CD  1 
ATOM   729  C CE  . LYS B 2 64  ? -6.469  4.952   11.531  1.00 17.67 ? 64  LYS B CE  1 
ATOM   730  N NZ  . LYS B 2 64  ? -6.954  5.341   12.896  1.00 19.96 ? 64  LYS B NZ  1 
ATOM   731  N N   . VAL B 2 65  ? -5.935  1.935   6.723   1.00 4.60  ? 65  VAL B N   1 
ATOM   732  C CA  . VAL B 2 65  ? -5.064  0.768   6.795   1.00 5.02  ? 65  VAL B CA  1 
ATOM   733  C C   . VAL B 2 65  ? -3.917  1.021   7.765   1.00 4.90  ? 65  VAL B C   1 
ATOM   734  O O   . VAL B 2 65  ? -3.329  2.109   7.785   1.00 5.08  ? 65  VAL B O   1 
ATOM   735  C CB  . VAL B 2 65  ? -4.489  0.376   5.405   1.00 5.71  ? 65  VAL B CB  1 
ATOM   736  C CG1 . VAL B 2 65  ? -5.568  -0.272  4.556   1.00 6.26  ? 65  VAL B CG1 1 
ATOM   737  C CG2 . VAL B 2 65  ? -3.897  1.599   4.688   1.00 6.99  ? 65  VAL B CG2 1 
ATOM   738  N N   . THR B 2 66  ? -3.546  -0.019  8.505   1.00 3.89  ? 66  THR B N   1 
ATOM   739  C CA  . THR B 2 66  ? -2.484  0.083   9.494   1.00 4.16  ? 66  THR B CA  1 
ATOM   740  C C   . THR B 2 66  ? -1.689  -1.209  9.626   1.00 3.86  ? 66  THR B C   1 
ATOM   741  O O   . THR B 2 66  ? -2.278  -2.293  9.642   1.00 4.41  ? 66  THR B O   1 
ATOM   742  C CB  . THR B 2 66  ? -3.103  0.335   10.894  1.00 4.79  ? 66  THR B CB  1 
ATOM   743  O OG1 . THR B 2 66  ? -3.901  1.522   10.864  1.00 6.28  ? 66  THR B OG1 1 
ATOM   744  C CG2 . THR B 2 66  ? -2.030  0.452   11.967  1.00 5.66  ? 66  THR B CG2 1 
ATOM   745  N N   . VAL B 2 67  ? -0.364  -1.097  9.661   1.00 4.28  ? 67  VAL B N   1 
ATOM   746  C CA  . VAL B 2 67  ? 0.493   -2.255  9.943   1.00 4.07  ? 67  VAL B CA  1 
ATOM   747  C C   . VAL B 2 67  ? 1.284   -1.858  11.194  1.00 5.33  ? 67  VAL B C   1 
ATOM   748  O O   . VAL B 2 67  ? 1.647   -0.693  11.379  1.00 4.99  ? 67  VAL B O   1 
ATOM   749  C CB  . VAL B 2 67  ? 1.484   -2.663  8.810   1.00 4.82  ? 67  VAL B CB  1 
ATOM   750  C CG1 . VAL B 2 67  ? 0.730   -3.265  7.629   1.00 4.89  ? 67  VAL B CG1 1 
ATOM   751  C CG2 . VAL B 2 67  ? 2.374   -1.511  8.390   1.00 4.45  ? 67  VAL B CG2 1 
ATOM   752  N N   . GLU B 2 68  ? 1.493   -2.823  12.079  1.00 6.18  ? 68  GLU B N   1 
ATOM   753  C CA  . GLU B 2 68  ? 2.222   -2.604  13.321  1.00 7.61  ? 68  GLU B CA  1 
ATOM   754  C C   . GLU B 2 68  ? 3.147   -3.797  13.539  1.00 6.77  ? 68  GLU B C   1 
ATOM   755  O O   . GLU B 2 68  ? 2.749   -4.946  13.326  1.00 7.27  ? 68  GLU B O   1 
ATOM   756  C CB  . GLU B 2 68  ? 1.243   -2.508  14.493  1.00 11.67 ? 68  GLU B CB  1 
ATOM   757  C CG  . GLU B 2 68  ? 0.332   -1.277  14.485  1.00 20.41 ? 68  GLU B CG  1 
ATOM   758  C CD  . GLU B 2 68  ? -0.683  -1.276  15.640  1.00 25.11 ? 68  GLU B CD  1 
ATOM   759  O OE1 . GLU B 2 68  ? -0.572  -2.148  16.545  1.00 28.27 ? 68  GLU B OE1 1 
ATOM   760  O OE2 . GLU B 2 68  ? -1.600  -0.410  15.651  1.00 28.46 ? 68  GLU B OE2 1 
ATOM   761  N N   . ALA B 2 69  ? 4.373   -3.523  13.969  1.00 6.03  ? 69  ALA B N   1 
ATOM   762  C CA  . ALA B 2 69  ? 5.349   -4.575  14.237  1.00 5.47  ? 69  ALA B CA  1 
ATOM   763  C C   . ALA B 2 69  ? 5.607   -4.604  15.733  1.00 5.90  ? 69  ALA B C   1 
ATOM   764  O O   . ALA B 2 69  ? 5.982   -3.586  16.308  1.00 7.44  ? 69  ALA B O   1 
ATOM   765  C CB  . ALA B 2 69  ? 6.653   -4.286  13.504  1.00 5.52  ? 69  ALA B CB  1 
ATOM   766  N N   . THR B 2 70  ? 5.373   -5.746  16.363  1.00 5.25  ? 70  THR B N   1 
ATOM   767  C CA  . THR B 2 70  ? 5.625   -5.882  17.795  1.00 6.54  ? 70  THR B CA  1 
ATOM   768  C C   . THR B 2 70  ? 7.055   -6.397  18.047  1.00 6.92  ? 70  THR B C   1 
ATOM   769  O O   . THR B 2 70  ? 7.566   -6.365  19.174  1.00 9.32  ? 70  THR B O   1 
ATOM   770  C CB  . THR B 2 70  ? 4.558   -6.778  18.477  1.00 7.30  ? 70  THR B CB  1 
ATOM   771  O OG1 . THR B 2 70  ? 4.428   -8.007  17.758  1.00 7.06  ? 70  THR B OG1 1 
ATOM   772  C CG2 . THR B 2 70  ? 3.207   -6.065  18.499  1.00 7.51  ? 70  THR B CG2 1 
ATOM   773  N N   . SER B 2 71  ? 7.680   -6.892  16.991  1.00 7.32  ? 71  SER B N   1 
ATOM   774  C CA  . SER B 2 71  ? 9.054   -7.361  17.018  1.00 7.58  ? 71  SER B CA  1 
ATOM   775  C C   . SER B 2 71  ? 9.429   -7.485  15.540  1.00 7.94  ? 71  SER B C   1 
ATOM   776  O O   . SER B 2 71  ? 8.598   -7.215  14.659  1.00 7.86  ? 71  SER B O   1 
ATOM   777  C CB  . SER B 2 71  ? 9.185   -8.713  17.736  1.00 7.31  ? 71  SER B CB  1 
ATOM   778  O OG  . SER B 2 71  ? 8.876   -9.804  16.896  1.00 8.07  ? 71  SER B OG  1 
ATOM   779  N N   . LYS B 2 72  ? 10.664  -7.870  15.251  1.00 8.55  ? 72  LYS B N   1 
ATOM   780  C CA  . LYS B 2 72  ? 11.077  -8.019  13.857  1.00 9.36  ? 72  LYS B CA  1 
ATOM   781  C C   . LYS B 2 72  ? 10.415  -9.210  13.160  1.00 8.01  ? 72  LYS B C   1 
ATOM   782  O O   . LYS B 2 72  ? 10.479  -9.324  11.936  1.00 7.49  ? 72  LYS B O   1 
ATOM   783  C CB  . LYS B 2 72  ? 12.601  -8.109  13.745  1.00 12.45 ? 72  LYS B CB  1 
ATOM   784  C CG  . LYS B 2 72  ? 13.295  -6.785  14.026  1.00 16.93 ? 72  LYS B CG  1 
ATOM   785  C CD  . LYS B 2 72  ? 14.791  -6.958  13.947  1.00 22.22 ? 72  LYS B CD  1 
ATOM   786  C CE  . LYS B 2 72  ? 15.545  -5.675  14.277  1.00 25.43 ? 72  LYS B CE  1 
ATOM   787  N NZ  . LYS B 2 72  ? 16.950  -6.009  14.707  1.00 30.44 ? 72  LYS B NZ  1 
ATOM   788  N N   . SER B 2 73  ? 9.741   -10.059 13.937  1.00 7.88  ? 73  SER B N   1 
ATOM   789  C CA  . SER B 2 73  ? 9.072   -11.231 13.390  1.00 8.38  ? 73  SER B CA  1 
ATOM   790  C C   . SER B 2 73  ? 7.621   -11.410 13.848  1.00 8.08  ? 73  SER B C   1 
ATOM   791  O O   . SER B 2 73  ? 7.076   -12.518 13.777  1.00 9.20  ? 73  SER B O   1 
ATOM   792  C CB  . SER B 2 73  ? 9.891   -12.505 13.676  1.00 10.37 ? 73  SER B CB  1 
ATOM   793  O OG  . SER B 2 73  ? 10.179  -12.662 15.062  1.00 13.59 ? 73  SER B OG  1 
ATOM   794  N N   . SER B 2 74  ? 6.981   -10.333 14.300  1.00 5.48  ? 74  SER B N   1 
ATOM   795  C CA  . SER B 2 74  ? 5.591   -10.412 14.745  1.00 5.39  ? 74  SER B CA  1 
ATOM   796  C C   . SER B 2 74  ? 4.914   -9.056  14.592  1.00 4.25  ? 74  SER B C   1 
ATOM   797  O O   . SER B 2 74  ? 5.583   -8.018  14.606  1.00 4.67  ? 74  SER B O   1 
ATOM   798  C CB  . SER B 2 74  ? 5.488   -10.894 16.205  1.00 5.58  ? 74  SER B CB  1 
ATOM   799  O OG  . SER B 2 74  ? 6.074   -9.985  17.120  1.00 6.52  ? 74  SER B OG  1 
ATOM   800  N N   . GLY B 2 75  ? 3.603   -9.075  14.409  1.00 4.30  ? 75  GLY B N   1 
ATOM   801  C CA  . GLY B 2 75  ? 2.863   -7.835  14.256  1.00 4.03  ? 75  GLY B CA  1 
ATOM   802  C C   . GLY B 2 75  ? 1.451   -8.082  13.776  1.00 4.34  ? 75  GLY B C   1 
ATOM   803  O O   . GLY B 2 75  ? 0.931   -9.189  13.898  1.00 5.50  ? 75  GLY B O   1 
ATOM   804  N N   . SER B 2 76  ? 0.850   -7.077  13.150  1.00 4.50  ? 76  SER B N   1 
ATOM   805  C CA  . SER B 2 76  ? -0.514  -7.201  12.671  1.00 3.41  ? 76  SER B CA  1 
ATOM   806  C C   . SER B 2 76  ? -0.793  -6.285  11.477  1.00 4.60  ? 76  SER B C   1 
ATOM   807  O O   . SER B 2 76  ? -0.061  -5.318  11.211  1.00 4.32  ? 76  SER B O   1 
ATOM   808  C CB  . SER B 2 76  ? -1.498  -6.866  13.804  1.00 5.08  ? 76  SER B CB  1 
ATOM   809  O OG  . SER B 2 76  ? -1.321  -5.526  14.244  1.00 6.66  ? 76  SER B OG  1 
ATOM   810  N N   . ALA B 2 77  ? -1.857  -6.615  10.761  1.00 4.05  ? 77  ALA B N   1 
ATOM   811  C CA  . ALA B 2 77  ? -2.293  -5.839  9.616   1.00 4.16  ? 77  ALA B CA  1 
ATOM   812  C C   . ALA B 2 77  ? -3.776  -5.598  9.850   1.00 4.02  ? 77  ALA B C   1 
ATOM   813  O O   . ALA B 2 77  ? -4.510  -6.551  10.138  1.00 5.43  ? 77  ALA B O   1 
ATOM   814  C CB  . ALA B 2 77  ? -2.075  -6.622  8.327   1.00 3.94  ? 77  ALA B CB  1 
ATOM   815  N N   . THR B 2 78  ? -4.209  -4.351  9.705   1.00 4.06  ? 78  THR B N   1 
ATOM   816  C CA  . THR B 2 78  ? -5.603  -4.003  9.922   1.00 4.51  ? 78  THR B CA  1 
ATOM   817  C C   . THR B 2 78  ? -6.172  -3.160  8.799   1.00 5.08  ? 78  THR B C   1 
ATOM   818  O O   . THR B 2 78  ? -5.514  -2.229  8.309   1.00 4.78  ? 78  THR B O   1 
ATOM   819  C CB  . THR B 2 78  ? -5.760  -3.217  11.235  1.00 5.76  ? 78  THR B CB  1 
ATOM   820  O OG1 . THR B 2 78  ? -5.324  -4.034  12.334  1.00 6.27  ? 78  THR B OG1 1 
ATOM   821  C CG2 . THR B 2 78  ? -7.214  -2.769  11.446  1.00 6.73  ? 78  THR B CG2 1 
ATOM   822  N N   . VAL B 2 79  ? -7.387  -3.519  8.378   1.00 4.79  ? 79  VAL B N   1 
ATOM   823  C CA  . VAL B 2 79  ? -8.116  -2.795  7.340   1.00 4.94  ? 79  VAL B CA  1 
ATOM   824  C C   . VAL B 2 79  ? -9.474  -2.428  7.931   1.00 5.26  ? 79  VAL B C   1 
ATOM   825  O O   . VAL B 2 79  ? -10.236 -3.298  8.383   1.00 5.91  ? 79  VAL B O   1 
ATOM   826  C CB  . VAL B 2 79  ? -8.350  -3.644  6.056   1.00 5.39  ? 79  VAL B CB  1 
ATOM   827  C CG1 . VAL B 2 79  ? -9.237  -2.874  5.069   1.00 6.16  ? 79  VAL B CG1 1 
ATOM   828  C CG2 . VAL B 2 79  ? -7.015  -4.001  5.396   1.00 6.28  ? 79  VAL B CG2 1 
ATOM   829  N N   . GLU B 2 80  ? -9.745  -1.137  7.995   1.00 5.21  ? 80  GLU B N   1 
ATOM   830  C CA  . GLU B 2 80  ? -11.005 -0.677  8.529   1.00 5.68  ? 80  GLU B CA  1 
ATOM   831  C C   . GLU B 2 80  ? -11.754 0.088   7.460   1.00 5.39  ? 80  GLU B C   1 
ATOM   832  O O   . GLU B 2 80  ? -11.194 0.972   6.816   1.00 6.22  ? 80  GLU B O   1 
ATOM   833  C CB  . GLU B 2 80  ? -10.764 0.251   9.707   1.00 8.52  ? 80  GLU B CB  1 
ATOM   834  C CG  . GLU B 2 80  ? -12.044 0.779   10.329  1.00 13.62 ? 80  GLU B CG  1 
ATOM   835  C CD  . GLU B 2 80  ? -11.792 1.737   11.492  1.00 17.67 ? 80  GLU B CD  1 
ATOM   836  O OE1 . GLU B 2 80  ? -10.651 2.256   11.632  1.00 17.40 ? 80  GLU B OE1 1 
ATOM   837  O OE2 . GLU B 2 80  ? -12.755 1.994   12.256  1.00 20.69 ? 80  GLU B OE2 1 
ATOM   838  N N   . ASN B 2 81  ? -12.996 -0.303  7.223   1.00 4.92  ? 81  ASN B N   1 
ATOM   839  C CA  . ASN B 2 81  ? -13.827 0.402   6.266   1.00 5.28  ? 81  ASN B CA  1 
ATOM   840  C C   . ASN B 2 81  ? -14.632 1.372   7.128   1.00 6.01  ? 81  ASN B C   1 
ATOM   841  O O   . ASN B 2 81  ? -15.601 0.980   7.787   1.00 6.96  ? 81  ASN B O   1 
ATOM   842  C CB  . ASN B 2 81  ? -14.751 -0.566  5.537   1.00 5.67  ? 81  ASN B CB  1 
ATOM   843  C CG  . ASN B 2 81  ? -15.544 0.112   4.446   1.00 5.73  ? 81  ASN B CG  1 
ATOM   844  O OD1 . ASN B 2 81  ? -15.907 1.290   4.567   1.00 7.14  ? 81  ASN B OD1 1 
ATOM   845  N ND2 . ASN B 2 81  ? -15.819 -0.614  3.377   1.00 5.70  ? 81  ASN B ND2 1 
ATOM   846  N N   . LEU B 2 82  ? -14.199 2.626   7.165   1.00 6.25  ? 82  LEU B N   1 
ATOM   847  C CA  . LEU B 2 82  ? -14.848 3.641   7.980   1.00 6.75  ? 82  LEU B CA  1 
ATOM   848  C C   . LEU B 2 82  ? -16.284 3.894   7.584   1.00 7.79  ? 82  LEU B C   1 
ATOM   849  O O   . LEU B 2 82  ? -17.129 4.144   8.446   1.00 10.21 ? 82  LEU B O   1 
ATOM   850  C CB  . LEU B 2 82  ? -14.042 4.936   7.939   1.00 8.25  ? 82  LEU B CB  1 
ATOM   851  C CG  . LEU B 2 82  ? -12.592 4.755   8.407   1.00 9.84  ? 82  LEU B CG  1 
ATOM   852  C CD1 . LEU B 2 82  ? -11.816 6.045   8.285   1.00 10.87 ? 82  LEU B CD1 1 
ATOM   853  C CD2 . LEU B 2 82  ? -12.594 4.278   9.843   1.00 11.51 ? 82  LEU B CD2 1 
ATOM   854  N N   . THR B 2 83  ? -16.580 3.745   6.300   1.00 7.11  ? 83  THR B N   1 
ATOM   855  C CA  . THR B 2 83  ? -17.920 3.980   5.778   1.00 7.58  ? 83  THR B CA  1 
ATOM   856  C C   . THR B 2 83  ? -18.951 2.989   6.311   1.00 8.32  ? 83  THR B C   1 
ATOM   857  O O   . THR B 2 83  ? -20.077 3.364   6.626   1.00 9.37  ? 83  THR B O   1 
ATOM   858  C CB  . THR B 2 83  ? -17.906 3.913   4.235   1.00 7.67  ? 83  THR B CB  1 
ATOM   859  O OG1 . THR B 2 83  ? -16.937 4.835   3.731   1.00 8.28  ? 83  THR B OG1 1 
ATOM   860  C CG2 . THR B 2 83  ? -19.285 4.228   3.655   1.00 8.09  ? 83  THR B CG2 1 
ATOM   861  N N   . THR B 2 84  ? -18.562 1.725   6.412   1.00 7.67  ? 84  THR B N   1 
ATOM   862  C CA  . THR B 2 84  ? -19.482 0.696   6.871   1.00 8.17  ? 84  THR B CA  1 
ATOM   863  C C   . THR B 2 84  ? -19.284 0.275   8.318   1.00 9.06  ? 84  THR B C   1 
ATOM   864  O O   . THR B 2 84  ? -20.073 -0.505  8.849   1.00 10.09 ? 84  THR B O   1 
ATOM   865  C CB  . THR B 2 84  ? -19.370 -0.551  5.996   1.00 8.71  ? 84  THR B CB  1 
ATOM   866  O OG1 . THR B 2 84  ? -18.042 -1.074  6.086   1.00 8.91  ? 84  THR B OG1 1 
ATOM   867  C CG2 . THR B 2 84  ? -19.669 -0.216  4.542   1.00 10.51 ? 84  THR B CG2 1 
ATOM   868  N N   . GLY B 2 85  ? -18.194 0.727   8.931   1.00 9.44  ? 85  GLY B N   1 
ATOM   869  C CA  . GLY B 2 85  ? -17.911 0.354   10.307  1.00 9.95  ? 85  GLY B CA  1 
ATOM   870  C C   . GLY B 2 85  ? -17.251 -1.011  10.473  1.00 11.47 ? 85  GLY B C   1 
ATOM   871  O O   . GLY B 2 85  ? -17.131 -1.489  11.601  1.00 13.76 ? 85  GLY B O   1 
ATOM   872  N N   . GLN B 2 86  ? -16.839 -1.649  9.376   1.00 11.21 ? 86  GLN B N   1 
ATOM   873  C CA  . GLN B 2 86  ? -16.198 -2.980  9.427   1.00 11.39 ? 86  GLN B CA  1 
ATOM   874  C C   . GLN B 2 86  ? -14.694 -2.822  9.682   1.00 10.85 ? 86  GLN B C   1 
ATOM   875  O O   . GLN B 2 86  ? -14.061 -1.934  9.128   1.00 11.44 ? 86  GLN B O   1 
ATOM   876  C CB  . GLN B 2 86  ? -16.355 -3.754  8.101   1.00 12.91 ? 86  GLN B CB  1 
ATOM   877  C CG  . GLN B 2 86  ? -17.767 -4.203  7.683   1.00 17.58 ? 86  GLN B CG  1 
ATOM   878  C CD  . GLN B 2 86  ? -17.825 -4.639  6.200   1.00 19.27 ? 86  GLN B CD  1 
ATOM   879  O OE1 . GLN B 2 86  ? -18.224 -5.758  5.875   1.00 21.83 ? 86  GLN B OE1 1 
ATOM   880  N NE2 . GLN B 2 86  ? -17.399 -3.748  5.303   1.00 20.75 ? 86  GLN B NE2 1 
ATOM   881  N N   . SER B 2 87  ? -14.121 -3.734  10.456  1.00 10.03 ? 87  SER B N   1 
ATOM   882  C CA  . SER B 2 87  ? -12.701 -3.695  10.769  1.00 10.00 ? 87  SER B CA  1 
ATOM   883  C C   . SER B 2 87  ? -12.220 -5.126  10.899  1.00 9.42  ? 87  SER B C   1 
ATOM   884  O O   . SER B 2 87  ? -12.891 -5.950  11.534  1.00 10.45 ? 87  SER B O   1 
ATOM   885  C CB  . SER B 2 87  ? -12.480 -2.941  12.082  1.00 10.66 ? 87  SER B CB  1 
ATOM   886  O OG  . SER B 2 87  ? -11.106 -2.777  12.371  1.00 15.32 ? 87  SER B OG  1 
ATOM   887  N N   . VAL B 2 88  ? -11.115 -5.441  10.229  1.00 7.03  ? 88  VAL B N   1 
ATOM   888  C CA  . VAL B 2 88  ? -10.529 -6.778  10.274  1.00 7.51  ? 88  VAL B CA  1 
ATOM   889  C C   . VAL B 2 88  ? -9.035  -6.654  10.555  1.00 6.55  ? 88  VAL B C   1 
ATOM   890  O O   . VAL B 2 88  ? -8.369  -5.737  10.061  1.00 6.68  ? 88  VAL B O   1 
ATOM   891  C CB  . VAL B 2 88  ? -10.749 -7.579  8.935   1.00 7.97  ? 88  VAL B CB  1 
ATOM   892  C CG1 . VAL B 2 88  ? -12.237 -7.895  8.734   1.00 9.34  ? 88  VAL B CG1 1 
ATOM   893  C CG2 . VAL B 2 88  ? -10.239 -6.795  7.728   1.00 8.90  ? 88  VAL B CG2 1 
ATOM   894  N N   . THR B 2 89  ? -8.519  -7.568  11.369  1.00 6.75  ? 89  THR B N   1 
ATOM   895  C CA  . THR B 2 89  ? -7.103  -7.562  11.716  1.00 6.92  ? 89  THR B CA  1 
ATOM   896  C C   . THR B 2 89  ? -6.545  -8.959  11.635  1.00 7.51  ? 89  THR B C   1 
ATOM   897  O O   . THR B 2 89  ? -7.191  -9.897  12.094  1.00 8.18  ? 89  THR B O   1 
ATOM   898  C CB  . THR B 2 89  ? -6.847  -7.063  13.189  1.00 7.41  ? 89  THR B CB  1 
ATOM   899  O OG1 . THR B 2 89  ? -7.272  -5.696  13.324  1.00 7.75  ? 89  THR B OG1 1 
ATOM   900  C CG2 . THR B 2 89  ? -5.341  -7.161  13.563  1.00 6.10  ? 89  THR B CG2 1 
ATOM   901  N N   . HIS B 2 90  ? -5.370  -9.098  11.032  1.00 6.47  ? 90  HIS B N   1 
ATOM   902  C CA  . HIS B 2 90  ? -4.688  -10.384 10.985  1.00 5.49  ? 90  HIS B CA  1 
ATOM   903  C C   . HIS B 2 90  ? -3.458  -10.229 11.870  1.00 5.48  ? 90  HIS B C   1 
ATOM   904  O O   . HIS B 2 90  ? -2.670  -9.301  11.677  1.00 4.78  ? 90  HIS B O   1 
ATOM   905  C CB  . HIS B 2 90  ? -4.227  -10.770 9.580   1.00 6.45  ? 90  HIS B CB  1 
ATOM   906  C CG  . HIS B 2 90  ? -3.514  -12.082 9.551   1.00 7.04  ? 90  HIS B CG  1 
ATOM   907  N ND1 . HIS B 2 90  ? -4.177  -13.287 9.502   1.00 8.47  ? 90  HIS B ND1 1 
ATOM   908  C CD2 . HIS B 2 90  ? -2.190  -12.391 9.658   1.00 8.04  ? 90  HIS B CD2 1 
ATOM   909  C CE1 . HIS B 2 90  ? -3.308  -14.275 9.588   1.00 8.26  ? 90  HIS B CE1 1 
ATOM   910  N NE2 . HIS B 2 90  ? -2.099  -13.752 9.684   1.00 9.64  ? 90  HIS B NE2 1 
ATOM   911  N N   . THR B 2 91  ? -3.328  -11.100 12.865  1.00 4.94  ? 91  THR B N   1 
ATOM   912  C CA  . THR B 2 91  ? -2.194  -11.061 13.766  1.00 6.15  ? 91  THR B CA  1 
ATOM   913  C C   . THR B 2 91  ? -1.167  -12.127 13.375  1.00 7.24  ? 91  THR B C   1 
ATOM   914  O O   . THR B 2 91  ? -1.525  -13.284 13.116  1.00 8.43  ? 91  THR B O   1 
ATOM   915  C CB  . THR B 2 91  ? -2.661  -11.290 15.222  1.00 6.95  ? 91  THR B CB  1 
ATOM   916  O OG1 . THR B 2 91  ? -3.559  -10.241 15.603  1.00 6.97  ? 91  THR B OG1 1 
ATOM   917  C CG2 . THR B 2 91  ? -1.491  -11.312 16.188  1.00 7.85  ? 91  THR B CG2 1 
ATOM   918  N N   . PHE B 2 92  ? 0.086   -11.710 13.258  1.00 7.46  ? 92  PHE B N   1 
ATOM   919  C CA  . PHE B 2 92  ? 1.185   -12.603 12.929  1.00 10.04 ? 92  PHE B CA  1 
ATOM   920  C C   . PHE B 2 92  ? 1.925   -12.771 14.254  1.00 12.87 ? 92  PHE B C   1 
ATOM   921  O O   . PHE B 2 92  ? 2.746   -11.932 14.609  1.00 11.24 ? 92  PHE B O   1 
ATOM   922  C CB  . PHE B 2 92  ? 2.132   -11.947 11.907  1.00 10.07 ? 92  PHE B CB  1 
ATOM   923  C CG  . PHE B 2 92  ? 1.482   -11.555 10.596  1.00 9.11  ? 92  PHE B CG  1 
ATOM   924  C CD1 . PHE B 2 92  ? 1.469   -12.441 9.529   1.00 9.39  ? 92  PHE B CD1 1 
ATOM   925  C CD2 . PHE B 2 92  ? 1.021   -10.253 10.393  1.00 8.83  ? 92  PHE B CD2 1 
ATOM   926  C CE1 . PHE B 2 92  ? 1.011   -12.040 8.288   1.00 10.03 ? 92  PHE B CE1 1 
ATOM   927  C CE2 . PHE B 2 92  ? 0.560   -9.840  9.150   1.00 8.98  ? 92  PHE B CE2 1 
ATOM   928  C CZ  . PHE B 2 92  ? 0.561   -10.731 8.093   1.00 9.81  ? 92  PHE B CZ  1 
ATOM   929  N N   . SER B 2 93  ? 1.631   -13.840 14.991  1.00 17.73 ? 93  SER B N   1 
ATOM   930  C CA  . SER B 2 93  ? 2.246   -14.081 16.306  1.00 22.52 ? 93  SER B CA  1 
ATOM   931  C C   . SER B 2 93  ? 3.704   -14.494 16.238  1.00 25.65 ? 93  SER B C   1 
ATOM   932  O O   . SER B 2 93  ? 4.420   -14.483 17.240  1.00 27.05 ? 93  SER B O   1 
ATOM   933  C CB  . SER B 2 93  ? 1.463   -15.153 17.051  1.00 23.75 ? 93  SER B CB  1 
ATOM   934  O OG  . SER B 2 93  ? 0.074   -14.953 16.866  1.00 28.05 ? 93  SER B OG  1 
ATOM   935  N N   . GLY B 2 94  ? 4.132   -14.849 15.039  1.00 28.53 ? 94  GLY B N   1 
ATOM   936  C CA  . GLY B 2 94  ? 5.491   -15.281 14.809  1.00 31.35 ? 94  GLY B CA  1 
ATOM   937  C C   . GLY B 2 94  ? 5.328   -16.278 13.681  1.00 33.85 ? 94  GLY B C   1 
ATOM   938  O O   . GLY B 2 94  ? 4.306   -16.241 12.975  1.00 33.72 ? 94  GLY B O   1 
ATOM   939  N N   . ASN B 2 95  ? 6.285   -17.189 13.528  1.00 35.13 ? 95  ASN B N   1 
ATOM   940  C CA  . ASN B 2 95  ? 6.234   -18.200 12.472  1.00 36.37 ? 95  ASN B CA  1 
ATOM   941  C C   . ASN B 2 95  ? 6.253   -17.552 11.083  1.00 35.13 ? 95  ASN B C   1 
ATOM   942  O O   . ASN B 2 95  ? 5.798   -18.142 10.097  1.00 36.34 ? 95  ASN B O   1 
ATOM   943  C CB  . ASN B 2 95  ? 4.980   -19.093 12.629  1.00 39.45 ? 95  ASN B CB  1 
ATOM   944  C CG  . ASN B 2 95  ? 4.970   -19.880 13.944  1.00 43.04 ? 95  ASN B CG  1 
ATOM   945  O OD1 . ASN B 2 95  ? 5.886   -20.644 14.238  1.00 46.26 ? 95  ASN B OD1 1 
ATOM   946  N ND2 . ASN B 2 95  ? 3.923   -19.702 14.728  1.00 45.00 ? 95  ASN B ND2 1 
ATOM   947  N N   . VAL B 2 96  ? 6.810   -16.348 10.997  1.00 32.46 ? 96  VAL B N   1 
ATOM   948  C CA  . VAL B 2 96  ? 6.859   -15.658 9.721   1.00 30.06 ? 96  VAL B CA  1 
ATOM   949  C C   . VAL B 2 96  ? 8.030   -16.171 8.892   1.00 28.82 ? 96  VAL B C   1 
ATOM   950  O O   . VAL B 2 96  ? 8.892   -16.891 9.401   1.00 28.82 ? 96  VAL B O   1 
ATOM   951  C CB  . VAL B 2 96  ? 6.930   -14.117 9.890   1.00 28.95 ? 96  VAL B CB  1 
ATOM   952  C CG1 . VAL B 2 96  ? 5.751   -13.642 10.716  1.00 28.04 ? 96  VAL B CG1 1 
ATOM   953  C CG2 . VAL B 2 96  ? 8.241   -13.691 10.517  1.00 28.54 ? 96  VAL B CG2 1 
ATOM   954  N N   . GLU B 2 97  ? 8.082   -15.767 7.624   1.00 26.55 ? 97  GLU B N   1 
ATOM   955  C CA  . GLU B 2 97  ? 9.147   -16.232 6.742   1.00 24.77 ? 97  GLU B CA  1 
ATOM   956  C C   . GLU B 2 97  ? 10.276  -15.231 6.525   1.00 22.90 ? 97  GLU B C   1 
ATOM   957  O O   . GLU B 2 97  ? 11.194  -15.493 5.731   1.00 23.06 ? 97  GLU B O   1 
ATOM   958  C CB  . GLU B 2 97  ? 8.559   -16.653 5.397   1.00 24.70 ? 97  GLU B CB  1 
ATOM   959  C CG  . GLU B 2 97  ? 7.571   -17.815 5.501   1.00 27.27 ? 97  GLU B CG  1 
ATOM   960  C CD  . GLU B 2 97  ? 7.003   -18.235 4.161   1.00 28.77 ? 97  GLU B CD  1 
ATOM   961  O OE1 . GLU B 2 97  ? 7.506   -17.766 3.112   1.00 28.86 ? 97  GLU B OE1 1 
ATOM   962  O OE2 . GLU B 2 97  ? 6.047   -19.041 4.154   1.00 30.14 ? 97  GLU B OE2 1 
ATOM   963  N N   . GLY B 2 98  ? 10.207  -14.092 7.221   1.00 19.78 ? 98  GLY B N   1 
ATOM   964  C CA  . GLY B 2 98  ? 11.237  -13.080 7.077   1.00 16.58 ? 98  GLY B CA  1 
ATOM   965  C C   . GLY B 2 98  ? 11.260  -12.048 8.187   1.00 14.06 ? 98  GLY B C   1 
ATOM   966  O O   . GLY B 2 98  ? 10.216  -11.657 8.718   1.00 15.37 ? 98  GLY B O   1 
ATOM   967  N N   . ASP B 2 99  ? 12.460  -11.608 8.542   1.00 10.86 ? 99  ASP B N   1 
ATOM   968  C CA  . ASP B 2 99  ? 12.635  -10.616 9.594   1.00 10.43 ? 99  ASP B CA  1 
ATOM   969  C C   . ASP B 2 99  ? 12.649  -9.214  9.041   1.00 9.04  ? 99  ASP B C   1 
ATOM   970  O O   . ASP B 2 99  ? 13.308  -8.941  8.048   1.00 8.09  ? 99  ASP B O   1 
ATOM   971  C CB  . ASP B 2 99  ? 13.953  -10.829 10.348  1.00 12.17 ? 99  ASP B CB  1 
ATOM   972  C CG  . ASP B 2 99  ? 13.937  -12.058 11.223  1.00 14.79 ? 99  ASP B CG  1 
ATOM   973  O OD1 . ASP B 2 99  ? 12.840  -12.572 11.536  1.00 17.50 ? 99  ASP B OD1 1 
ATOM   974  O OD2 . ASP B 2 99  ? 15.033  -12.527 11.591  1.00 18.02 ? 99  ASP B OD2 1 
ATOM   975  N N   . LEU B 2 100 ? 11.930  -8.319  9.711   1.00 8.19  ? 100 LEU B N   1 
ATOM   976  C CA  . LEU B 2 100 ? 11.890  -6.925  9.313   1.00 6.83  ? 100 LEU B CA  1 
ATOM   977  C C   . LEU B 2 100 ? 13.185  -6.241  9.745   1.00 7.04  ? 100 LEU B C   1 
ATOM   978  O O   . LEU B 2 100 ? 13.851  -6.700  10.669  1.00 8.23  ? 100 LEU B O   1 
ATOM   979  C CB  . LEU B 2 100 ? 10.750  -6.216  10.034  1.00 7.60  ? 100 LEU B CB  1 
ATOM   980  C CG  . LEU B 2 100 ? 9.337   -6.662  9.700   1.00 7.62  ? 100 LEU B CG  1 
ATOM   981  C CD1 . LEU B 2 100 ? 8.360   -5.941  10.629  1.00 7.93  ? 100 LEU B CD1 1 
ATOM   982  C CD2 . LEU B 2 100 ? 9.056   -6.348  8.237   1.00 7.06  ? 100 LEU B CD2 1 
ATOM   983  N N   . CYS B 2 101 ? 13.566  -5.178  9.043   1.00 6.67  ? 101 CYS B N   1 
ATOM   984  C CA  . CYS B 2 101 ? 14.729  -4.373  9.433   1.00 7.22  ? 101 CYS B CA  1 
ATOM   985  C C   . CYS B 2 101 ? 14.178  -3.132  10.140  1.00 6.28  ? 101 CYS B C   1 
ATOM   986  O O   . CYS B 2 101 ? 14.879  -2.487  10.912  1.00 6.40  ? 101 CYS B O   1 
ATOM   987  C CB  . CYS B 2 101 ? 15.506  -3.854  8.225   1.00 7.11  ? 101 CYS B CB  1 
ATOM   988  S SG  . CYS B 2 101 ? 16.014  -5.061  6.991   1.00 8.51  ? 101 CYS B SG  1 
ATOM   989  N N   . GLU B 2 102 ? 12.935  -2.777  9.803   1.00 5.69  ? 102 GLU B N   1 
ATOM   990  C CA  . GLU B 2 102 ? 12.245  -1.599  10.328  1.00 6.03  ? 102 GLU B CA  1 
ATOM   991  C C   . GLU B 2 102 ? 12.909  -0.303  9.856   1.00 5.91  ? 102 GLU B C   1 
ATOM   992  O O   . GLU B 2 102 ? 12.926  0.707   10.564  1.00 6.30  ? 102 GLU B O   1 
ATOM   993  C CB  . GLU B 2 102 ? 12.102  -1.674  11.856  1.00 5.94  ? 102 GLU B CB  1 
ATOM   994  C CG  . GLU B 2 102 ? 11.261  -2.859  12.293  1.00 7.35  ? 102 GLU B CG  1 
ATOM   995  C CD  . GLU B 2 102 ? 11.026  -2.939  13.791  1.00 8.69  ? 102 GLU B CD  1 
ATOM   996  O OE1 . GLU B 2 102 ? 11.676  -2.209  14.567  1.00 10.87 ? 102 GLU B OE1 1 
ATOM   997  O OE2 . GLU B 2 102 ? 10.164  -3.747  14.181  1.00 10.66 ? 102 GLU B OE2 1 
ATOM   998  N N   . THR B 2 103 ? 13.408  -0.333  8.618   1.00 5.22  ? 103 THR B N   1 
ATOM   999  C CA  . THR B 2 103 ? 14.082  0.818   8.031   1.00 4.98  ? 103 THR B CA  1 
ATOM   1000 C C   . THR B 2 103 ? 13.268  1.579   6.993   1.00 5.03  ? 103 THR B C   1 
ATOM   1001 O O   . THR B 2 103 ? 13.670  2.659   6.579   1.00 5.42  ? 103 THR B O   1 
ATOM   1002 C CB  . THR B 2 103 ? 15.465  0.436   7.440   1.00 5.63  ? 103 THR B CB  1 
ATOM   1003 O OG1 . THR B 2 103 ? 15.300  -0.606  6.478   1.00 7.21  ? 103 THR B OG1 1 
ATOM   1004 C CG2 . THR B 2 103 ? 16.407  -0.044  8.553   1.00 6.36  ? 103 THR B CG2 1 
ATOM   1005 N N   . ASN B 2 104 ? 12.154  1.010   6.533   1.00 4.54  ? 104 ASN B N   1 
ATOM   1006 C CA  . ASN B 2 104 ? 11.310  1.728   5.562   1.00 4.68  ? 104 ASN B CA  1 
ATOM   1007 C C   . ASN B 2 104 ? 9.847   1.741   6.027   1.00 4.24  ? 104 ASN B C   1 
ATOM   1008 O O   . ASN B 2 104 ? 9.369   0.760   6.603   1.00 4.64  ? 104 ASN B O   1 
ATOM   1009 C CB  . ASN B 2 104 ? 11.292  1.047   4.195   1.00 4.76  ? 104 ASN B CB  1 
ATOM   1010 C CG  . ASN B 2 104 ? 12.656  0.684   3.672   1.00 6.79  ? 104 ASN B CG  1 
ATOM   1011 O OD1 . ASN B 2 104 ? 12.800  -0.311  2.973   1.00 7.10  ? 104 ASN B OD1 1 
ATOM   1012 N ND2 . ASN B 2 104 ? 13.655  1.519   3.960   1.00 7.56  ? 104 ASN B ND2 1 
ATOM   1013 N N   . ALA B 2 105 ? 9.172   2.866   5.824   1.00 3.95  ? 105 ALA B N   1 
ATOM   1014 C CA  . ALA B 2 105 ? 7.745   3.022   6.135   1.00 3.39  ? 105 ALA B CA  1 
ATOM   1015 C C   . ALA B 2 105 ? 7.237   3.634   4.836   1.00 3.81  ? 105 ALA B C   1 
ATOM   1016 O O   . ALA B 2 105 ? 7.815   4.604   4.349   1.00 4.92  ? 105 ALA B O   1 
ATOM   1017 C CB  . ALA B 2 105 ? 7.529   3.995   7.304   1.00 3.87  ? 105 ALA B CB  1 
ATOM   1018 N N   . GLU B 2 106 ? 6.173   3.091   4.260   1.00 2.89  ? 106 GLU B N   1 
ATOM   1019 C CA  . GLU B 2 106 ? 5.701   3.611   2.970   1.00 3.04  ? 106 GLU B CA  1 
ATOM   1020 C C   . GLU B 2 106 ? 4.200   3.579   2.734   1.00 2.00  ? 106 GLU B C   1 
ATOM   1021 O O   . GLU B 2 106 ? 3.480   2.828   3.386   1.00 3.22  ? 106 GLU B O   1 
ATOM   1022 C CB  . GLU B 2 106 ? 6.426   2.868   1.828   1.00 4.16  ? 106 GLU B CB  1 
ATOM   1023 C CG  . GLU B 2 106 ? 6.154   1.361   1.755   1.00 5.23  ? 106 GLU B CG  1 
ATOM   1024 C CD  . GLU B 2 106 ? 7.201   0.486   2.450   1.00 5.91  ? 106 GLU B CD  1 
ATOM   1025 O OE1 . GLU B 2 106 ? 8.286   0.973   2.815   1.00 6.77  ? 106 GLU B OE1 1 
ATOM   1026 O OE2 . GLU B 2 106 ? 6.911   -0.710  2.650   1.00 6.36  ? 106 GLU B OE2 1 
ATOM   1027 N N   . TRP B 2 107 ? 3.762   4.449   1.810   1.00 2.62  ? 107 TRP B N   1 
ATOM   1028 C CA  . TRP B 2 107 ? 2.375   4.610   1.367   1.00 2.46  ? 107 TRP B CA  1 
ATOM   1029 C C   . TRP B 2 107 ? 2.531   4.438   -0.139  1.00 3.36  ? 107 TRP B C   1 
ATOM   1030 O O   . TRP B 2 107 ? 3.090   5.313   -0.814  1.00 3.64  ? 107 TRP B O   1 
ATOM   1031 C CB  . TRP B 2 107 ? 1.868   6.015   1.712   1.00 3.68  ? 107 TRP B CB  1 
ATOM   1032 C CG  . TRP B 2 107 ? 1.869   6.292   3.193   1.00 4.39  ? 107 TRP B CG  1 
ATOM   1033 C CD1 . TRP B 2 107 ? 0.849   6.062   4.070   1.00 3.77  ? 107 TRP B CD1 1 
ATOM   1034 C CD2 . TRP B 2 107 ? 2.967   6.813   3.964   1.00 4.56  ? 107 TRP B CD2 1 
ATOM   1035 N NE1 . TRP B 2 107 ? 1.256   6.409   5.347   1.00 4.72  ? 107 TRP B NE1 1 
ATOM   1036 C CE2 . TRP B 2 107 ? 2.532   6.870   5.310   1.00 5.40  ? 107 TRP B CE2 1 
ATOM   1037 C CE3 . TRP B 2 107 ? 4.265   7.233   3.642   1.00 6.11  ? 107 TRP B CE3 1 
ATOM   1038 C CZ2 . TRP B 2 107 ? 3.372   7.332   6.343   1.00 5.49  ? 107 TRP B CZ2 1 
ATOM   1039 C CZ3 . TRP B 2 107 ? 5.093   7.690   4.672   1.00 6.86  ? 107 TRP B CZ3 1 
ATOM   1040 C CH2 . TRP B 2 107 ? 4.638   7.734   6.004   1.00 5.46  ? 107 TRP B CH2 1 
ATOM   1041 N N   . ILE B 2 108 ? 2.009   3.333   -0.672  1.00 3.59  ? 108 ILE B N   1 
ATOM   1042 C CA  . ILE B 2 108 ? 2.236   2.989   -2.074  1.00 3.79  ? 108 ILE B CA  1 
ATOM   1043 C C   . ILE B 2 108 ? 1.028   2.568   -2.915  1.00 4.16  ? 108 ILE B C   1 
ATOM   1044 O O   . ILE B 2 108 ? 0.076   1.993   -2.399  1.00 3.87  ? 108 ILE B O   1 
ATOM   1045 C CB  . ILE B 2 108 ? 3.242   1.772   -2.110  1.00 4.62  ? 108 ILE B CB  1 
ATOM   1046 C CG1 . ILE B 2 108 ? 4.568   2.123   -1.412  1.00 5.21  ? 108 ILE B CG1 1 
ATOM   1047 C CG2 . ILE B 2 108 ? 3.484   1.269   -3.532  1.00 4.75  ? 108 ILE B CG2 1 
ATOM   1048 C CD1 . ILE B 2 108 ? 5.427   3.147   -2.152  1.00 5.12  ? 108 ILE B CD1 1 
ATOM   1049 N N   . VAL B 2 109 ? 1.068   2.952   -4.198  1.00 3.79  ? 109 VAL B N   1 
ATOM   1050 C CA  . VAL B 2 109 ? 0.098   2.515   -5.194  1.00 3.72  ? 109 VAL B CA  1 
ATOM   1051 C C   . VAL B 2 109 ? 1.007   1.670   -6.110  1.00 4.27  ? 109 VAL B C   1 
ATOM   1052 O O   . VAL B 2 109 ? 2.019   2.151   -6.639  1.00 3.71  ? 109 VAL B O   1 
ATOM   1053 C CB  . VAL B 2 109 ? -0.566  3.675   -5.965  1.00 4.18  ? 109 VAL B CB  1 
ATOM   1054 C CG1 . VAL B 2 109 ? -1.395  3.122   -7.110  1.00 5.98  ? 109 VAL B CG1 1 
ATOM   1055 C CG2 . VAL B 2 109 ? -1.473  4.472   -5.033  1.00 4.47  ? 109 VAL B CG2 1 
ATOM   1056 N N   . GLU B 2 110 ? 0.662   0.404   -6.271  1.00 4.37  ? 110 GLU B N   1 
ATOM   1057 C CA  . GLU B 2 110 ? 1.497   -0.513  -7.027  1.00 4.63  ? 110 GLU B CA  1 
ATOM   1058 C C   . GLU B 2 110 ? 0.869   -1.209  -8.220  1.00 5.05  ? 110 GLU B C   1 
ATOM   1059 O O   . GLU B 2 110 ? -0.345  -1.449  -8.259  1.00 5.55  ? 110 GLU B O   1 
ATOM   1060 C CB  . GLU B 2 110 ? 2.018   -1.586  -6.062  1.00 5.41  ? 110 GLU B CB  1 
ATOM   1061 C CG  . GLU B 2 110 ? 2.792   -2.723  -6.719  1.00 7.30  ? 110 GLU B CG  1 
ATOM   1062 C CD  . GLU B 2 110 ? 3.308   -3.765  -5.732  1.00 9.72  ? 110 GLU B CD  1 
ATOM   1063 O OE1 . GLU B 2 110 ? 3.159   -3.599  -4.507  1.00 10.83 ? 110 GLU B OE1 1 
ATOM   1064 O OE2 . GLU B 2 110 ? 3.877   -4.765  -6.195  1.00 11.73 ? 110 GLU B OE2 1 
ATOM   1065 N N   . ASP B 2 111 ? 1.718   -1.502  -9.203  1.00 5.10  ? 111 ASP B N   1 
ATOM   1066 C CA  . ASP B 2 111 ? 1.311   -2.280  -10.361 1.00 5.50  ? 111 ASP B CA  1 
ATOM   1067 C C   . ASP B 2 111 ? 1.907   -3.642  -9.965  1.00 6.37  ? 111 ASP B C   1 
ATOM   1068 O O   . ASP B 2 111 ? 3.115   -3.859  -10.079 1.00 7.56  ? 111 ASP B O   1 
ATOM   1069 C CB  . ASP B 2 111 ? 1.966   -1.748  -11.645 1.00 6.30  ? 111 ASP B CB  1 
ATOM   1070 C CG  . ASP B 2 111 ? 1.505   -2.507  -12.887 1.00 6.56  ? 111 ASP B CG  1 
ATOM   1071 O OD1 . ASP B 2 111 ? 0.702   -3.454  -12.744 1.00 7.87  ? 111 ASP B OD1 1 
ATOM   1072 O OD2 . ASP B 2 111 ? 1.936   -2.168  -14.002 1.00 7.60  ? 111 ASP B OD2 1 
ATOM   1073 N N   . PHE B 2 112 ? 1.074   -4.525  -9.425  1.00 7.10  ? 112 PHE B N   1 
ATOM   1074 C CA  . PHE B 2 112 ? 1.546   -5.823  -8.948  1.00 7.50  ? 112 PHE B CA  1 
ATOM   1075 C C   . PHE B 2 112 ? 1.791   -6.893  -10.016 1.00 8.76  ? 112 PHE B C   1 
ATOM   1076 O O   . PHE B 2 112 ? 1.289   -6.800  -11.131 1.00 8.18  ? 112 PHE B O   1 
ATOM   1077 C CB  . PHE B 2 112 ? 0.618   -6.337  -7.837  1.00 7.24  ? 112 PHE B CB  1 
ATOM   1078 C CG  . PHE B 2 112 ? -0.829  -6.479  -8.241  1.00 7.06  ? 112 PHE B CG  1 
ATOM   1079 C CD1 . PHE B 2 112 ? -1.278  -7.656  -8.827  1.00 8.10  ? 112 PHE B CD1 1 
ATOM   1080 C CD2 . PHE B 2 112 ? -1.751  -5.450  -8.007  1.00 7.05  ? 112 PHE B CD2 1 
ATOM   1081 C CE1 . PHE B 2 112 ? -2.620  -7.827  -9.159  1.00 7.82  ? 112 PHE B CE1 1 
ATOM   1082 C CE2 . PHE B 2 112 ? -3.095  -5.610  -8.335  1.00 7.52  ? 112 PHE B CE2 1 
ATOM   1083 C CZ  . PHE B 2 112 ? -3.533  -6.801  -8.918  1.00 7.46  ? 112 PHE B CZ  1 
ATOM   1084 N N   . GLU B 2 113 ? 2.595   -7.894  -9.673  1.00 11.22 ? 113 GLU B N   1 
ATOM   1085 C CA  . GLU B 2 113 ? 2.901   -8.987  -10.606 1.00 13.75 ? 113 GLU B CA  1 
ATOM   1086 C C   . GLU B 2 113 ? 1.713   -9.922  -10.706 1.00 12.17 ? 113 GLU B C   1 
ATOM   1087 O O   . GLU B 2 113 ? 1.071   -10.224 -9.700  1.00 10.71 ? 113 GLU B O   1 
ATOM   1088 C CB  . GLU B 2 113 ? 4.069   -9.819  -10.103 1.00 16.70 ? 113 GLU B CB  1 
ATOM   1089 C CG  . GLU B 2 113 ? 5.294   -9.033  -9.776  1.00 25.12 ? 113 GLU B CG  1 
ATOM   1090 C CD  . GLU B 2 113 ? 5.975   -9.544  -8.526  1.00 29.80 ? 113 GLU B CD  1 
ATOM   1091 O OE1 . GLU B 2 113 ? 5.294   -10.215 -7.704  1.00 34.32 ? 113 GLU B OE1 1 
ATOM   1092 O OE2 . GLU B 2 113 ? 7.191   -9.272  -8.350  1.00 32.80 ? 113 GLU B OE2 1 
ATOM   1093 N N   . SER B 2 114 ? 1.425   -10.374 -11.920 1.00 11.57 ? 114 SER B N   1 
ATOM   1094 C CA  . SER B 2 114 ? 0.337   -11.314 -12.150 1.00 12.01 ? 114 SER B CA  1 
ATOM   1095 C C   . SER B 2 114 ? 0.570   -11.937 -13.508 1.00 12.89 ? 114 SER B C   1 
ATOM   1096 O O   . SER B 2 114 ? 0.667   -11.234 -14.512 1.00 14.94 ? 114 SER B O   1 
ATOM   1097 C CB  . SER B 2 114 ? -1.028  -10.623 -12.107 1.00 12.19 ? 114 SER B CB  1 
ATOM   1098 O OG  . SER B 2 114 ? -2.079  -11.583 -12.107 1.00 11.67 ? 114 SER B OG  1 
ATOM   1099 N N   . GLY B 2 115 ? 0.677   -13.257 -13.527 1.00 13.09 ? 115 GLY B N   1 
ATOM   1100 C CA  . GLY B 2 115 ? 0.932   -13.961 -14.764 1.00 13.61 ? 115 GLY B CA  1 
ATOM   1101 C C   . GLY B 2 115 ? 2.423   -13.941 -15.037 1.00 13.80 ? 115 GLY B C   1 
ATOM   1102 O O   . GLY B 2 115 ? 3.231   -14.160 -14.137 1.00 13.75 ? 115 GLY B O   1 
ATOM   1103 N N   . ASP B 2 116 ? 2.789   -13.625 -16.274 1.00 15.67 ? 116 ASP B N   1 
ATOM   1104 C CA  . ASP B 2 116 ? 4.194   -13.591 -16.677 1.00 18.25 ? 116 ASP B CA  1 
ATOM   1105 C C   . ASP B 2 116 ? 4.907   -12.292 -16.334 1.00 19.49 ? 116 ASP B C   1 
ATOM   1106 O O   . ASP B 2 116 ? 6.138   -12.225 -16.414 1.00 19.43 ? 116 ASP B O   1 
ATOM   1107 C CB  . ASP B 2 116 ? 4.325   -13.822 -18.179 1.00 20.23 ? 116 ASP B CB  1 
ATOM   1108 C CG  . ASP B 2 116 ? 3.918   -15.209 -18.588 1.00 22.91 ? 116 ASP B CG  1 
ATOM   1109 O OD1 . ASP B 2 116 ? 4.228   -16.175 -17.841 1.00 23.91 ? 116 ASP B OD1 1 
ATOM   1110 O OD2 . ASP B 2 116 ? 3.294   -15.335 -19.664 1.00 25.47 ? 116 ASP B OD2 1 
ATOM   1111 N N   . SER B 2 117 ? 4.147   -11.238 -16.041 1.00 19.35 ? 117 SER B N   1 
ATOM   1112 C CA  . SER B 2 117 ? 4.744   -9.947  -15.716 1.00 19.79 ? 117 SER B CA  1 
ATOM   1113 C C   . SER B 2 117 ? 3.857   -9.162  -14.736 1.00 18.70 ? 117 SER B C   1 
ATOM   1114 O O   . SER B 2 117 ? 3.314   -9.725  -13.770 1.00 19.72 ? 117 SER B O   1 
ATOM   1115 C CB  . SER B 2 117 ? 4.978   -9.156  -17.008 1.00 21.06 ? 117 SER B CB  1 
ATOM   1116 O OG  . SER B 2 117 ? 3.784   -9.120  -17.775 1.00 26.42 ? 117 SER B OG  1 
ATOM   1117 N N   . LEU B 2 118 ? 3.768   -7.852  -14.939 1.00 15.46 ? 118 LEU B N   1 
ATOM   1118 C CA  . LEU B 2 118 ? 2.939   -7.021  -14.075 1.00 13.00 ? 118 LEU B CA  1 
ATOM   1119 C C   . LEU B 2 118 ? 1.552   -6.964  -14.689 1.00 11.42 ? 118 LEU B C   1 
ATOM   1120 O O   . LEU B 2 118 ? 1.393   -7.072  -15.912 1.00 11.78 ? 118 LEU B O   1 
ATOM   1121 C CB  . LEU B 2 118 ? 3.514   -5.601  -13.964 1.00 12.91 ? 118 LEU B CB  1 
ATOM   1122 C CG  . LEU B 2 118 ? 4.970   -5.465  -13.501 1.00 12.73 ? 118 LEU B CG  1 
ATOM   1123 C CD1 . LEU B 2 118 ? 5.339   -4.003  -13.435 1.00 13.55 ? 118 LEU B CD1 1 
ATOM   1124 C CD2 . LEU B 2 118 ? 5.178   -6.134  -12.148 1.00 13.01 ? 118 LEU B CD2 1 
ATOM   1125 N N   . VAL B 2 119 ? 0.547   -6.829  -13.835 1.00 8.54  ? 119 VAL B N   1 
ATOM   1126 C CA  . VAL B 2 119 ? -0.829  -6.737  -14.292 1.00 8.36  ? 119 VAL B CA  1 
ATOM   1127 C C   . VAL B 2 119 ? -1.008  -5.429  -15.088 1.00 7.48  ? 119 VAL B C   1 
ATOM   1128 O O   . VAL B 2 119 ? -0.304  -4.444  -14.852 1.00 6.56  ? 119 VAL B O   1 
ATOM   1129 C CB  . VAL B 2 119 ? -1.818  -6.795  -13.077 1.00 7.67  ? 119 VAL B CB  1 
ATOM   1130 C CG1 . VAL B 2 119 ? -1.731  -5.542  -12.227 1.00 6.74  ? 119 VAL B CG1 1 
ATOM   1131 C CG2 . VAL B 2 119 ? -3.236  -7.067  -13.538 1.00 7.70  ? 119 VAL B CG2 1 
ATOM   1132 N N   . ALA B 2 120 ? -1.874  -5.451  -16.097 1.00 7.75  ? 120 ALA B N   1 
ATOM   1133 C CA  . ALA B 2 120 ? -2.132  -4.245  -16.886 1.00 7.86  ? 120 ALA B CA  1 
ATOM   1134 C C   . ALA B 2 120 ? -2.575  -3.222  -15.852 1.00 7.89  ? 120 ALA B C   1 
ATOM   1135 O O   . ALA B 2 120 ? -3.436  -3.517  -15.008 1.00 8.29  ? 120 ALA B O   1 
ATOM   1136 C CB  . ALA B 2 120 ? -3.229  -4.499  -17.906 1.00 8.47  ? 120 ALA B CB  1 
ATOM   1137 N N   . PHE B 2 121 ? -1.960  -2.048  -15.903 1.00 7.63  ? 121 PHE B N   1 
ATOM   1138 C CA  . PHE B 2 121 ? -2.197  -0.985  -14.933 1.00 6.66  ? 121 PHE B CA  1 
ATOM   1139 C C   . PHE B 2 121 ? -3.456  -0.144  -15.157 1.00 6.25  ? 121 PHE B C   1 
ATOM   1140 O O   . PHE B 2 121 ? -3.604  0.518   -16.178 1.00 7.20  ? 121 PHE B O   1 
ATOM   1141 C CB  . PHE B 2 121 ? -0.949  -0.110  -14.902 1.00 6.63  ? 121 PHE B CB  1 
ATOM   1142 C CG  . PHE B 2 121 ? -0.787  0.677   -13.646 1.00 6.64  ? 121 PHE B CG  1 
ATOM   1143 C CD1 . PHE B 2 121 ? -0.985  0.093   -12.393 1.00 6.86  ? 121 PHE B CD1 1 
ATOM   1144 C CD2 . PHE B 2 121 ? -0.392  2.002   -13.716 1.00 7.76  ? 121 PHE B CD2 1 
ATOM   1145 C CE1 . PHE B 2 121 ? -0.779  0.837   -11.218 1.00 8.81  ? 121 PHE B CE1 1 
ATOM   1146 C CE2 . PHE B 2 121 ? -0.186  2.756   -12.561 1.00 7.73  ? 121 PHE B CE2 1 
ATOM   1147 C CZ  . PHE B 2 121 ? -0.377  2.176   -11.309 1.00 7.85  ? 121 PHE B CZ  1 
ATOM   1148 N N   . ALA B 2 122 ? -4.352  -0.162  -14.172 1.00 5.69  ? 122 ALA B N   1 
ATOM   1149 C CA  . ALA B 2 122 ? -5.609  0.575   -14.248 1.00 5.21  ? 122 ALA B CA  1 
ATOM   1150 C C   . ALA B 2 122 ? -5.478  2.094   -14.065 1.00 5.45  ? 122 ALA B C   1 
ATOM   1151 O O   . ALA B 2 122 ? -4.586  2.575   -13.364 1.00 5.22  ? 122 ALA B O   1 
ATOM   1152 C CB  . ALA B 2 122 ? -6.589  0.027   -13.215 1.00 4.76  ? 122 ALA B CB  1 
ATOM   1153 N N   . ASP B 2 123 ? -6.365  2.841   -14.721 1.00 5.54  ? 123 ASP B N   1 
ATOM   1154 C CA  . ASP B 2 123 ? -6.414  4.293   -14.546 1.00 6.00  ? 123 ASP B CA  1 
ATOM   1155 C C   . ASP B 2 123 ? -7.348  4.466   -13.339 1.00 5.84  ? 123 ASP B C   1 
ATOM   1156 O O   . ASP B 2 123 ? -8.560  4.285   -13.440 1.00 6.18  ? 123 ASP B O   1 
ATOM   1157 C CB  . ASP B 2 123 ? -7.010  4.986   -15.771 1.00 6.60  ? 123 ASP B CB  1 
ATOM   1158 C CG  . ASP B 2 123 ? -7.093  6.498   -15.608 1.00 7.90  ? 123 ASP B CG  1 
ATOM   1159 O OD1 . ASP B 2 123 ? -6.920  7.019   -14.482 1.00 8.29  ? 123 ASP B OD1 1 
ATOM   1160 O OD2 . ASP B 2 123 ? -7.330  7.179   -16.619 1.00 10.05 ? 123 ASP B OD2 1 
ATOM   1161 N N   . PHE B 2 124 ? -6.762  4.783   -12.192 1.00 6.37  ? 124 PHE B N   1 
ATOM   1162 C CA  . PHE B 2 124 ? -7.505  4.964   -10.944 1.00 5.89  ? 124 PHE B CA  1 
ATOM   1163 C C   . PHE B 2 124 ? -7.796  6.434   -10.633 1.00 7.17  ? 124 PHE B C   1 
ATOM   1164 O O   . PHE B 2 124 ? -8.265  6.748   -9.538  1.00 7.52  ? 124 PHE B O   1 
ATOM   1165 C CB  . PHE B 2 124 ? -6.708  4.346   -9.780  1.00 6.56  ? 124 PHE B CB  1 
ATOM   1166 C CG  . PHE B 2 124 ? -5.266  4.791   -9.739  1.00 5.25  ? 124 PHE B CG  1 
ATOM   1167 C CD1 . PHE B 2 124 ? -4.903  5.985   -9.127  1.00 5.51  ? 124 PHE B CD1 1 
ATOM   1168 C CD2 . PHE B 2 124 ? -4.273  4.036   -10.357 1.00 5.84  ? 124 PHE B CD2 1 
ATOM   1169 C CE1 . PHE B 2 124 ? -3.578  6.422   -9.144  1.00 4.78  ? 124 PHE B CE1 1 
ATOM   1170 C CE2 . PHE B 2 124 ? -2.951  4.471   -10.374 1.00 5.76  ? 124 PHE B CE2 1 
ATOM   1171 C CZ  . PHE B 2 124 ? -2.605  5.660   -9.766  1.00 5.29  ? 124 PHE B CZ  1 
ATOM   1172 N N   . GLY B 2 125 ? -7.473  7.330   -11.568 1.00 6.56  ? 125 GLY B N   1 
ATOM   1173 C CA  . GLY B 2 125 ? -7.688  8.746   -11.347 1.00 7.78  ? 125 GLY B CA  1 
ATOM   1174 C C   . GLY B 2 125 ? -6.614  9.253   -10.414 1.00 7.53  ? 125 GLY B C   1 
ATOM   1175 O O   . GLY B 2 125 ? -5.502  9.553   -10.836 1.00 8.75  ? 125 GLY B O   1 
ATOM   1176 N N   . SER B 2 126 ? -6.920  9.268   -9.128  1.00 8.22  ? 126 SER B N   1 
ATOM   1177 C CA  . SER B 2 126 ? -5.969  9.726   -8.129  1.00 9.88  ? 126 SER B CA  1 
ATOM   1178 C C   . SER B 2 126 ? -6.280  9.022   -6.813  1.00 9.51  ? 126 SER B C   1 
ATOM   1179 O O   . SER B 2 126 ? -7.424  8.602   -6.588  1.00 10.46 ? 126 SER B O   1 
ATOM   1180 C CB  . SER B 2 126 ? -6.101  11.243  -7.963  1.00 11.75 ? 126 SER B CB  1 
ATOM   1181 O OG  . SER B 2 126 ? -4.978  11.773  -7.320  1.00 18.70 ? 126 SER B OG  1 
ATOM   1182 N N   . VAL B 2 127 ? -5.251  8.793   -6.006  1.00 8.05  ? 127 VAL B N   1 
ATOM   1183 C CA  . VAL B 2 127 ? -5.415  8.188   -4.687  1.00 7.20  ? 127 VAL B CA  1 
ATOM   1184 C C   . VAL B 2 127 ? -4.673  9.101   -3.724  1.00 6.30  ? 127 VAL B C   1 
ATOM   1185 O O   . VAL B 2 127 ? -3.517  9.458   -3.963  1.00 6.84  ? 127 VAL B O   1 
ATOM   1186 C CB  . VAL B 2 127 ? -4.800  6.760   -4.588  1.00 8.00  ? 127 VAL B CB  1 
ATOM   1187 C CG1 . VAL B 2 127 ? -4.771  6.299   -3.139  1.00 8.24  ? 127 VAL B CG1 1 
ATOM   1188 C CG2 . VAL B 2 127 ? -5.607  5.769   -5.420  1.00 8.57  ? 127 VAL B CG2 1 
ATOM   1189 N N   . THR B 2 128 ? -5.353  9.537   -2.673  1.00 5.83  ? 128 THR B N   1 
ATOM   1190 C CA  . THR B 2 128 ? -4.712  10.374  -1.674  1.00 6.35  ? 128 THR B CA  1 
ATOM   1191 C C   . THR B 2 128 ? -4.785  9.702   -0.311  1.00 5.45  ? 128 THR B C   1 
ATOM   1192 O O   . THR B 2 128 ? -5.863  9.303   0.137   1.00 6.30  ? 128 THR B O   1 
ATOM   1193 C CB  . THR B 2 128 ? -5.372  11.779  -1.540  1.00 7.00  ? 128 THR B CB  1 
ATOM   1194 O OG1 . THR B 2 128 ? -5.251  12.497  -2.772  1.00 8.61  ? 128 THR B OG1 1 
ATOM   1195 C CG2 . THR B 2 128 ? -4.689  12.582  -0.434  1.00 8.40  ? 128 THR B CG2 1 
ATOM   1196 N N   . PHE B 2 129 ? -3.623  9.493   0.291   1.00 4.85  ? 129 PHE B N   1 
ATOM   1197 C CA  . PHE B 2 129 ? -3.541  8.937   1.633   1.00 4.72  ? 129 PHE B CA  1 
ATOM   1198 C C   . PHE B 2 129 ? -3.524  10.153  2.563   1.00 5.53  ? 129 PHE B C   1 
ATOM   1199 O O   . PHE B 2 129 ? -2.669  11.031  2.409   1.00 6.83  ? 129 PHE B O   1 
ATOM   1200 C CB  . PHE B 2 129 ? -2.219  8.201   1.840   1.00 4.10  ? 129 PHE B CB  1 
ATOM   1201 C CG  . PHE B 2 129 ? -2.086  6.917   1.061   1.00 5.42  ? 129 PHE B CG  1 
ATOM   1202 C CD1 . PHE B 2 129 ? -1.510  6.907   -0.210  1.00 5.88  ? 129 PHE B CD1 1 
ATOM   1203 C CD2 . PHE B 2 129 ? -2.458  5.711   1.636   1.00 6.35  ? 129 PHE B CD2 1 
ATOM   1204 C CE1 . PHE B 2 129 ? -1.295  5.691   -0.894  1.00 6.78  ? 129 PHE B CE1 1 
ATOM   1205 C CE2 . PHE B 2 129 ? -2.245  4.498   0.959   1.00 6.87  ? 129 PHE B CE2 1 
ATOM   1206 C CZ  . PHE B 2 129 ? -1.665  4.494   -0.298  1.00 6.54  ? 129 PHE B CZ  1 
ATOM   1207 N N   . THR B 2 130 ? -4.484  10.252  3.467   1.00 5.42  ? 130 THR B N   1 
ATOM   1208 C CA  . THR B 2 130 ? -4.498  11.344  4.426   1.00 6.22  ? 130 THR B CA  1 
ATOM   1209 C C   . THR B 2 130 ? -4.161  10.715  5.767   1.00 6.05  ? 130 THR B C   1 
ATOM   1210 O O   . THR B 2 130 ? -4.186  9.489   5.917   1.00 5.80  ? 130 THR B O   1 
ATOM   1211 C CB  . THR B 2 130 ? -5.864  12.036  4.514   1.00 6.93  ? 130 THR B CB  1 
ATOM   1212 O OG1 . THR B 2 130 ? -6.878  11.078  4.849   1.00 8.10  ? 130 THR B OG1 1 
ATOM   1213 C CG2 . THR B 2 130 ? -6.195  12.720  3.187   1.00 8.18  ? 130 THR B CG2 1 
ATOM   1214 N N   . ASN B 2 131 ? -3.861  11.560  6.749   1.00 6.92  ? 131 ASN B N   1 
ATOM   1215 C CA  . ASN B 2 131 ? -3.484  11.091  8.082   1.00 7.80  ? 131 ASN B CA  1 
ATOM   1216 C C   . ASN B 2 131 ? -2.370  10.039  7.907   1.00 7.13  ? 131 ASN B C   1 
ATOM   1217 O O   . ASN B 2 131 ? -2.389  8.965   8.526   1.00 8.10  ? 131 ASN B O   1 
ATOM   1218 C CB  . ASN B 2 131 ? -4.705  10.518  8.812   1.00 10.42 ? 131 ASN B CB  1 
ATOM   1219 C CG  . ASN B 2 131 ? -5.749  11.581  9.129   1.00 13.95 ? 131 ASN B CG  1 
ATOM   1220 O OD1 . ASN B 2 131 ? -5.456  12.587  9.769   1.00 17.31 ? 131 ASN B OD1 1 
ATOM   1221 N ND2 . ASN B 2 131 ? -6.965  11.371  8.666   1.00 16.10 ? 131 ASN B ND2 1 
ATOM   1222 N N   . ALA B 2 132 ? -1.443  10.350  7.006   1.00 5.82  ? 132 ALA B N   1 
ATOM   1223 C CA  . ALA B 2 132 ? -0.305  9.496   6.680   1.00 6.42  ? 132 ALA B CA  1 
ATOM   1224 C C   . ALA B 2 132 ? 0.758   9.688   7.745   1.00 6.34  ? 132 ALA B C   1 
ATOM   1225 O O   . ALA B 2 132 ? 1.469   10.698  7.745   1.00 6.97  ? 132 ALA B O   1 
ATOM   1226 C CB  . ALA B 2 132 ? 0.232   9.863   5.312   1.00 5.80  ? 132 ALA B CB  1 
ATOM   1227 N N   . GLU B 2 133 ? 0.863   8.717   8.645   1.00 6.35  ? 133 GLU B N   1 
ATOM   1228 C CA  . GLU B 2 133 ? 1.794   8.793   9.763   1.00 7.00  ? 133 GLU B CA  1 
ATOM   1229 C C   . GLU B 2 133 ? 2.536   7.491   10.015  1.00 6.55  ? 133 GLU B C   1 
ATOM   1230 O O   . GLU B 2 133 ? 1.965   6.403   9.879   1.00 6.45  ? 133 GLU B O   1 
ATOM   1231 C CB  . GLU B 2 133 ? 1.017   9.156   11.042  1.00 10.32 ? 133 GLU B CB  1 
ATOM   1232 C CG  . GLU B 2 133 ? 0.303   10.508  10.978  1.00 15.67 ? 133 GLU B CG  1 
ATOM   1233 C CD  . GLU B 2 133 ? -0.535  10.822  12.207  1.00 20.46 ? 133 GLU B CD  1 
ATOM   1234 O OE1 . GLU B 2 133 ? -0.532  10.029  13.173  1.00 22.87 ? 133 GLU B OE1 1 
ATOM   1235 O OE2 . GLU B 2 133 ? -1.196  11.887  12.221  1.00 24.46 ? 133 GLU B OE2 1 
ATOM   1236 N N   . ALA B 2 134 ? 3.810   7.619   10.378  1.00 6.59  ? 134 ALA B N   1 
ATOM   1237 C CA  . ALA B 2 134 ? 4.660   6.475   10.720  1.00 6.09  ? 134 ALA B CA  1 
ATOM   1238 C C   . ALA B 2 134 ? 5.169   6.719   12.142  1.00 7.21  ? 134 ALA B C   1 
ATOM   1239 O O   . ALA B 2 134 ? 5.392   7.868   12.526  1.00 8.99  ? 134 ALA B O   1 
ATOM   1240 C CB  . ALA B 2 134 ? 5.840   6.375   9.749   1.00 6.45  ? 134 ALA B CB  1 
ATOM   1241 N N   . THR B 2 135 ? 5.345   5.660   12.922  1.00 6.53  ? 135 THR B N   1 
ATOM   1242 C CA  . THR B 2 135 ? 5.829   5.799   14.288  1.00 7.38  ? 135 THR B CA  1 
ATOM   1243 C C   . THR B 2 135 ? 7.199   5.156   14.384  1.00 7.76  ? 135 THR B C   1 
ATOM   1244 O O   . THR B 2 135 ? 7.377   4.004   14.002  1.00 7.81  ? 135 THR B O   1 
ATOM   1245 C CB  . THR B 2 135 ? 4.866   5.146   15.284  1.00 7.81  ? 135 THR B CB  1 
ATOM   1246 O OG1 . THR B 2 135 ? 3.567   5.717   15.105  1.00 9.58  ? 135 THR B OG1 1 
ATOM   1247 C CG2 . THR B 2 135 ? 5.315   5.394   16.721  1.00 8.69  ? 135 THR B CG2 1 
ATOM   1248 N N   . SER B 2 136 ? 8.153   5.922   14.899  1.00 9.94  ? 136 SER B N   1 
ATOM   1249 C CA  . SER B 2 136 ? 9.530   5.483   15.052  1.00 12.31 ? 136 SER B CA  1 
ATOM   1250 C C   . SER B 2 136 ? 10.005  5.938   16.425  1.00 13.08 ? 136 SER B C   1 
ATOM   1251 O O   . SER B 2 136 ? 9.890   7.110   16.761  1.00 11.70 ? 136 SER B O   1 
ATOM   1252 C CB  . SER B 2 136 ? 10.397  6.131   13.964  1.00 13.53 ? 136 SER B CB  1 
ATOM   1253 O OG  . SER B 2 136 ? 11.767  5.835   14.162  1.00 19.84 ? 136 SER B OG  1 
ATOM   1254 N N   . GLY B 2 137 ? 10.510  5.007   17.231  1.00 14.69 ? 137 GLY B N   1 
ATOM   1255 C CA  . GLY B 2 137 ? 10.991  5.364   18.557  1.00 16.13 ? 137 GLY B CA  1 
ATOM   1256 C C   . GLY B 2 137 ? 9.952   6.029   19.441  1.00 16.95 ? 137 GLY B C   1 
ATOM   1257 O O   . GLY B 2 137 ? 10.293  6.820   20.330  1.00 17.63 ? 137 GLY B O   1 
ATOM   1258 N N   . GLY B 2 138 ? 8.684   5.715   19.193  1.00 16.86 ? 138 GLY B N   1 
ATOM   1259 C CA  . GLY B 2 138 ? 7.597   6.277   19.980  1.00 17.48 ? 138 GLY B CA  1 
ATOM   1260 C C   . GLY B 2 138 ? 7.055   7.604   19.480  1.00 18.36 ? 138 GLY B C   1 
ATOM   1261 O O   . GLY B 2 138 ? 6.010   8.063   19.970  1.00 20.44 ? 138 GLY B O   1 
ATOM   1262 N N   . SER B 2 139 ? 7.739   8.207   18.501  1.00 16.90 ? 139 SER B N   1 
ATOM   1263 C CA  . SER B 2 139 ? 7.357   9.501   17.924  1.00 15.94 ? 139 SER B CA  1 
ATOM   1264 C C   . SER B 2 139 ? 6.745   9.343   16.525  1.00 13.68 ? 139 SER B C   1 
ATOM   1265 O O   . SER B 2 139 ? 7.163   8.480   15.759  1.00 11.69 ? 139 SER B O   1 
ATOM   1266 C CB  . SER B 2 139 ? 8.585   10.428  17.860  1.00 17.22 ? 139 SER B CB  1 
ATOM   1267 O OG  . SER B 2 139 ? 9.394   10.197  16.702  1.00 22.29 ? 139 SER B OG  1 
ATOM   1268 N N   . THR B 2 140 ? 5.753   10.168  16.199  1.00 13.31 ? 140 THR B N   1 
ATOM   1269 C CA  . THR B 2 140 ? 5.106   10.095  14.890  1.00 14.15 ? 140 THR B CA  1 
ATOM   1270 C C   . THR B 2 140 ? 5.686   11.105  13.902  1.00 13.71 ? 140 THR B C   1 
ATOM   1271 O O   . THR B 2 140 ? 5.978   12.257  14.259  1.00 14.06 ? 140 THR B O   1 
ATOM   1272 C CB  . THR B 2 140 ? 3.575   10.285  14.991  1.00 15.72 ? 140 THR B CB  1 
ATOM   1273 O OG1 . THR B 2 140 ? 3.291   11.597  15.483  1.00 21.20 ? 140 THR B OG1 1 
ATOM   1274 C CG2 . THR B 2 140 ? 2.971   9.262   15.935  1.00 16.57 ? 140 THR B CG2 1 
ATOM   1275 N N   . VAL B 2 141 ? 5.861   10.668  12.659  1.00 12.65 ? 141 VAL B N   1 
ATOM   1276 C CA  . VAL B 2 141 ? 6.394   11.521  11.596  1.00 13.23 ? 141 VAL B CA  1 
ATOM   1277 C C   . VAL B 2 141 ? 5.544   11.342  10.358  1.00 11.65 ? 141 VAL B C   1 
ATOM   1278 O O   . VAL B 2 141 ? 4.952   10.277  10.137  1.00 11.06 ? 141 VAL B O   1 
ATOM   1279 C CB  . VAL B 2 141 ? 7.862   11.159  11.214  1.00 16.03 ? 141 VAL B CB  1 
ATOM   1280 C CG1 . VAL B 2 141 ? 8.804   11.346  12.414  1.00 17.49 ? 141 VAL B CG1 1 
ATOM   1281 C CG2 . VAL B 2 141 ? 7.947   9.730   10.697  1.00 16.58 ? 141 VAL B CG2 1 
ATOM   1282 N N   . GLY B 2 142 ? 5.472   12.404  9.570   1.00 11.45 ? 142 GLY B N   1 
ATOM   1283 C CA  . GLY B 2 142 ? 4.713   12.382  8.335   1.00 9.63  ? 142 GLY B CA  1 
ATOM   1284 C C   . GLY B 2 142 ? 5.615   12.112  7.141   1.00 9.31  ? 142 GLY B C   1 
ATOM   1285 O O   . GLY B 2 142 ? 6.819   11.873  7.302   1.00 9.81  ? 142 GLY B O   1 
ATOM   1286 N N   . PRO B 2 143 ? 5.076   12.213  5.923   1.00 9.39  ? 143 PRO B N   1 
ATOM   1287 C CA  . PRO B 2 143 ? 5.845   11.971  4.691   1.00 9.85  ? 143 PRO B CA  1 
ATOM   1288 C C   . PRO B 2 143 ? 6.672   13.125  4.095   1.00 10.50 ? 143 PRO B C   1 
ATOM   1289 O O   . PRO B 2 143 ? 7.255   12.967  3.024   1.00 10.41 ? 143 PRO B O   1 
ATOM   1290 C CB  . PRO B 2 143 ? 4.768   11.485  3.723   1.00 10.76 ? 143 PRO B CB  1 
ATOM   1291 C CG  . PRO B 2 143 ? 3.559   12.269  4.134   1.00 10.89 ? 143 PRO B CG  1 
ATOM   1292 C CD  . PRO B 2 143 ? 3.629   12.289  5.650   1.00 9.07  ? 143 PRO B CD  1 
ATOM   1293 N N   . SER B 2 144 ? 6.780   14.244  4.809   1.00 11.18 ? 144 SER B N   1 
ATOM   1294 C CA  . SER B 2 144 ? 7.506   15.427  4.324   1.00 12.42 ? 144 SER B CA  1 
ATOM   1295 C C   . SER B 2 144 ? 8.879   15.147  3.704   1.00 11.69 ? 144 SER B C   1 
ATOM   1296 O O   . SER B 2 144 ? 9.175   15.589  2.592   1.00 11.93 ? 144 SER B O   1 
ATOM   1297 C CB  . SER B 2 144 ? 7.688   16.452  5.458   1.00 14.65 ? 144 SER B CB  1 
ATOM   1298 O OG  . SER B 2 144 ? 6.439   16.973  5.907   1.00 19.43 ? 144 SER B OG  1 
ATOM   1299 N N   . ASP B 2 145 ? 9.696   14.384  4.427   1.00 10.34 ? 145 ASP B N   1 
ATOM   1300 C CA  . ASP B 2 145 ? 11.057  14.079  3.991   1.00 10.45 ? 145 ASP B CA  1 
ATOM   1301 C C   . ASP B 2 145 ? 11.203  12.742  3.278   1.00 10.17 ? 145 ASP B C   1 
ATOM   1302 O O   . ASP B 2 145 ? 12.326  12.255  3.069   1.00 11.00 ? 145 ASP B O   1 
ATOM   1303 C CB  . ASP B 2 145 ? 12.013  14.114  5.194   1.00 11.61 ? 145 ASP B CB  1 
ATOM   1304 C CG  . ASP B 2 145 ? 12.072  15.474  5.861   1.00 12.29 ? 145 ASP B CG  1 
ATOM   1305 O OD1 . ASP B 2 145 ? 12.123  16.481  5.157   1.00 14.05 ? 145 ASP B OD1 1 
ATOM   1306 O OD2 . ASP B 2 145 ? 12.076  15.528  7.100   1.00 15.54 ? 145 ASP B OD2 1 
ATOM   1307 N N   . ALA B 2 146 ? 10.074  12.168  2.878   1.00 8.83  ? 146 ALA B N   1 
ATOM   1308 C CA  . ALA B 2 146 ? 10.082  10.877  2.209   1.00 8.12  ? 146 ALA B CA  1 
ATOM   1309 C C   . ALA B 2 146 ? 10.615  10.944  0.789   1.00 8.12  ? 146 ALA B C   1 
ATOM   1310 O O   . ALA B 2 146 ? 10.612  11.997  0.150   1.00 9.43  ? 146 ALA B O   1 
ATOM   1311 C CB  . ALA B 2 146 ? 8.666   10.283  2.196   1.00 8.56  ? 146 ALA B CB  1 
ATOM   1312 N N   . THR B 2 147 ? 11.156  9.825   0.339   1.00 7.08  ? 147 THR B N   1 
ATOM   1313 C CA  . THR B 2 147 ? 11.636  9.704   -1.019  1.00 8.19  ? 147 THR B CA  1 
ATOM   1314 C C   . THR B 2 147 ? 10.382  9.476   -1.887  1.00 7.72  ? 147 THR B C   1 
ATOM   1315 O O   . THR B 2 147 ? 9.551   8.623   -1.577  1.00 7.60  ? 147 THR B O   1 
ATOM   1316 C CB  . THR B 2 147 ? 12.575  8.492   -1.131  1.00 10.21 ? 147 THR B CB  1 
ATOM   1317 O OG1 . THR B 2 147 ? 13.765  8.741   -0.367  1.00 11.90 ? 147 THR B OG1 1 
ATOM   1318 C CG2 . THR B 2 147 ? 12.938  8.213   -2.587  1.00 10.86 ? 147 THR B CG2 1 
ATOM   1319 N N   . VAL B 2 148 ? 10.231  10.263  -2.942  1.00 7.47  ? 148 VAL B N   1 
ATOM   1320 C CA  . VAL B 2 148 ? 9.074   10.150  -3.820  1.00 7.86  ? 148 VAL B CA  1 
ATOM   1321 C C   . VAL B 2 148 ? 9.385   9.231   -4.986  1.00 8.31  ? 148 VAL B C   1 
ATOM   1322 O O   . VAL B 2 148 ? 10.441  9.359   -5.616  1.00 9.17  ? 148 VAL B O   1 
ATOM   1323 C CB  . VAL B 2 148 ? 8.654   11.549  -4.336  1.00 8.02  ? 148 VAL B CB  1 
ATOM   1324 C CG1 . VAL B 2 148 ? 7.565   11.432  -5.394  1.00 7.85  ? 148 VAL B CG1 1 
ATOM   1325 C CG2 . VAL B 2 148 ? 8.182   12.404  -3.165  1.00 9.56  ? 148 VAL B CG2 1 
ATOM   1326 N N   . MET B 2 149 ? 8.470   8.309   -5.255  1.00 8.09  ? 149 MET B N   1 
ATOM   1327 C CA  . MET B 2 149 ? 8.632   7.349   -6.339  1.00 9.74  ? 149 MET B CA  1 
ATOM   1328 C C   . MET B 2 149 ? 7.464   7.378   -7.310  1.00 7.39  ? 149 MET B C   1 
ATOM   1329 O O   . MET B 2 149 ? 6.326   7.642   -6.914  1.00 5.63  ? 149 MET B O   1 
ATOM   1330 C CB  . MET B 2 149 ? 8.748   5.921   -5.790  1.00 12.89 ? 149 MET B CB  1 
ATOM   1331 C CG  . MET B 2 149 ? 10.083  5.586   -5.157  1.00 18.96 ? 149 MET B CG  1 
ATOM   1332 S SD  . MET B 2 149 ? 10.109  3.844   -4.747  1.00 27.21 ? 149 MET B SD  1 
ATOM   1333 C CE  . MET B 2 149 ? 11.619  3.768   -3.808  1.00 24.53 ? 149 MET B CE  1 
ATOM   1334 N N   . ASP B 2 150 ? 7.760   7.132   -8.585  1.00 7.56  ? 150 ASP B N   1 
ATOM   1335 C CA  . ASP B 2 150 ? 6.735   7.063   -9.618  1.00 6.59  ? 150 ASP B CA  1 
ATOM   1336 C C   . ASP B 2 150 ? 7.025   5.917   -10.562 1.00 6.00  ? 150 ASP B C   1 
ATOM   1337 O O   . ASP B 2 150 ? 8.165   5.481   -10.685 1.00 6.49  ? 150 ASP B O   1 
ATOM   1338 C CB  . ASP B 2 150 ? 6.597   8.375   -10.383 1.00 8.89  ? 150 ASP B CB  1 
ATOM   1339 C CG  . ASP B 2 150 ? 5.727   9.370   -9.660  1.00 7.97  ? 150 ASP B CG  1 
ATOM   1340 O OD1 . ASP B 2 150 ? 4.566   9.062   -9.345  1.00 11.21 ? 150 ASP B OD1 1 
ATOM   1341 O OD2 . ASP B 2 150 ? 6.219   10.456  -9.366  1.00 11.77 ? 150 ASP B OD2 1 
ATOM   1342 N N   . ILE B 2 151 ? 5.975   5.432   -11.213 1.00 6.29  ? 151 ILE B N   1 
ATOM   1343 C CA  . ILE B 2 151 ? 6.078   4.314   -12.136 1.00 7.12  ? 151 ILE B CA  1 
ATOM   1344 C C   . ILE B 2 151 ? 6.408   4.750   -13.569 1.00 8.72  ? 151 ILE B C   1 
ATOM   1345 O O   . ILE B 2 151 ? 5.812   5.687   -14.116 1.00 8.11  ? 151 ILE B O   1 
ATOM   1346 C CB  . ILE B 2 151 ? 4.775   3.461   -12.136 1.00 6.35  ? 151 ILE B CB  1 
ATOM   1347 C CG1 . ILE B 2 151 ? 4.558   2.837   -10.760 1.00 6.38  ? 151 ILE B CG1 1 
ATOM   1348 C CG2 . ILE B 2 151 ? 4.837   2.370   -13.208 1.00 6.20  ? 151 ILE B CG2 1 
ATOM   1349 C CD1 . ILE B 2 151 ? 3.211   2.139   -10.591 1.00 6.72  ? 151 ILE B CD1 1 
ATOM   1350 N N   . GLU B 2 152 ? 7.354   4.043   -14.167 1.00 10.57 ? 152 GLU B N   1 
ATOM   1351 C CA  . GLU B 2 152 ? 7.774   4.294   -15.533 1.00 14.45 ? 152 GLU B CA  1 
ATOM   1352 C C   . GLU B 2 152 ? 7.962   2.926   -16.191 1.00 15.00 ? 152 GLU B C   1 
ATOM   1353 O O   . GLU B 2 152 ? 8.750   2.114   -15.707 1.00 15.00 ? 152 GLU B O   1 
ATOM   1354 C CB  . GLU B 2 152 ? 9.080   5.070   -15.518 1.00 16.66 ? 152 GLU B CB  1 
ATOM   1355 C CG  . GLU B 2 152 ? 9.670   5.371   -16.869 1.00 21.69 ? 152 GLU B CG  1 
ATOM   1356 C CD  . GLU B 2 152 ? 11.007  6.060   -16.715 1.00 24.45 ? 152 GLU B CD  1 
ATOM   1357 O OE1 . GLU B 2 152 ? 12.021  5.349   -16.544 1.00 27.39 ? 152 GLU B OE1 1 
ATOM   1358 O OE2 . GLU B 2 152 ? 11.041  7.309   -16.708 1.00 25.37 ? 152 GLU B OE2 1 
ATOM   1359 N N   . GLN B 2 153 ? 7.174   2.652   -17.231 1.00 15.91 ? 153 GLN B N   1 
ATOM   1360 C CA  . GLN B 2 153 ? 7.242   1.387   -17.963 1.00 18.27 ? 153 GLN B CA  1 
ATOM   1361 C C   . GLN B 2 153 ? 7.226   1.632   -19.445 1.00 20.72 ? 153 GLN B C   1 
ATOM   1362 O O   . GLN B 2 153 ? 6.491   2.490   -19.921 1.00 21.90 ? 153 GLN B O   1 
ATOM   1363 C CB  . GLN B 2 153 ? 6.032   0.527   -17.674 1.00 16.94 ? 153 GLN B CB  1 
ATOM   1364 C CG  . GLN B 2 153 ? 5.978   -0.051  -16.312 1.00 16.05 ? 153 GLN B CG  1 
ATOM   1365 C CD  . GLN B 2 153 ? 4.621   -0.634  -16.032 1.00 16.31 ? 153 GLN B CD  1 
ATOM   1366 O OE1 . GLN B 2 153 ? 3.771   -0.721  -16.919 1.00 15.93 ? 153 GLN B OE1 1 
ATOM   1367 N NE2 . GLN B 2 153 ? 4.392   -1.011  -14.788 1.00 15.40 ? 153 GLN B NE2 1 
ATOM   1368 N N   . ASP B 2 154 ? 8.011   0.849   -20.176 1.00 24.87 ? 154 ASP B N   1 
ATOM   1369 C CA  . ASP B 2 154 ? 8.086   0.948   -21.638 1.00 26.72 ? 154 ASP B CA  1 
ATOM   1370 C C   . ASP B 2 154 ? 8.200   2.365   -22.167 1.00 26.53 ? 154 ASP B C   1 
ATOM   1371 O O   . ASP B 2 154 ? 7.571   2.704   -23.171 1.00 27.11 ? 154 ASP B O   1 
ATOM   1372 C CB  . ASP B 2 154 ? 6.862   0.285   -22.284 1.00 30.93 ? 154 ASP B CB  1 
ATOM   1373 C CG  . ASP B 2 154 ? 6.868   -1.223  -22.130 1.00 33.65 ? 154 ASP B CG  1 
ATOM   1374 O OD1 . ASP B 2 154 ? 7.835   -1.867  -22.621 1.00 36.13 ? 154 ASP B OD1 1 
ATOM   1375 O OD2 . ASP B 2 154 ? 5.901   -1.756  -21.529 1.00 34.88 ? 154 ASP B OD2 1 
ATOM   1376 N N   . GLY B 2 155 ? 9.014   3.178   -21.504 1.00 26.45 ? 155 GLY B N   1 
ATOM   1377 C CA  . GLY B 2 155 ? 9.183   4.549   -21.939 1.00 25.64 ? 155 GLY B CA  1 
ATOM   1378 C C   . GLY B 2 155 ? 7.960   5.407   -21.709 1.00 24.78 ? 155 GLY B C   1 
ATOM   1379 O O   . GLY B 2 155 ? 7.723   6.376   -22.438 1.00 27.17 ? 155 GLY B O   1 
ATOM   1380 N N   . SER B 2 156 ? 7.178   5.064   -20.695 1.00 22.68 ? 156 SER B N   1 
ATOM   1381 C CA  . SER B 2 156 ? 5.995   5.847   -20.367 1.00 20.98 ? 156 SER B CA  1 
ATOM   1382 C C   . SER B 2 156 ? 5.892   6.077   -18.868 1.00 18.75 ? 156 SER B C   1 
ATOM   1383 O O   . SER B 2 156 ? 5.996   5.135   -18.076 1.00 18.05 ? 156 SER B O   1 
ATOM   1384 C CB  . SER B 2 156 ? 4.719   5.144   -20.848 1.00 22.79 ? 156 SER B CB  1 
ATOM   1385 O OG  . SER B 2 156 ? 4.613   5.167   -22.263 1.00 26.09 ? 156 SER B OG  1 
ATOM   1386 N N   . VAL B 2 157 ? 5.753   7.339   -18.484 1.00 16.33 ? 157 VAL B N   1 
ATOM   1387 C CA  . VAL B 2 157 ? 5.580   7.698   -17.081 1.00 14.43 ? 157 VAL B CA  1 
ATOM   1388 C C   . VAL B 2 157 ? 4.085   7.474   -16.831 1.00 13.10 ? 157 VAL B C   1 
ATOM   1389 O O   . VAL B 2 157 ? 3.237   8.011   -17.560 1.00 13.74 ? 157 VAL B O   1 
ATOM   1390 C CB  . VAL B 2 157 ? 5.955   9.178   -16.837 1.00 14.83 ? 157 VAL B CB  1 
ATOM   1391 C CG1 . VAL B 2 157 ? 5.743   9.538   -15.383 1.00 13.50 ? 157 VAL B CG1 1 
ATOM   1392 C CG2 . VAL B 2 157 ? 7.411   9.408   -17.235 1.00 15.59 ? 157 VAL B CG2 1 
ATOM   1393 N N   . LEU B 2 158 ? 3.750   6.669   -15.830 1.00 9.41  ? 158 LEU B N   1 
ATOM   1394 C CA  . LEU B 2 158 ? 2.348   6.367   -15.564 1.00 8.02  ? 158 LEU B CA  1 
ATOM   1395 C C   . LEU B 2 158 ? 1.755   7.029   -14.329 1.00 7.55  ? 158 LEU B C   1 
ATOM   1396 O O   . LEU B 2 158 ? 0.543   6.963   -14.121 1.00 7.37  ? 158 LEU B O   1 
ATOM   1397 C CB  . LEU B 2 158 ? 2.147   4.848   -15.488 1.00 8.45  ? 158 LEU B CB  1 
ATOM   1398 C CG  . LEU B 2 158 ? 2.623   4.011   -16.681 1.00 8.39  ? 158 LEU B CG  1 
ATOM   1399 C CD1 . LEU B 2 158 ? 2.450   2.542   -16.373 1.00 9.84  ? 158 LEU B CD1 1 
ATOM   1400 C CD2 . LEU B 2 158 ? 1.864   4.399   -17.934 1.00 10.90 ? 158 LEU B CD2 1 
ATOM   1401 N N   . THR B 2 159 ? 2.592   7.655   -13.505 1.00 6.87  ? 159 THR B N   1 
ATOM   1402 C CA  . THR B 2 159 ? 2.107   8.317   -12.294 1.00 6.78  ? 159 THR B CA  1 
ATOM   1403 C C   . THR B 2 159 ? 2.895   9.577   -11.965 1.00 7.84  ? 159 THR B C   1 
ATOM   1404 O O   . THR B 2 159 ? 4.033   9.757   -12.419 1.00 8.44  ? 159 THR B O   1 
ATOM   1405 C CB  . THR B 2 159 ? 2.202   7.395   -11.025 1.00 6.30  ? 159 THR B CB  1 
ATOM   1406 O OG1 . THR B 2 159 ? 3.573   7.083   -10.745 1.00 5.90  ? 159 THR B OG1 1 
ATOM   1407 C CG2 . THR B 2 159 ? 1.429   6.100   -11.217 1.00 5.48  ? 159 THR B CG2 1 
ATOM   1408 N N   . GLU B 2 160 ? 2.264   10.438  -11.177 1.00 7.72  ? 160 GLU B N   1 
ATOM   1409 C CA  . GLU B 2 160 ? 2.862   11.660  -10.664 1.00 9.76  ? 160 GLU B CA  1 
ATOM   1410 C C   . GLU B 2 160 ? 2.484   11.680  -9.178  1.00 8.56  ? 160 GLU B C   1 
ATOM   1411 O O   . GLU B 2 160 ? 1.302   11.610  -8.824  1.00 8.38  ? 160 GLU B O   1 
ATOM   1412 C CB  . GLU B 2 160 ? 2.308   12.901  -11.368 1.00 13.71 ? 160 GLU B CB  1 
ATOM   1413 C CG  . GLU B 2 160 ? 2.943   13.163  -12.724 1.00 23.03 ? 160 GLU B CG  1 
ATOM   1414 C CD  . GLU B 2 160 ? 2.251   14.282  -13.499 1.00 27.96 ? 160 GLU B CD  1 
ATOM   1415 O OE1 . GLU B 2 160 ? 1.405   15.002  -12.893 1.00 31.84 ? 160 GLU B OE1 1 
ATOM   1416 O OE2 . GLU B 2 160 ? 2.532   14.433  -14.723 1.00 31.03 ? 160 GLU B OE2 1 
ATOM   1417 N N   . THR B 2 161 ? 3.486   11.776  -8.317  1.00 7.54  ? 161 THR B N   1 
ATOM   1418 C CA  . THR B 2 161 ? 3.252   11.758  -6.888  1.00 7.88  ? 161 THR B CA  1 
ATOM   1419 C C   . THR B 2 161 ? 3.656   13.065  -6.226  1.00 8.77  ? 161 THR B C   1 
ATOM   1420 O O   . THR B 2 161 ? 4.653   13.679  -6.605  1.00 9.15  ? 161 THR B O   1 
ATOM   1421 C CB  . THR B 2 161 ? 4.036   10.580  -6.243  1.00 7.90  ? 161 THR B CB  1 
ATOM   1422 O OG1 . THR B 2 161 ? 3.511   9.340   -6.733  1.00 8.34  ? 161 THR B OG1 1 
ATOM   1423 C CG2 . THR B 2 161 ? 3.934   10.603  -4.727  1.00 7.85  ? 161 THR B CG2 1 
ATOM   1424 N N   . SER B 2 162 ? 2.843   13.511  -5.280  1.00 8.89  ? 162 SER B N   1 
ATOM   1425 C CA  . SER B 2 162 ? 3.126   14.729  -4.525  1.00 11.06 ? 162 SER B CA  1 
ATOM   1426 C C   . SER B 2 162 ? 2.860   14.422  -3.045  1.00 11.26 ? 162 SER B C   1 
ATOM   1427 O O   . SER B 2 162 ? 1.980   13.617  -2.710  1.00 10.28 ? 162 SER B O   1 
ATOM   1428 C CB  . SER B 2 162 ? 2.258   15.902  -5.017  1.00 11.36 ? 162 SER B CB  1 
ATOM   1429 O OG  . SER B 2 162 ? 0.877   15.610  -4.948  1.00 16.08 ? 162 SER B OG  1 
ATOM   1430 N N   . VAL B 2 163 ? 3.665   15.006  -2.167  1.00 11.70 ? 163 VAL B N   1 
ATOM   1431 C CA  . VAL B 2 163 ? 3.492   14.780  -0.742  1.00 13.64 ? 163 VAL B CA  1 
ATOM   1432 C C   . VAL B 2 163 ? 3.338   16.108  -0.015  1.00 14.70 ? 163 VAL B C   1 
ATOM   1433 O O   . VAL B 2 163 ? 3.692   17.164  -0.549  1.00 14.24 ? 163 VAL B O   1 
ATOM   1434 C CB  . VAL B 2 163 ? 4.695   13.990  -0.125  1.00 15.37 ? 163 VAL B CB  1 
ATOM   1435 C CG1 . VAL B 2 163 ? 4.866   12.651  -0.829  1.00 15.09 ? 163 VAL B CG1 1 
ATOM   1436 C CG2 . VAL B 2 163 ? 5.977   14.797  -0.210  1.00 16.49 ? 163 VAL B CG2 1 
ATOM   1437 N N   . SER B 2 164 ? 2.716   16.061  1.153   1.00 15.21 ? 164 SER B N   1 
ATOM   1438 C CA  . SER B 2 164 ? 2.553   17.251  1.977   1.00 16.21 ? 164 SER B CA  1 
ATOM   1439 C C   . SER B 2 164 ? 3.040   16.812  3.362   1.00 17.06 ? 164 SER B C   1 
ATOM   1440 O O   . SER B 2 164 ? 3.628   15.720  3.513   1.00 17.15 ? 164 SER B O   1 
ATOM   1441 C CB  . SER B 2 164 ? 1.082   17.701  2.013   1.00 14.84 ? 164 SER B CB  1 
ATOM   1442 O OG  . SER B 2 164 ? 0.288   16.852  2.827   1.00 13.66 ? 164 SER B OG  1 
ATOM   1443 N N   . GLY B 2 165 ? 2.775   17.624  4.381   1.00 17.10 ? 165 GLY B N   1 
ATOM   1444 C CA  . GLY B 2 165 ? 3.196   17.264  5.720   1.00 15.19 ? 165 GLY B CA  1 
ATOM   1445 C C   . GLY B 2 165 ? 2.409   16.112  6.322   1.00 14.19 ? 165 GLY B C   1 
ATOM   1446 O O   . GLY B 2 165 ? 2.867   15.487  7.284   1.00 14.75 ? 165 GLY B O   1 
ATOM   1447 N N   . ASP B 2 166 ? 1.238   15.809  5.768   1.00 12.69 ? 166 ASP B N   1 
ATOM   1448 C CA  . ASP B 2 166 ? 0.425   14.721  6.313   1.00 12.11 ? 166 ASP B CA  1 
ATOM   1449 C C   . ASP B 2 166 ? -0.304  13.872  5.266   1.00 10.70 ? 166 ASP B C   1 
ATOM   1450 O O   . ASP B 2 166 ? -1.196  13.090  5.612   1.00 10.76 ? 166 ASP B O   1 
ATOM   1451 C CB  . ASP B 2 166 ? -0.581  15.271  7.342   1.00 14.87 ? 166 ASP B CB  1 
ATOM   1452 C CG  . ASP B 2 166 ? -1.448  16.403  6.788   1.00 17.35 ? 166 ASP B CG  1 
ATOM   1453 O OD1 . ASP B 2 166 ? -1.774  16.408  5.583   1.00 19.66 ? 166 ASP B OD1 1 
ATOM   1454 O OD2 . ASP B 2 166 ? -1.823  17.294  7.573   1.00 20.00 ? 166 ASP B OD2 1 
ATOM   1455 N N   . SER B 2 167 ? 0.065   14.017  4.002   1.00 9.65  ? 167 SER B N   1 
ATOM   1456 C CA  . SER B 2 167 ? -0.605  13.264  2.952   1.00 8.43  ? 167 SER B CA  1 
ATOM   1457 C C   . SER B 2 167 ? 0.310   12.923  1.791   1.00 8.50  ? 167 SER B C   1 
ATOM   1458 O O   . SER B 2 167 ? 1.412   13.479  1.656   1.00 8.38  ? 167 SER B O   1 
ATOM   1459 C CB  . SER B 2 167 ? -1.818  14.043  2.425   1.00 9.85  ? 167 SER B CB  1 
ATOM   1460 O OG  . SER B 2 167 ? -1.430  15.237  1.752   1.00 11.32 ? 167 SER B OG  1 
ATOM   1461 N N   . VAL B 2 168 ? -0.142  11.953  0.999   1.00 6.77  ? 168 VAL B N   1 
ATOM   1462 C CA  . VAL B 2 168 ? 0.570   11.495  -0.183  1.00 5.99  ? 168 VAL B CA  1 
ATOM   1463 C C   . VAL B 2 168 ? -0.497  11.347  -1.268  1.00 6.15  ? 168 VAL B C   1 
ATOM   1464 O O   . VAL B 2 168 ? -1.499  10.670  -1.046  1.00 6.37  ? 168 VAL B O   1 
ATOM   1465 C CB  . VAL B 2 168 ? 1.213   10.108  0.059   1.00 5.96  ? 168 VAL B CB  1 
ATOM   1466 C CG1 . VAL B 2 168 ? 1.958   9.641   -1.188  1.00 6.79  ? 168 VAL B CG1 1 
ATOM   1467 C CG2 . VAL B 2 168 ? 2.148   10.155  1.257   1.00 7.05  ? 168 VAL B CG2 1 
ATOM   1468 N N   . THR B 2 169 ? -0.302  11.980  -2.418  1.00 5.15  ? 169 THR B N   1 
ATOM   1469 C CA  . THR B 2 169 ? -1.254  11.879  -3.513  1.00 5.97  ? 169 THR B CA  1 
ATOM   1470 C C   . THR B 2 169 ? -0.562  11.281  -4.733  1.00 5.66  ? 169 THR B C   1 
ATOM   1471 O O   . THR B 2 169 ? 0.511   11.743  -5.124  1.00 6.67  ? 169 THR B O   1 
ATOM   1472 C CB  . THR B 2 169 ? -1.829  13.270  -3.907  1.00 6.92  ? 169 THR B CB  1 
ATOM   1473 O OG1 . THR B 2 169 ? -2.568  13.820  -2.808  1.00 8.98  ? 169 THR B OG1 1 
ATOM   1474 C CG2 . THR B 2 169 ? -2.731  13.162  -5.124  1.00 8.01  ? 169 THR B CG2 1 
ATOM   1475 N N   . VAL B 2 170 ? -1.143  10.218  -5.278  1.00 4.67  ? 170 VAL B N   1 
ATOM   1476 C CA  . VAL B 2 170 ? -0.620  9.563   -6.471  1.00 5.33  ? 170 VAL B CA  1 
ATOM   1477 C C   . VAL B 2 170 ? -1.674  9.736   -7.551  1.00 4.89  ? 170 VAL B C   1 
ATOM   1478 O O   . VAL B 2 170 ? -2.828  9.338   -7.370  1.00 4.75  ? 170 VAL B O   1 
ATOM   1479 C CB  . VAL B 2 170 ? -0.378  8.036   -6.258  1.00 4.18  ? 170 VAL B CB  1 
ATOM   1480 C CG1 . VAL B 2 170 ? 0.168   7.399   -7.540  1.00 4.95  ? 170 VAL B CG1 1 
ATOM   1481 C CG2 . VAL B 2 170 ? 0.570   7.803   -5.099  1.00 6.02  ? 170 VAL B CG2 1 
ATOM   1482 N N   . THR B 2 171 ? -1.280  10.342  -8.662  1.00 6.65  ? 171 THR B N   1 
ATOM   1483 C CA  . THR B 2 171 ? -2.196  10.580  -9.771  1.00 8.09  ? 171 THR B CA  1 
ATOM   1484 C C   . THR B 2 171 ? -1.775  9.788   -11.008 1.00 7.02  ? 171 THR B C   1 
ATOM   1485 O O   . THR B 2 171 ? -0.585  9.687   -11.331 1.00 6.70  ? 171 THR B O   1 
ATOM   1486 C CB  . THR B 2 171 ? -2.231  12.064  -10.146 1.00 8.70  ? 171 THR B CB  1 
ATOM   1487 O OG1 . THR B 2 171 ? -2.543  12.840  -8.984  1.00 10.12 ? 171 THR B OG1 1 
ATOM   1488 C CG2 . THR B 2 171 ? -3.277  12.296  -11.213 1.00 10.47 ? 171 THR B CG2 1 
ATOM   1489 N N   . TYR B 2 172 ? -2.753  9.177   -11.663 1.00 6.42  ? 172 TYR B N   1 
ATOM   1490 C CA  . TYR B 2 172 ? -2.481  8.412   -12.868 1.00 7.22  ? 172 TYR B CA  1 
ATOM   1491 C C   . TYR B 2 172 ? -2.244  9.374   -14.040 1.00 8.20  ? 172 TYR B C   1 
ATOM   1492 O O   . TYR B 2 172 ? -2.961  10.360  -14.207 1.00 9.42  ? 172 TYR B O   1 
ATOM   1493 C CB  . TYR B 2 172 ? -3.641  7.457   -13.164 1.00 6.27  ? 172 TYR B CB  1 
ATOM   1494 C CG  . TYR B 2 172 ? -3.437  6.645   -14.432 1.00 7.46  ? 172 TYR B CG  1 
ATOM   1495 C CD1 . TYR B 2 172 ? -2.790  5.422   -14.394 1.00 7.91  ? 172 TYR B CD1 1 
ATOM   1496 C CD2 . TYR B 2 172 ? -3.863  7.126   -15.671 1.00 8.38  ? 172 TYR B CD2 1 
ATOM   1497 C CE1 . TYR B 2 172 ? -2.559  4.685   -15.548 1.00 9.39  ? 172 TYR B CE1 1 
ATOM   1498 C CE2 . TYR B 2 172 ? -3.646  6.408   -16.836 1.00 9.03  ? 172 TYR B CE2 1 
ATOM   1499 C CZ  . TYR B 2 172 ? -2.986  5.177   -16.760 1.00 8.57  ? 172 TYR B CZ  1 
ATOM   1500 O OH  . TYR B 2 172 ? -2.762  4.438   -17.894 1.00 11.01 ? 172 TYR B OH  1 
ATOM   1501 N N   . VAL B 2 173 ? -1.216  9.075   -14.827 1.00 9.25  ? 173 VAL B N   1 
ATOM   1502 C CA  . VAL B 2 173 ? -0.826  9.866   -15.989 1.00 11.45 ? 173 VAL B CA  1 
ATOM   1503 C C   . VAL B 2 173 ? -0.978  8.975   -17.231 1.00 12.28 ? 173 VAL B C   1 
ATOM   1504 O O   . VAL B 2 173 ? -0.411  7.858   -17.232 1.00 12.49 ? 173 VAL B O   1 
ATOM   1505 C CB  . VAL B 2 173 ? 0.670   10.306  -15.885 1.00 12.35 ? 173 VAL B CB  1 
ATOM   1506 C CG1 . VAL B 2 173 ? 1.073   11.114  -17.071 1.00 14.20 ? 173 VAL B CG1 1 
ATOM   1507 C CG2 . VAL B 2 173 ? 0.931   11.068  -14.617 1.00 13.02 ? 173 VAL B CG2 1 
ATOM   1508 O OXT . VAL B 2 173 ? -1.659  9.386   -18.191 1.00 15.62 ? 173 VAL B OXT 1 
HETATM 1509 S S   . SO4 C 3 .   ? 11.054  -1.673  -5.466  1.00 40.85 ? 202 SO4 A S   1 
HETATM 1510 O O1  . SO4 C 3 .   ? 10.899  -3.105  -5.923  1.00 41.51 ? 202 SO4 A O1  1 
HETATM 1511 O O2  . SO4 C 3 .   ? 10.624  -0.730  -6.568  1.00 40.51 ? 202 SO4 A O2  1 
HETATM 1512 O O3  . SO4 C 3 .   ? 10.196  -1.456  -4.257  1.00 41.89 ? 202 SO4 A O3  1 
HETATM 1513 O O4  . SO4 C 3 .   ? 12.492  -1.405  -5.106  1.00 41.52 ? 202 SO4 A O4  1 
HETATM 1514 S S   . SO4 D 3 .   ? -12.188 -1.663  -22.064 1.00 49.68 ? 201 SO4 B S   1 
HETATM 1515 O O1  . SO4 D 3 .   ? -13.397 -1.425  -21.185 1.00 49.23 ? 201 SO4 B O1  1 
HETATM 1516 O O2  . SO4 D 3 .   ? -12.369 -2.932  -22.863 1.00 49.91 ? 201 SO4 B O2  1 
HETATM 1517 O O3  . SO4 D 3 .   ? -12.027 -0.487  -22.992 1.00 49.85 ? 201 SO4 B O3  1 
HETATM 1518 O O4  . SO4 D 3 .   ? -10.960 -1.822  -21.201 1.00 49.17 ? 201 SO4 B O4  1 
HETATM 1519 S S   . SO4 E 3 .   ? -9.185  -8.869  -7.499  1.00 52.28 ? 203 SO4 B S   1 
HETATM 1520 O O1  . SO4 E 3 .   ? -10.403 -9.652  -7.059  1.00 50.58 ? 203 SO4 B O1  1 
HETATM 1521 O O2  . SO4 E 3 .   ? -9.111  -8.878  -9.008  1.00 52.14 ? 203 SO4 B O2  1 
HETATM 1522 O O3  . SO4 E 3 .   ? -9.315  -7.440  -7.010  1.00 51.05 ? 203 SO4 B O3  1 
HETATM 1523 O O4  . SO4 E 3 .   ? -7.933  -9.500  -6.944  1.00 51.21 ? 203 SO4 B O4  1 
HETATM 1524 S S   . SO4 F 3 .   ? 19.338  -8.938  -3.741  1.00 47.89 ? 204 SO4 B S   1 
HETATM 1525 O O1  . SO4 F 3 .   ? 18.630  -8.869  -2.411  1.00 47.03 ? 204 SO4 B O1  1 
HETATM 1526 O O2  . SO4 F 3 .   ? 20.217  -10.165 -3.795  1.00 45.55 ? 204 SO4 B O2  1 
HETATM 1527 O O3  . SO4 F 3 .   ? 18.314  -9.004  -4.849  1.00 47.39 ? 204 SO4 B O3  1 
HETATM 1528 O O4  . SO4 F 3 .   ? 20.197  -7.700  -3.912  1.00 47.91 ? 204 SO4 B O4  1 
HETATM 1529 S S   . SO4 G 3 .   ? -9.976  4.162   14.470  1.00 52.19 ? 205 SO4 B S   1 
HETATM 1530 O O1  . SO4 G 3 .   ? -11.320 3.458   14.367  1.00 51.02 ? 205 SO4 B O1  1 
HETATM 1531 O O2  . SO4 G 3 .   ? -9.944  5.296   13.470  1.00 51.71 ? 205 SO4 B O2  1 
HETATM 1532 O O3  . SO4 G 3 .   ? -9.786  4.714   15.870  1.00 51.57 ? 205 SO4 B O3  1 
HETATM 1533 O O4  . SO4 G 3 .   ? -8.869  3.185   14.158  1.00 51.20 ? 205 SO4 B O4  1 
HETATM 1534 O O   . HOH H 4 .   ? -0.183  7.050   14.348  1.00 25.52 ? 203 HOH A O   1 
HETATM 1535 O O   . HOH H 4 .   ? 8.143   3.077   17.894  1.00 18.55 ? 204 HOH A O   1 
HETATM 1536 O O   . HOH H 4 .   ? 11.140  1.824   17.689  1.00 19.69 ? 205 HOH A O   1 
HETATM 1537 O O   . HOH H 4 .   ? 13.981  7.016   11.985  1.00 28.24 ? 206 HOH A O   1 
HETATM 1538 O O   . HOH H 4 .   ? 16.712  7.555   11.335  1.00 39.03 ? 207 HOH A O   1 
HETATM 1539 O O   . HOH H 4 .   ? 14.839  9.400   9.626   1.00 47.00 ? 208 HOH A O   1 
HETATM 1540 O O   . HOH H 4 .   ? 11.501  9.215   9.988   1.00 27.56 ? 209 HOH A O   1 
HETATM 1541 O O   . HOH H 4 .   ? 12.733  11.795  11.166  1.00 41.71 ? 210 HOH A O   1 
HETATM 1542 O O   . HOH H 4 .   ? -8.215  8.399   -2.606  1.00 18.14 ? 211 HOH A O   1 
HETATM 1543 O O   . HOH H 4 .   ? -13.413 5.399   -13.628 1.00 12.30 ? 212 HOH A O   1 
HETATM 1544 O O   . HOH H 4 .   ? -7.533  1.475   -23.196 1.00 37.95 ? 213 HOH A O   1 
HETATM 1545 O O   . HOH H 4 .   ? 12.490  -0.285  -13.453 1.00 30.72 ? 214 HOH A O   1 
HETATM 1546 O O   . HOH H 4 .   ? 15.349  3.747   -9.979  1.00 31.03 ? 215 HOH A O   1 
HETATM 1547 O O   . HOH H 4 .   ? 15.102  6.761   -11.079 1.00 27.77 ? 216 HOH A O   1 
HETATM 1548 O O   . HOH H 4 .   ? 17.988  3.258   7.157   1.00 11.89 ? 217 HOH A O   1 
HETATM 1549 O O   . HOH H 4 .   ? 6.819   -5.417  -4.403  1.00 34.20 ? 218 HOH A O   1 
HETATM 1550 O O   . HOH I 4 .   ? -10.667 -10.028 -11.004 1.00 12.29 ? 206 HOH B O   1 
HETATM 1551 O O   . HOH I 4 .   ? -15.525 -7.726  -12.262 1.00 35.86 ? 207 HOH B O   1 
HETATM 1552 O O   . HOH I 4 .   ? -19.477 -4.541  -11.290 1.00 28.15 ? 208 HOH B O   1 
HETATM 1553 O O   . HOH I 4 .   ? -18.606 -1.361  -10.785 1.00 36.99 ? 209 HOH B O   1 
HETATM 1554 O O   . HOH I 4 .   ? -19.577 -0.644  -13.260 1.00 24.09 ? 210 HOH B O   1 
HETATM 1555 O O   . HOH I 4 .   ? -18.268 -0.450  -5.811  1.00 17.12 ? 211 HOH B O   1 
HETATM 1556 O O   . HOH I 4 .   ? -15.871 -6.591  -5.375  1.00 27.94 ? 212 HOH B O   1 
HETATM 1557 O O   . HOH I 4 .   ? -14.925 -6.387  -1.269  1.00 18.25 ? 213 HOH B O   1 
HETATM 1558 O O   . HOH I 4 .   ? -12.087 -8.001  0.651   1.00 19.21 ? 214 HOH B O   1 
HETATM 1559 O O   . HOH I 4 .   ? -6.490  -15.626 0.145   1.00 28.72 ? 215 HOH B O   1 
HETATM 1560 O O   . HOH I 4 .   ? -2.179  -16.511 6.587   1.00 28.38 ? 216 HOH B O   1 
HETATM 1561 O O   . HOH I 4 .   ? 0.648   -15.115 6.409   1.00 24.59 ? 217 HOH B O   1 
HETATM 1562 O O   . HOH I 4 .   ? 1.423   -13.297 4.384   1.00 8.16  ? 218 HOH B O   1 
HETATM 1563 O O   . HOH I 4 .   ? 2.899   -15.798 8.122   1.00 34.16 ? 219 HOH B O   1 
HETATM 1564 O O   . HOH I 4 .   ? 5.916   -14.618 6.299   1.00 17.35 ? 220 HOH B O   1 
HETATM 1565 O O   . HOH I 4 .   ? -0.297  -16.069 9.675   1.00 34.21 ? 221 HOH B O   1 
HETATM 1566 O O   . HOH I 4 .   ? 0.224   -16.024 13.492  1.00 37.31 ? 222 HOH B O   1 
HETATM 1567 O O   . HOH I 4 .   ? -5.197  -13.266 13.217  1.00 14.39 ? 223 HOH B O   1 
HETATM 1568 O O   . HOH I 4 .   ? -5.401  -14.684 15.573  1.00 28.64 ? 224 HOH B O   1 
HETATM 1569 O O   . HOH I 4 .   ? -5.761  10.624  -13.622 1.00 20.26 ? 225 HOH B O   1 
HETATM 1570 O O   . HOH I 4 .   ? -6.455  -10.376 15.292  1.00 14.84 ? 226 HOH B O   1 
HETATM 1571 O O   . HOH I 4 .   ? -2.852  -8.244  17.227  1.00 8.30  ? 227 HOH B O   1 
HETATM 1572 O O   . HOH I 4 .   ? -5.611  -4.159  15.618  1.00 22.54 ? 228 HOH B O   1 
HETATM 1573 O O   . HOH I 4 .   ? -4.673  -1.797  14.667  1.00 30.44 ? 229 HOH B O   1 
HETATM 1574 O O   . HOH I 4 .   ? -6.504  0.595   10.327  1.00 9.63  ? 230 HOH B O   1 
HETATM 1575 O O   . HOH I 4 .   ? -4.488  7.057   9.200   1.00 9.84  ? 231 HOH B O   1 
HETATM 1576 O O   . HOH I 4 .   ? -3.859  11.742  13.001  1.00 34.61 ? 232 HOH B O   1 
HETATM 1577 O O   . HOH I 4 .   ? -4.771  12.164  15.932  1.00 40.07 ? 233 HOH B O   1 
HETATM 1578 O O   . HOH I 4 .   ? 1.911   5.818   12.974  1.00 11.77 ? 234 HOH B O   1 
HETATM 1579 O O   . HOH I 4 .   ? 14.311  5.936   15.485  1.00 24.30 ? 235 HOH B O   1 
HETATM 1580 O O   . HOH I 4 .   ? 11.410  11.874  8.144   1.00 28.60 ? 236 HOH B O   1 
HETATM 1581 O O   . HOH I 4 .   ? 9.182   13.202  7.021   1.00 14.47 ? 237 HOH B O   1 
HETATM 1582 O O   . HOH I 4 .   ? 13.324  9.596   4.373   1.00 15.70 ? 238 HOH B O   1 
HETATM 1583 O O   . HOH I 4 .   ? 13.480  12.894  -1.157  1.00 26.69 ? 239 HOH B O   1 
HETATM 1584 O O   . HOH I 4 .   ? 12.353  12.256  -3.740  1.00 19.40 ? 240 HOH B O   1 
HETATM 1585 O O   . HOH I 4 .   ? 10.065  14.628  -0.070  1.00 20.89 ? 241 HOH B O   1 
HETATM 1586 O O   . HOH I 4 .   ? 6.360   18.057  -0.682  1.00 45.53 ? 242 HOH B O   1 
HETATM 1587 O O   . HOH I 4 .   ? 6.152   16.422  -3.161  1.00 19.33 ? 243 HOH B O   1 
HETATM 1588 O O   . HOH I 4 .   ? 6.745   15.637  -6.184  1.00 35.69 ? 244 HOH B O   1 
HETATM 1589 O O   . HOH I 4 .   ? -0.017  14.154  -7.656  1.00 20.53 ? 245 HOH B O   1 
HETATM 1590 O O   . HOH I 4 .   ? -0.107  17.126  -2.572  1.00 41.86 ? 246 HOH B O   1 
HETATM 1591 O O   . HOH I 4 .   ? -7.275  12.110  -4.695  1.00 30.23 ? 247 HOH B O   1 
HETATM 1592 O O   . HOH I 4 .   ? -9.483  13.223  -2.287  1.00 38.14 ? 248 HOH B O   1 
HETATM 1593 O O   . HOH I 4 .   ? -8.573  10.312  0.156   1.00 26.37 ? 249 HOH B O   1 
HETATM 1594 O O   . HOH I 4 .   ? -10.011 9.144   -5.602  1.00 37.79 ? 250 HOH B O   1 
HETATM 1595 O O   . HOH I 4 .   ? -2.870  -15.628 16.602  1.00 36.50 ? 251 HOH B O   1 
HETATM 1596 O O   . HOH I 4 .   ? -2.651  -3.378  13.063  1.00 13.22 ? 252 HOH B O   1 
HETATM 1597 O O   . HOH I 4 .   ? -10.265 -1.073  14.152  1.00 38.78 ? 253 HOH B O   1 
HETATM 1598 O O   . HOH I 4 .   ? -12.635 0.881   15.157  1.00 38.72 ? 254 HOH B O   1 
HETATM 1599 O O   . HOH I 4 .   ? -1.711  1.984   -17.684 1.00 12.40 ? 255 HOH B O   1 
HETATM 1600 O O   . HOH I 4 .   ? -0.727  -1.457  -18.341 1.00 22.15 ? 256 HOH B O   1 
HETATM 1601 O O   . HOH I 4 .   ? 1.432   -2.525  -16.878 1.00 15.17 ? 257 HOH B O   1 
HETATM 1602 O O   . HOH I 4 .   ? 3.111   -0.082  -20.054 1.00 34.31 ? 258 HOH B O   1 
HETATM 1603 O O   . HOH I 4 .   ? -1.017  6.521   -19.794 1.00 28.24 ? 259 HOH B O   1 
HETATM 1604 O O   . HOH I 4 .   ? 2.394   8.717   -20.277 1.00 25.17 ? 260 HOH B O   1 
HETATM 1605 O O   . HOH I 4 .   ? 5.894   11.939  -12.968 1.00 32.23 ? 261 HOH B O   1 
HETATM 1606 O O   . HOH I 4 .   ? -3.072  13.251  -14.857 1.00 38.57 ? 262 HOH B O   1 
HETATM 1607 O O   . HOH I 4 .   ? 11.527  2.428   -14.014 1.00 27.23 ? 263 HOH B O   1 
HETATM 1608 O O   . HOH I 4 .   ? 13.581  3.665   -15.060 1.00 34.47 ? 264 HOH B O   1 
HETATM 1609 O O   . HOH I 4 .   ? -18.104 -8.765  0.204   1.00 34.54 ? 265 HOH B O   1 
HETATM 1610 O O   . HOH I 4 .   ? 15.137  3.787   -2.646  1.00 33.21 ? 266 HOH B O   1 
HETATM 1611 O O   . HOH I 4 .   ? 19.787  -1.651  0.932   1.00 27.28 ? 267 HOH B O   1 
HETATM 1612 O O   . HOH I 4 .   ? 17.817  1.232   5.172   1.00 16.99 ? 268 HOH B O   1 
HETATM 1613 O O   . HOH I 4 .   ? -15.913 -9.070  9.961   1.00 28.34 ? 269 HOH B O   1 
HETATM 1614 O O   . HOH I 4 .   ? 15.541  -0.190  12.527  1.00 12.27 ? 270 HOH B O   1 
HETATM 1615 O O   . HOH I 4 .   ? 17.479  -3.333  11.336  1.00 32.69 ? 271 HOH B O   1 
HETATM 1616 O O   . HOH I 4 .   ? 16.509  -7.544  10.698  1.00 27.12 ? 272 HOH B O   1 
HETATM 1617 O O   . HOH I 4 .   ? 17.018  -9.199  8.129   1.00 28.78 ? 273 HOH B O   1 
HETATM 1618 O O   . HOH I 4 .   ? 18.441  -7.610  6.315   1.00 33.16 ? 274 HOH B O   1 
HETATM 1619 O O   . HOH I 4 .   ? -5.796  -10.569 -4.012  1.00 34.73 ? 275 HOH B O   1 
HETATM 1620 O O   . HOH I 4 .   ? 4.682   -5.325  -2.562  1.00 26.03 ? 276 HOH B O   1 
HETATM 1621 O O   . HOH I 4 .   ? 4.596   -8.036  -1.850  1.00 24.35 ? 277 HOH B O   1 
HETATM 1622 O O   . HOH I 4 .   ? 5.473   -10.685 -3.546  1.00 45.86 ? 278 HOH B O   1 
HETATM 1623 O O   . HOH I 4 .   ? 2.697   -11.203 -3.853  1.00 40.48 ? 279 HOH B O   1 
HETATM 1624 O O   . HOH I 4 .   ? 1.061   -13.803 -3.255  1.00 24.21 ? 280 HOH B O   1 
HETATM 1625 O O   . HOH I 4 .   ? 1.365   -10.053 -6.733  1.00 31.84 ? 281 HOH B O   1 
HETATM 1626 O O   . HOH I 4 .   ? 0.219   -5.373  -4.532  1.00 26.06 ? 282 HOH B O   1 
HETATM 1627 O O   . HOH I 4 .   ? 5.332   -5.757  -8.836  1.00 18.83 ? 283 HOH B O   1 
HETATM 1628 O O   . HOH I 4 .   ? -3.629  -17.895 9.067   1.00 46.52 ? 284 HOH B O   1 
HETATM 1629 O O   . HOH I 4 .   ? 5.574   -17.640 -0.848  1.00 33.52 ? 285 HOH B O   1 
HETATM 1630 O O   . HOH I 4 .   ? -7.010  -13.044 9.235   1.00 21.23 ? 286 HOH B O   1 
HETATM 1631 O O   . HOH I 4 .   ? -10.493 -9.623  12.766  1.00 23.88 ? 287 HOH B O   1 
HETATM 1632 O O   . HOH I 4 .   ? -8.687  -5.395  16.434  1.00 23.57 ? 288 HOH B O   1 
HETATM 1633 O O   . HOH I 4 .   ? -16.251 -5.600  11.886  1.00 28.71 ? 289 HOH B O   1 
HETATM 1634 O O   . HOH I 4 .   ? -19.709 3.944   10.050  1.00 26.76 ? 290 HOH B O   1 
HETATM 1635 O O   . HOH I 4 .   ? -17.619 7.764   4.375   1.00 32.44 ? 291 HOH B O   1 
HETATM 1636 O O   . HOH I 4 .   ? -16.035 8.118   1.777   1.00 22.42 ? 292 HOH B O   1 
HETATM 1637 O O   . HOH I 4 .   ? -16.899 8.843   -1.882  1.00 37.04 ? 293 HOH B O   1 
HETATM 1638 O O   . HOH I 4 .   ? -18.734 8.148   -5.010  1.00 38.29 ? 294 HOH B O   1 
HETATM 1639 O O   . HOH I 4 .   ? -19.292 4.538   -0.823  1.00 32.00 ? 295 HOH B O   1 
HETATM 1640 O O   . HOH I 4 .   ? -20.545 1.467   0.874   1.00 28.95 ? 296 HOH B O   1 
HETATM 1641 O O   . HOH I 4 .   ? -19.017 -1.229  1.162   1.00 26.17 ? 297 HOH B O   1 
HETATM 1642 O O   . HOH I 4 .   ? -10.446 12.291  8.404   1.00 33.38 ? 298 HOH B O   1 
HETATM 1643 O O   . HOH I 4 .   ? -8.992  12.778  5.821   1.00 36.54 ? 299 HOH B O   1 
HETATM 1644 O O   . HOH I 4 .   ? -4.258  14.574  6.606   1.00 20.67 ? 300 HOH B O   1 
HETATM 1645 O O   . HOH I 4 .   ? 4.919   12.129  18.060  1.00 24.04 ? 301 HOH B O   1 
HETATM 1646 O O   . HOH I 4 .   ? 12.954  -7.840  17.692  1.00 24.09 ? 302 HOH B O   1 
HETATM 1647 O O   . HOH I 4 .   ? -0.658  -13.093 19.008  1.00 16.03 ? 303 HOH B O   1 
HETATM 1648 O O   . HOH I 4 .   ? -11.984 -4.693  -20.072 1.00 30.80 ? 304 HOH B O   1 
HETATM 1649 O O   . HOH I 4 .   ? -3.648  -8.020  -17.119 1.00 26.27 ? 305 HOH B O   1 
HETATM 1650 O O   . HOH I 4 .   ? 3.915   -7.852  -6.667  1.00 21.31 ? 306 HOH B O   1 
HETATM 1651 O O   . HOH I 4 .   ? 4.222   -15.032 -3.799  1.00 35.18 ? 307 HOH B O   1 
HETATM 1652 O O   . HOH I 4 .   ? 9.224   -3.845  16.701  1.00 21.23 ? 308 HOH B O   1 
HETATM 1653 O O   . HOH I 4 .   ? 3.705   9.971   19.295  1.00 28.32 ? 309 HOH B O   1 
HETATM 1654 O O   . HOH I 4 .   ? 4.814   14.987  11.481  1.00 29.63 ? 310 HOH B O   1 
HETATM 1655 O O   . HOH I 4 .   ? -0.858  14.974  -0.919  1.00 24.19 ? 311 HOH B O   1 
HETATM 1656 O O   . HOH I 4 .   ? -9.038  10.313  3.220   1.00 26.21 ? 312 HOH B O   1 
HETATM 1657 O O   . HOH I 4 .   ? -11.347 8.793   2.986   1.00 29.12 ? 313 HOH B O   1 
HETATM 1658 O O   . HOH I 4 .   ? -20.223 2.162   -4.365  1.00 29.78 ? 314 HOH B O   1 
HETATM 1659 O O   . HOH I 4 .   ? -20.804 -3.484  4.257   1.00 22.18 ? 315 HOH B O   1 
HETATM 1660 O O   . HOH I 4 .   ? -9.925  -5.295  13.673  1.00 21.78 ? 316 HOH B O   1 
HETATM 1661 O O   . HOH I 4 .   ? -8.168  0.552   12.439  1.00 29.76 ? 317 HOH B O   1 
# 
